data_3KZJ
# 
_entry.id   3KZJ 
# 
_audit_conform.dict_name       mmcif_pdbx.dic 
_audit_conform.dict_version    5.399 
_audit_conform.dict_location   http://mmcif.pdb.org/dictionaries/ascii/mmcif_pdbx.dic 
# 
loop_
_database_2.database_id 
_database_2.database_code 
_database_2.pdbx_database_accession 
_database_2.pdbx_DOI 
PDB   3KZJ         pdb_00003kzj 10.2210/pdb3kzj/pdb 
RCSB  RCSB056643   ?            ?                   
WWPDB D_1000056643 ?            ?                   
# 
loop_
_pdbx_audit_revision_history.ordinal 
_pdbx_audit_revision_history.data_content_type 
_pdbx_audit_revision_history.major_revision 
_pdbx_audit_revision_history.minor_revision 
_pdbx_audit_revision_history.revision_date 
1 'Structure model' 1 0 2010-05-19 
2 'Structure model' 1 1 2011-07-13 
3 'Structure model' 1 2 2021-11-10 
4 'Structure model' 1 3 2023-11-01 
5 'Structure model' 1 4 2024-11-20 
# 
_pdbx_audit_revision_details.ordinal             1 
_pdbx_audit_revision_details.revision_ordinal    1 
_pdbx_audit_revision_details.data_content_type   'Structure model' 
_pdbx_audit_revision_details.provider            repository 
_pdbx_audit_revision_details.type                'Initial release' 
_pdbx_audit_revision_details.description         ? 
_pdbx_audit_revision_details.details             ? 
# 
loop_
_pdbx_audit_revision_group.ordinal 
_pdbx_audit_revision_group.revision_ordinal 
_pdbx_audit_revision_group.data_content_type 
_pdbx_audit_revision_group.group 
1 2 'Structure model' 'Version format compliance' 
2 3 'Structure model' 'Database references'       
3 3 'Structure model' 'Derived calculations'      
4 4 'Structure model' 'Data collection'           
5 4 'Structure model' 'Refinement description'    
6 5 'Structure model' 'Structure summary'         
# 
loop_
_pdbx_audit_revision_category.ordinal 
_pdbx_audit_revision_category.revision_ordinal 
_pdbx_audit_revision_category.data_content_type 
_pdbx_audit_revision_category.category 
1 3 'Structure model' database_2                    
2 3 'Structure model' struct_ref_seq_dif            
3 3 'Structure model' struct_site                   
4 4 'Structure model' chem_comp_atom                
5 4 'Structure model' chem_comp_bond                
6 4 'Structure model' pdbx_initial_refinement_model 
7 5 'Structure model' pdbx_entry_details            
8 5 'Structure model' pdbx_modification_feature     
# 
loop_
_pdbx_audit_revision_item.ordinal 
_pdbx_audit_revision_item.revision_ordinal 
_pdbx_audit_revision_item.data_content_type 
_pdbx_audit_revision_item.item 
1 3 'Structure model' '_database_2.pdbx_DOI'                
2 3 'Structure model' '_database_2.pdbx_database_accession' 
3 3 'Structure model' '_struct_ref_seq_dif.details'         
4 3 'Structure model' '_struct_site.pdbx_auth_asym_id'      
5 3 'Structure model' '_struct_site.pdbx_auth_comp_id'      
6 3 'Structure model' '_struct_site.pdbx_auth_seq_id'       
# 
_pdbx_database_status.status_code                     REL 
_pdbx_database_status.entry_id                        3KZJ 
_pdbx_database_status.recvd_initial_deposition_date   2009-12-08 
_pdbx_database_status.deposit_site                    RCSB 
_pdbx_database_status.process_site                    PDBJ 
_pdbx_database_status.status_code_sf                  REL 
_pdbx_database_status.status_code_mr                  ? 
_pdbx_database_status.SG_entry                        ? 
_pdbx_database_status.pdb_format_compatible           Y 
_pdbx_database_status.status_code_cs                  ? 
_pdbx_database_status.status_code_nmr_data            ? 
_pdbx_database_status.methods_development_category    ? 
# 
loop_
_pdbx_database_related.db_name 
_pdbx_database_related.db_id 
_pdbx_database_related.details 
_pdbx_database_related.content_type 
PDB 2G7I 'Structure of the Wild type FH19-20'                     unspecified 
PDB 3KXV 'Structure of the Q1139A variant of Complement FH-19-20' unspecified 
# 
loop_
_audit_author.name 
_audit_author.pdbx_ordinal 
'Bhattacharjee, A.' 1 
'Lehtinen, M.J.'    2 
'Kajander, T.'      3 
'Goldman, A.'       4 
'Jokiranta, T.S.'   5 
# 
_citation.id                        primary 
_citation.title                     'Both domain 19 and domain 20 of factor H are involved in binding to complement C3b and C3d' 
_citation.journal_abbrev            Mol.Immunol. 
_citation.journal_volume            47 
_citation.page_first                1686 
_citation.page_last                 1691 
_citation.year                      2010 
_citation.journal_id_ASTM           MOIMD5 
_citation.country                   UK 
_citation.journal_id_ISSN           0161-5890 
_citation.journal_id_CSD            0921 
_citation.book_publisher            ? 
_citation.pdbx_database_id_PubMed   20378178 
_citation.pdbx_database_id_DOI      10.1016/j.molimm.2010.03.007 
# 
loop_
_citation_author.citation_id 
_citation_author.name 
_citation_author.ordinal 
_citation_author.identifier_ORCID 
primary 'Bhattacharjee, A.' 1 ? 
primary 'Lehtinen, M.J.'    2 ? 
primary 'Kajander, T.'      3 ? 
primary 'Goldman, A.'       4 ? 
primary 'Jokiranta, T.S.'   5 ? 
# 
loop_
_entity.id 
_entity.type 
_entity.src_method 
_entity.pdbx_description 
_entity.formula_weight 
_entity.pdbx_number_of_molecules 
_entity.pdbx_ec 
_entity.pdbx_mutation 
_entity.pdbx_fragment 
_entity.details 
1 polymer     man 'Complement factor H' 15013.063 1   ? R1203A 'Sushi domains 19-20' ? 
2 non-polymer syn 'SULFATE ION'         96.063    2   ? ?      ?                     ? 
3 water       nat water                 18.015    297 ? ?      ?                     ? 
# 
_entity_name_com.entity_id   1 
_entity_name_com.name        'H factor 1' 
# 
_entity_poly.entity_id                      1 
_entity_poly.type                           'polypeptide(L)' 
_entity_poly.nstd_linkage                   no 
_entity_poly.nstd_monomer                   no 
_entity_poly.pdbx_seq_one_letter_code       
;AGIQKDSTGKCGPPPPIDNGDITSFPLSVYAPASSVEYQCQNLYQLEGNKRITCRNGQWSEPPKCLHPCVISREIMENYN
IALRWTAKQKLYSRTGESVEFVCKAGYRLSSRSHTLRTTCWDGKLEYPTCAKR
;
_entity_poly.pdbx_seq_one_letter_code_can   
;AGIQKDSTGKCGPPPPIDNGDITSFPLSVYAPASSVEYQCQNLYQLEGNKRITCRNGQWSEPPKCLHPCVISREIMENYN
IALRWTAKQKLYSRTGESVEFVCKAGYRLSSRSHTLRTTCWDGKLEYPTCAKR
;
_entity_poly.pdbx_strand_id                 A 
_entity_poly.pdbx_target_identifier         ? 
# 
loop_
_pdbx_entity_nonpoly.entity_id 
_pdbx_entity_nonpoly.name 
_pdbx_entity_nonpoly.comp_id 
2 'SULFATE ION' SO4 
3 water         HOH 
# 
loop_
_entity_poly_seq.entity_id 
_entity_poly_seq.num 
_entity_poly_seq.mon_id 
_entity_poly_seq.hetero 
1 1   ALA n 
1 2   GLY n 
1 3   ILE n 
1 4   GLN n 
1 5   LYS n 
1 6   ASP n 
1 7   SER n 
1 8   THR n 
1 9   GLY n 
1 10  LYS n 
1 11  CYS n 
1 12  GLY n 
1 13  PRO n 
1 14  PRO n 
1 15  PRO n 
1 16  PRO n 
1 17  ILE n 
1 18  ASP n 
1 19  ASN n 
1 20  GLY n 
1 21  ASP n 
1 22  ILE n 
1 23  THR n 
1 24  SER n 
1 25  PHE n 
1 26  PRO n 
1 27  LEU n 
1 28  SER n 
1 29  VAL n 
1 30  TYR n 
1 31  ALA n 
1 32  PRO n 
1 33  ALA n 
1 34  SER n 
1 35  SER n 
1 36  VAL n 
1 37  GLU n 
1 38  TYR n 
1 39  GLN n 
1 40  CYS n 
1 41  GLN n 
1 42  ASN n 
1 43  LEU n 
1 44  TYR n 
1 45  GLN n 
1 46  LEU n 
1 47  GLU n 
1 48  GLY n 
1 49  ASN n 
1 50  LYS n 
1 51  ARG n 
1 52  ILE n 
1 53  THR n 
1 54  CYS n 
1 55  ARG n 
1 56  ASN n 
1 57  GLY n 
1 58  GLN n 
1 59  TRP n 
1 60  SER n 
1 61  GLU n 
1 62  PRO n 
1 63  PRO n 
1 64  LYS n 
1 65  CYS n 
1 66  LEU n 
1 67  HIS n 
1 68  PRO n 
1 69  CYS n 
1 70  VAL n 
1 71  ILE n 
1 72  SER n 
1 73  ARG n 
1 74  GLU n 
1 75  ILE n 
1 76  MET n 
1 77  GLU n 
1 78  ASN n 
1 79  TYR n 
1 80  ASN n 
1 81  ILE n 
1 82  ALA n 
1 83  LEU n 
1 84  ARG n 
1 85  TRP n 
1 86  THR n 
1 87  ALA n 
1 88  LYS n 
1 89  GLN n 
1 90  LYS n 
1 91  LEU n 
1 92  TYR n 
1 93  SER n 
1 94  ARG n 
1 95  THR n 
1 96  GLY n 
1 97  GLU n 
1 98  SER n 
1 99  VAL n 
1 100 GLU n 
1 101 PHE n 
1 102 VAL n 
1 103 CYS n 
1 104 LYS n 
1 105 ALA n 
1 106 GLY n 
1 107 TYR n 
1 108 ARG n 
1 109 LEU n 
1 110 SER n 
1 111 SER n 
1 112 ARG n 
1 113 SER n 
1 114 HIS n 
1 115 THR n 
1 116 LEU n 
1 117 ARG n 
1 118 THR n 
1 119 THR n 
1 120 CYS n 
1 121 TRP n 
1 122 ASP n 
1 123 GLY n 
1 124 LYS n 
1 125 LEU n 
1 126 GLU n 
1 127 TYR n 
1 128 PRO n 
1 129 THR n 
1 130 CYS n 
1 131 ALA n 
1 132 LYS n 
1 133 ARG n 
# 
_entity_src_gen.entity_id                          1 
_entity_src_gen.pdbx_src_id                        1 
_entity_src_gen.pdbx_alt_source_flag               sample 
_entity_src_gen.pdbx_seq_type                      ? 
_entity_src_gen.pdbx_beg_seq_num                   ? 
_entity_src_gen.pdbx_end_seq_num                   ? 
_entity_src_gen.gene_src_common_name               human 
_entity_src_gen.gene_src_genus                     ? 
_entity_src_gen.pdbx_gene_src_gene                 ? 
_entity_src_gen.gene_src_species                   ? 
_entity_src_gen.gene_src_strain                    ? 
_entity_src_gen.gene_src_tissue                    ? 
_entity_src_gen.gene_src_tissue_fraction           ? 
_entity_src_gen.gene_src_details                   ? 
_entity_src_gen.pdbx_gene_src_fragment             ? 
_entity_src_gen.pdbx_gene_src_scientific_name      'Homo sapiens' 
_entity_src_gen.pdbx_gene_src_ncbi_taxonomy_id     9606 
_entity_src_gen.pdbx_gene_src_variant              ? 
_entity_src_gen.pdbx_gene_src_cell_line            ? 
_entity_src_gen.pdbx_gene_src_atcc                 ? 
_entity_src_gen.pdbx_gene_src_organ                ? 
_entity_src_gen.pdbx_gene_src_organelle            ? 
_entity_src_gen.pdbx_gene_src_cell                 ? 
_entity_src_gen.pdbx_gene_src_cellular_location    ? 
_entity_src_gen.host_org_common_name               ? 
_entity_src_gen.pdbx_host_org_scientific_name      'Pichia pastoris' 
_entity_src_gen.pdbx_host_org_ncbi_taxonomy_id     4922 
_entity_src_gen.host_org_genus                     ? 
_entity_src_gen.pdbx_host_org_gene                 ? 
_entity_src_gen.pdbx_host_org_organ                ? 
_entity_src_gen.host_org_species                   ? 
_entity_src_gen.pdbx_host_org_tissue               ? 
_entity_src_gen.pdbx_host_org_tissue_fraction      ? 
_entity_src_gen.pdbx_host_org_strain               ? 
_entity_src_gen.pdbx_host_org_variant              ? 
_entity_src_gen.pdbx_host_org_cell_line            ? 
_entity_src_gen.pdbx_host_org_atcc                 ? 
_entity_src_gen.pdbx_host_org_culture_collection   ? 
_entity_src_gen.pdbx_host_org_cell                 ? 
_entity_src_gen.pdbx_host_org_organelle            ? 
_entity_src_gen.pdbx_host_org_cellular_location    ? 
_entity_src_gen.pdbx_host_org_vector_type          plasmid 
_entity_src_gen.pdbx_host_org_vector               ? 
_entity_src_gen.host_org_details                   ? 
_entity_src_gen.expression_system_id               ? 
_entity_src_gen.plasmid_name                       pPICZ-alpha-B 
_entity_src_gen.plasmid_details                    ? 
_entity_src_gen.pdbx_description                   ? 
# 
loop_
_chem_comp.id 
_chem_comp.type 
_chem_comp.mon_nstd_flag 
_chem_comp.name 
_chem_comp.pdbx_synonyms 
_chem_comp.formula 
_chem_comp.formula_weight 
ALA 'L-peptide linking' y ALANINE         ? 'C3 H7 N O2'     89.093  
ARG 'L-peptide linking' y ARGININE        ? 'C6 H15 N4 O2 1' 175.209 
ASN 'L-peptide linking' y ASPARAGINE      ? 'C4 H8 N2 O3'    132.118 
ASP 'L-peptide linking' y 'ASPARTIC ACID' ? 'C4 H7 N O4'     133.103 
CYS 'L-peptide linking' y CYSTEINE        ? 'C3 H7 N O2 S'   121.158 
GLN 'L-peptide linking' y GLUTAMINE       ? 'C5 H10 N2 O3'   146.144 
GLU 'L-peptide linking' y 'GLUTAMIC ACID' ? 'C5 H9 N O4'     147.129 
GLY 'peptide linking'   y GLYCINE         ? 'C2 H5 N O2'     75.067  
HIS 'L-peptide linking' y HISTIDINE       ? 'C6 H10 N3 O2 1' 156.162 
HOH non-polymer         . WATER           ? 'H2 O'           18.015  
ILE 'L-peptide linking' y ISOLEUCINE      ? 'C6 H13 N O2'    131.173 
LEU 'L-peptide linking' y LEUCINE         ? 'C6 H13 N O2'    131.173 
LYS 'L-peptide linking' y LYSINE          ? 'C6 H15 N2 O2 1' 147.195 
MET 'L-peptide linking' y METHIONINE      ? 'C5 H11 N O2 S'  149.211 
PHE 'L-peptide linking' y PHENYLALANINE   ? 'C9 H11 N O2'    165.189 
PRO 'L-peptide linking' y PROLINE         ? 'C5 H9 N O2'     115.130 
SER 'L-peptide linking' y SERINE          ? 'C3 H7 N O3'     105.093 
SO4 non-polymer         . 'SULFATE ION'   ? 'O4 S -2'        96.063  
THR 'L-peptide linking' y THREONINE       ? 'C4 H9 N O3'     119.119 
TRP 'L-peptide linking' y TRYPTOPHAN      ? 'C11 H12 N2 O2'  204.225 
TYR 'L-peptide linking' y TYROSINE        ? 'C9 H11 N O3'    181.189 
VAL 'L-peptide linking' y VALINE          ? 'C5 H11 N O2'    117.146 
# 
loop_
_pdbx_poly_seq_scheme.asym_id 
_pdbx_poly_seq_scheme.entity_id 
_pdbx_poly_seq_scheme.seq_id 
_pdbx_poly_seq_scheme.mon_id 
_pdbx_poly_seq_scheme.ndb_seq_num 
_pdbx_poly_seq_scheme.pdb_seq_num 
_pdbx_poly_seq_scheme.auth_seq_num 
_pdbx_poly_seq_scheme.pdb_mon_id 
_pdbx_poly_seq_scheme.auth_mon_id 
_pdbx_poly_seq_scheme.pdb_strand_id 
_pdbx_poly_seq_scheme.pdb_ins_code 
_pdbx_poly_seq_scheme.hetero 
A 1 1   ALA 1   1099 ?    ?   ?   A . n 
A 1 2   GLY 2   1100 ?    ?   ?   A . n 
A 1 3   ILE 3   1101 ?    ?   ?   A . n 
A 1 4   GLN 4   1102 ?    ?   ?   A . n 
A 1 5   LYS 5   1103 ?    ?   ?   A . n 
A 1 6   ASP 6   1104 ?    ?   ?   A . n 
A 1 7   SER 7   1105 ?    ?   ?   A . n 
A 1 8   THR 8   1106 1106 THR THR A . n 
A 1 9   GLY 9   1107 1107 GLY GLY A . n 
A 1 10  LYS 10  1108 1108 LYS LYS A . n 
A 1 11  CYS 11  1109 1109 CYS CYS A . n 
A 1 12  GLY 12  1110 1110 GLY GLY A . n 
A 1 13  PRO 13  1111 1111 PRO PRO A . n 
A 1 14  PRO 14  1112 1112 PRO PRO A . n 
A 1 15  PRO 15  1113 1113 PRO PRO A . n 
A 1 16  PRO 16  1114 1114 PRO PRO A . n 
A 1 17  ILE 17  1115 1115 ILE ILE A . n 
A 1 18  ASP 18  1116 1116 ASP ASP A . n 
A 1 19  ASN 19  1117 1117 ASN ASN A . n 
A 1 20  GLY 20  1118 1118 GLY GLY A . n 
A 1 21  ASP 21  1119 1119 ASP ASP A . n 
A 1 22  ILE 22  1120 1120 ILE ILE A . n 
A 1 23  THR 23  1121 1121 THR THR A . n 
A 1 24  SER 24  1122 1122 SER SER A . n 
A 1 25  PHE 25  1123 1123 PHE PHE A . n 
A 1 26  PRO 26  1124 1124 PRO PRO A . n 
A 1 27  LEU 27  1125 1125 LEU LEU A . n 
A 1 28  SER 28  1126 1126 SER SER A . n 
A 1 29  VAL 29  1127 1127 VAL VAL A . n 
A 1 30  TYR 30  1128 1128 TYR TYR A . n 
A 1 31  ALA 31  1129 1129 ALA ALA A . n 
A 1 32  PRO 32  1130 1130 PRO PRO A . n 
A 1 33  ALA 33  1131 1131 ALA ALA A . n 
A 1 34  SER 34  1132 1132 SER SER A . n 
A 1 35  SER 35  1133 1133 SER SER A . n 
A 1 36  VAL 36  1134 1134 VAL VAL A . n 
A 1 37  GLU 37  1135 1135 GLU GLU A . n 
A 1 38  TYR 38  1136 1136 TYR TYR A . n 
A 1 39  GLN 39  1137 1137 GLN GLN A . n 
A 1 40  CYS 40  1138 1138 CYS CYS A . n 
A 1 41  GLN 41  1139 1139 GLN GLN A . n 
A 1 42  ASN 42  1140 1140 ASN ASN A . n 
A 1 43  LEU 43  1141 1141 LEU LEU A . n 
A 1 44  TYR 44  1142 1142 TYR TYR A . n 
A 1 45  GLN 45  1143 1143 GLN GLN A . n 
A 1 46  LEU 46  1144 1144 LEU LEU A . n 
A 1 47  GLU 47  1145 1145 GLU GLU A . n 
A 1 48  GLY 48  1146 1146 GLY GLY A . n 
A 1 49  ASN 49  1147 1147 ASN ASN A . n 
A 1 50  LYS 50  1148 1148 LYS LYS A . n 
A 1 51  ARG 51  1149 1149 ARG ARG A . n 
A 1 52  ILE 52  1150 1150 ILE ILE A . n 
A 1 53  THR 53  1151 1151 THR THR A . n 
A 1 54  CYS 54  1152 1152 CYS CYS A . n 
A 1 55  ARG 55  1153 1153 ARG ARG A . n 
A 1 56  ASN 56  1154 1154 ASN ASN A . n 
A 1 57  GLY 57  1155 1155 GLY GLY A . n 
A 1 58  GLN 58  1156 1156 GLN GLN A . n 
A 1 59  TRP 59  1157 1157 TRP TRP A . n 
A 1 60  SER 60  1158 1158 SER SER A . n 
A 1 61  GLU 61  1159 1159 GLU GLU A . n 
A 1 62  PRO 62  1160 1160 PRO PRO A . n 
A 1 63  PRO 63  1161 1161 PRO PRO A . n 
A 1 64  LYS 64  1162 1162 LYS LYS A . n 
A 1 65  CYS 65  1163 1163 CYS CYS A . n 
A 1 66  LEU 66  1164 1164 LEU LEU A . n 
A 1 67  HIS 67  1165 1165 HIS HIS A . n 
A 1 68  PRO 68  1166 1166 PRO PRO A . n 
A 1 69  CYS 69  1167 1167 CYS CYS A . n 
A 1 70  VAL 70  1168 1168 VAL VAL A . n 
A 1 71  ILE 71  1169 1169 ILE ILE A . n 
A 1 72  SER 72  1170 1170 SER SER A . n 
A 1 73  ARG 73  1171 1171 ARG ARG A . n 
A 1 74  GLU 74  1172 1172 GLU GLU A . n 
A 1 75  ILE 75  1173 1173 ILE ILE A . n 
A 1 76  MET 76  1174 1174 MET MET A . n 
A 1 77  GLU 77  1175 1175 GLU GLU A . n 
A 1 78  ASN 78  1176 1176 ASN ASN A . n 
A 1 79  TYR 79  1177 1177 TYR TYR A . n 
A 1 80  ASN 80  1178 1178 ASN ASN A . n 
A 1 81  ILE 81  1179 1179 ILE ILE A . n 
A 1 82  ALA 82  1180 1180 ALA ALA A . n 
A 1 83  LEU 83  1181 1181 LEU LEU A . n 
A 1 84  ARG 84  1182 1182 ARG ARG A . n 
A 1 85  TRP 85  1183 1183 TRP TRP A . n 
A 1 86  THR 86  1184 1184 THR THR A . n 
A 1 87  ALA 87  1185 1185 ALA ALA A . n 
A 1 88  LYS 88  1186 1186 LYS LYS A . n 
A 1 89  GLN 89  1187 1187 GLN GLN A . n 
A 1 90  LYS 90  1188 1188 LYS LYS A . n 
A 1 91  LEU 91  1189 1189 LEU LEU A . n 
A 1 92  TYR 92  1190 1190 TYR TYR A . n 
A 1 93  SER 93  1191 1191 SER SER A . n 
A 1 94  ARG 94  1192 1192 ARG ARG A . n 
A 1 95  THR 95  1193 1193 THR THR A . n 
A 1 96  GLY 96  1194 1194 GLY GLY A . n 
A 1 97  GLU 97  1195 1195 GLU GLU A . n 
A 1 98  SER 98  1196 1196 SER SER A . n 
A 1 99  VAL 99  1197 1197 VAL VAL A . n 
A 1 100 GLU 100 1198 1198 GLU GLU A . n 
A 1 101 PHE 101 1199 1199 PHE PHE A . n 
A 1 102 VAL 102 1200 1200 VAL VAL A . n 
A 1 103 CYS 103 1201 1201 CYS CYS A . n 
A 1 104 LYS 104 1202 1202 LYS LYS A . n 
A 1 105 ALA 105 1203 1203 ALA ALA A . n 
A 1 106 GLY 106 1204 1204 GLY GLY A . n 
A 1 107 TYR 107 1205 1205 TYR TYR A . n 
A 1 108 ARG 108 1206 1206 ARG ARG A . n 
A 1 109 LEU 109 1207 1207 LEU LEU A . n 
A 1 110 SER 110 1208 1208 SER SER A . n 
A 1 111 SER 111 1209 1209 SER SER A . n 
A 1 112 ARG 112 1210 1210 ARG ARG A . n 
A 1 113 SER 113 1211 1211 SER SER A . n 
A 1 114 HIS 114 1212 1212 HIS HIS A . n 
A 1 115 THR 115 1213 1213 THR THR A . n 
A 1 116 LEU 116 1214 1214 LEU LEU A . n 
A 1 117 ARG 117 1215 1215 ARG ARG A . n 
A 1 118 THR 118 1216 1216 THR THR A . n 
A 1 119 THR 119 1217 1217 THR THR A . n 
A 1 120 CYS 120 1218 1218 CYS CYS A . n 
A 1 121 TRP 121 1219 1219 TRP TRP A . n 
A 1 122 ASP 122 1220 1220 ASP ASP A . n 
A 1 123 GLY 123 1221 1221 GLY GLY A . n 
A 1 124 LYS 124 1222 1222 LYS LYS A . n 
A 1 125 LEU 125 1223 1223 LEU LEU A . n 
A 1 126 GLU 126 1224 1224 GLU GLU A . n 
A 1 127 TYR 127 1225 1225 TYR TYR A . n 
A 1 128 PRO 128 1226 1226 PRO PRO A . n 
A 1 129 THR 129 1227 1227 THR THR A . n 
A 1 130 CYS 130 1228 1228 CYS CYS A . n 
A 1 131 ALA 131 1229 1229 ALA ALA A . n 
A 1 132 LYS 132 1230 1230 LYS LYS A . n 
A 1 133 ARG 133 1231 ?    ?   ?   A . n 
# 
loop_
_pdbx_nonpoly_scheme.asym_id 
_pdbx_nonpoly_scheme.entity_id 
_pdbx_nonpoly_scheme.mon_id 
_pdbx_nonpoly_scheme.ndb_seq_num 
_pdbx_nonpoly_scheme.pdb_seq_num 
_pdbx_nonpoly_scheme.auth_seq_num 
_pdbx_nonpoly_scheme.pdb_mon_id 
_pdbx_nonpoly_scheme.auth_mon_id 
_pdbx_nonpoly_scheme.pdb_strand_id 
_pdbx_nonpoly_scheme.pdb_ins_code 
B 2 SO4 1   1    1   SO4 SO4 A . 
C 2 SO4 1   2    2   SO4 SO4 A . 
D 3 HOH 1   3    3   HOH HOH A . 
D 3 HOH 2   4    4   HOH HOH A . 
D 3 HOH 3   5    5   HOH HOH A . 
D 3 HOH 4   6    6   HOH HOH A . 
D 3 HOH 5   7    7   HOH HOH A . 
D 3 HOH 6   8    8   HOH HOH A . 
D 3 HOH 7   9    9   HOH HOH A . 
D 3 HOH 8   10   10  HOH HOH A . 
D 3 HOH 9   11   11  HOH HOH A . 
D 3 HOH 10  12   12  HOH HOH A . 
D 3 HOH 11  13   13  HOH HOH A . 
D 3 HOH 12  14   14  HOH HOH A . 
D 3 HOH 13  15   15  HOH HOH A . 
D 3 HOH 14  16   16  HOH HOH A . 
D 3 HOH 15  17   17  HOH HOH A . 
D 3 HOH 16  18   18  HOH HOH A . 
D 3 HOH 17  19   19  HOH HOH A . 
D 3 HOH 18  20   20  HOH HOH A . 
D 3 HOH 19  21   21  HOH HOH A . 
D 3 HOH 20  22   22  HOH HOH A . 
D 3 HOH 21  23   23  HOH HOH A . 
D 3 HOH 22  24   24  HOH HOH A . 
D 3 HOH 23  25   25  HOH HOH A . 
D 3 HOH 24  26   26  HOH HOH A . 
D 3 HOH 25  27   27  HOH HOH A . 
D 3 HOH 26  28   28  HOH HOH A . 
D 3 HOH 27  29   29  HOH HOH A . 
D 3 HOH 28  30   30  HOH HOH A . 
D 3 HOH 29  31   31  HOH HOH A . 
D 3 HOH 30  32   32  HOH HOH A . 
D 3 HOH 31  33   33  HOH HOH A . 
D 3 HOH 32  34   34  HOH HOH A . 
D 3 HOH 33  35   35  HOH HOH A . 
D 3 HOH 34  36   36  HOH HOH A . 
D 3 HOH 35  37   37  HOH HOH A . 
D 3 HOH 36  38   38  HOH HOH A . 
D 3 HOH 37  39   39  HOH HOH A . 
D 3 HOH 38  40   40  HOH HOH A . 
D 3 HOH 39  41   41  HOH HOH A . 
D 3 HOH 40  42   42  HOH HOH A . 
D 3 HOH 41  43   43  HOH HOH A . 
D 3 HOH 42  44   44  HOH HOH A . 
D 3 HOH 43  45   45  HOH HOH A . 
D 3 HOH 44  46   46  HOH HOH A . 
D 3 HOH 45  47   47  HOH HOH A . 
D 3 HOH 46  48   48  HOH HOH A . 
D 3 HOH 47  49   49  HOH HOH A . 
D 3 HOH 48  50   50  HOH HOH A . 
D 3 HOH 49  51   51  HOH HOH A . 
D 3 HOH 50  52   52  HOH HOH A . 
D 3 HOH 51  53   53  HOH HOH A . 
D 3 HOH 52  54   54  HOH HOH A . 
D 3 HOH 53  55   55  HOH HOH A . 
D 3 HOH 54  56   56  HOH HOH A . 
D 3 HOH 55  57   57  HOH HOH A . 
D 3 HOH 56  58   58  HOH HOH A . 
D 3 HOH 57  59   59  HOH HOH A . 
D 3 HOH 58  60   60  HOH HOH A . 
D 3 HOH 59  61   61  HOH HOH A . 
D 3 HOH 60  62   62  HOH HOH A . 
D 3 HOH 61  63   63  HOH HOH A . 
D 3 HOH 62  64   64  HOH HOH A . 
D 3 HOH 63  65   65  HOH HOH A . 
D 3 HOH 64  66   66  HOH HOH A . 
D 3 HOH 65  67   67  HOH HOH A . 
D 3 HOH 66  68   68  HOH HOH A . 
D 3 HOH 67  69   69  HOH HOH A . 
D 3 HOH 68  70   70  HOH HOH A . 
D 3 HOH 69  71   71  HOH HOH A . 
D 3 HOH 70  72   72  HOH HOH A . 
D 3 HOH 71  73   73  HOH HOH A . 
D 3 HOH 72  74   74  HOH HOH A . 
D 3 HOH 73  75   75  HOH HOH A . 
D 3 HOH 74  76   76  HOH HOH A . 
D 3 HOH 75  77   77  HOH HOH A . 
D 3 HOH 76  78   78  HOH HOH A . 
D 3 HOH 77  79   79  HOH HOH A . 
D 3 HOH 78  80   80  HOH HOH A . 
D 3 HOH 79  81   81  HOH HOH A . 
D 3 HOH 80  82   82  HOH HOH A . 
D 3 HOH 81  83   83  HOH HOH A . 
D 3 HOH 82  84   84  HOH HOH A . 
D 3 HOH 83  85   85  HOH HOH A . 
D 3 HOH 84  86   86  HOH HOH A . 
D 3 HOH 85  87   87  HOH HOH A . 
D 3 HOH 86  88   88  HOH HOH A . 
D 3 HOH 87  89   89  HOH HOH A . 
D 3 HOH 88  90   90  HOH HOH A . 
D 3 HOH 89  91   91  HOH HOH A . 
D 3 HOH 90  92   92  HOH HOH A . 
D 3 HOH 91  93   93  HOH HOH A . 
D 3 HOH 92  94   94  HOH HOH A . 
D 3 HOH 93  95   95  HOH HOH A . 
D 3 HOH 94  96   96  HOH HOH A . 
D 3 HOH 95  97   97  HOH HOH A . 
D 3 HOH 96  98   98  HOH HOH A . 
D 3 HOH 97  99   99  HOH HOH A . 
D 3 HOH 98  100  100 HOH HOH A . 
D 3 HOH 99  101  101 HOH HOH A . 
D 3 HOH 100 102  102 HOH HOH A . 
D 3 HOH 101 103  103 HOH HOH A . 
D 3 HOH 102 104  104 HOH HOH A . 
D 3 HOH 103 105  105 HOH HOH A . 
D 3 HOH 104 106  106 HOH HOH A . 
D 3 HOH 105 107  107 HOH HOH A . 
D 3 HOH 106 108  108 HOH HOH A . 
D 3 HOH 107 109  109 HOH HOH A . 
D 3 HOH 108 110  110 HOH HOH A . 
D 3 HOH 109 111  111 HOH HOH A . 
D 3 HOH 110 112  112 HOH HOH A . 
D 3 HOH 111 113  113 HOH HOH A . 
D 3 HOH 112 114  114 HOH HOH A . 
D 3 HOH 113 115  115 HOH HOH A . 
D 3 HOH 114 116  116 HOH HOH A . 
D 3 HOH 115 117  117 HOH HOH A . 
D 3 HOH 116 118  118 HOH HOH A . 
D 3 HOH 117 119  119 HOH HOH A . 
D 3 HOH 118 120  120 HOH HOH A . 
D 3 HOH 119 121  121 HOH HOH A . 
D 3 HOH 120 122  122 HOH HOH A . 
D 3 HOH 121 123  123 HOH HOH A . 
D 3 HOH 122 124  124 HOH HOH A . 
D 3 HOH 123 125  125 HOH HOH A . 
D 3 HOH 124 126  126 HOH HOH A . 
D 3 HOH 125 127  127 HOH HOH A . 
D 3 HOH 126 128  128 HOH HOH A . 
D 3 HOH 127 129  129 HOH HOH A . 
D 3 HOH 128 130  130 HOH HOH A . 
D 3 HOH 129 131  131 HOH HOH A . 
D 3 HOH 130 132  132 HOH HOH A . 
D 3 HOH 131 133  133 HOH HOH A . 
D 3 HOH 132 134  134 HOH HOH A . 
D 3 HOH 133 135  135 HOH HOH A . 
D 3 HOH 134 136  136 HOH HOH A . 
D 3 HOH 135 137  137 HOH HOH A . 
D 3 HOH 136 138  138 HOH HOH A . 
D 3 HOH 137 139  139 HOH HOH A . 
D 3 HOH 138 140  140 HOH HOH A . 
D 3 HOH 139 141  141 HOH HOH A . 
D 3 HOH 140 142  142 HOH HOH A . 
D 3 HOH 141 143  143 HOH HOH A . 
D 3 HOH 142 144  144 HOH HOH A . 
D 3 HOH 143 145  145 HOH HOH A . 
D 3 HOH 144 146  146 HOH HOH A . 
D 3 HOH 145 147  147 HOH HOH A . 
D 3 HOH 146 148  148 HOH HOH A . 
D 3 HOH 147 149  149 HOH HOH A . 
D 3 HOH 148 150  150 HOH HOH A . 
D 3 HOH 149 151  151 HOH HOH A . 
D 3 HOH 150 152  152 HOH HOH A . 
D 3 HOH 151 153  153 HOH HOH A . 
D 3 HOH 152 154  154 HOH HOH A . 
D 3 HOH 153 155  155 HOH HOH A . 
D 3 HOH 154 156  156 HOH HOH A . 
D 3 HOH 155 157  157 HOH HOH A . 
D 3 HOH 156 158  158 HOH HOH A . 
D 3 HOH 157 159  159 HOH HOH A . 
D 3 HOH 158 160  160 HOH HOH A . 
D 3 HOH 159 161  161 HOH HOH A . 
D 3 HOH 160 162  162 HOH HOH A . 
D 3 HOH 161 163  163 HOH HOH A . 
D 3 HOH 162 164  164 HOH HOH A . 
D 3 HOH 163 166  166 HOH HOH A . 
D 3 HOH 164 167  167 HOH HOH A . 
D 3 HOH 165 168  168 HOH HOH A . 
D 3 HOH 166 169  169 HOH HOH A . 
D 3 HOH 167 170  170 HOH HOH A . 
D 3 HOH 168 171  171 HOH HOH A . 
D 3 HOH 169 172  172 HOH HOH A . 
D 3 HOH 170 173  173 HOH HOH A . 
D 3 HOH 171 174  174 HOH HOH A . 
D 3 HOH 172 175  175 HOH HOH A . 
D 3 HOH 173 176  176 HOH HOH A . 
D 3 HOH 174 177  177 HOH HOH A . 
D 3 HOH 175 178  178 HOH HOH A . 
D 3 HOH 176 179  179 HOH HOH A . 
D 3 HOH 177 180  180 HOH HOH A . 
D 3 HOH 178 181  181 HOH HOH A . 
D 3 HOH 179 182  182 HOH HOH A . 
D 3 HOH 180 183  183 HOH HOH A . 
D 3 HOH 181 184  184 HOH HOH A . 
D 3 HOH 182 185  185 HOH HOH A . 
D 3 HOH 183 186  186 HOH HOH A . 
D 3 HOH 184 187  187 HOH HOH A . 
D 3 HOH 185 188  188 HOH HOH A . 
D 3 HOH 186 189  189 HOH HOH A . 
D 3 HOH 187 190  190 HOH HOH A . 
D 3 HOH 188 191  191 HOH HOH A . 
D 3 HOH 189 192  192 HOH HOH A . 
D 3 HOH 190 193  193 HOH HOH A . 
D 3 HOH 191 194  194 HOH HOH A . 
D 3 HOH 192 195  195 HOH HOH A . 
D 3 HOH 193 196  196 HOH HOH A . 
D 3 HOH 194 197  197 HOH HOH A . 
D 3 HOH 195 198  198 HOH HOH A . 
D 3 HOH 196 199  199 HOH HOH A . 
D 3 HOH 197 200  200 HOH HOH A . 
D 3 HOH 198 201  201 HOH HOH A . 
D 3 HOH 199 202  202 HOH HOH A . 
D 3 HOH 200 203  203 HOH HOH A . 
D 3 HOH 201 204  204 HOH HOH A . 
D 3 HOH 202 205  205 HOH HOH A . 
D 3 HOH 203 206  206 HOH HOH A . 
D 3 HOH 204 207  207 HOH HOH A . 
D 3 HOH 205 208  208 HOH HOH A . 
D 3 HOH 206 209  209 HOH HOH A . 
D 3 HOH 207 210  210 HOH HOH A . 
D 3 HOH 208 211  211 HOH HOH A . 
D 3 HOH 209 212  212 HOH HOH A . 
D 3 HOH 210 213  213 HOH HOH A . 
D 3 HOH 211 214  214 HOH HOH A . 
D 3 HOH 212 215  215 HOH HOH A . 
D 3 HOH 213 216  216 HOH HOH A . 
D 3 HOH 214 217  217 HOH HOH A . 
D 3 HOH 215 218  218 HOH HOH A . 
D 3 HOH 216 219  219 HOH HOH A . 
D 3 HOH 217 220  220 HOH HOH A . 
D 3 HOH 218 221  221 HOH HOH A . 
D 3 HOH 219 222  222 HOH HOH A . 
D 3 HOH 220 223  223 HOH HOH A . 
D 3 HOH 221 224  224 HOH HOH A . 
D 3 HOH 222 225  225 HOH HOH A . 
D 3 HOH 223 226  226 HOH HOH A . 
D 3 HOH 224 227  227 HOH HOH A . 
D 3 HOH 225 228  228 HOH HOH A . 
D 3 HOH 226 229  229 HOH HOH A . 
D 3 HOH 227 230  230 HOH HOH A . 
D 3 HOH 228 231  231 HOH HOH A . 
D 3 HOH 229 232  232 HOH HOH A . 
D 3 HOH 230 233  233 HOH HOH A . 
D 3 HOH 231 234  234 HOH HOH A . 
D 3 HOH 232 235  235 HOH HOH A . 
D 3 HOH 233 236  236 HOH HOH A . 
D 3 HOH 234 238  238 HOH HOH A . 
D 3 HOH 235 239  239 HOH HOH A . 
D 3 HOH 236 240  240 HOH HOH A . 
D 3 HOH 237 241  241 HOH HOH A . 
D 3 HOH 238 242  242 HOH HOH A . 
D 3 HOH 239 243  243 HOH HOH A . 
D 3 HOH 240 244  244 HOH HOH A . 
D 3 HOH 241 245  245 HOH HOH A . 
D 3 HOH 242 246  246 HOH HOH A . 
D 3 HOH 243 247  247 HOH HOH A . 
D 3 HOH 244 248  248 HOH HOH A . 
D 3 HOH 245 249  249 HOH HOH A . 
D 3 HOH 246 250  250 HOH HOH A . 
D 3 HOH 247 251  251 HOH HOH A . 
D 3 HOH 248 252  252 HOH HOH A . 
D 3 HOH 249 253  253 HOH HOH A . 
D 3 HOH 250 254  254 HOH HOH A . 
D 3 HOH 251 255  255 HOH HOH A . 
D 3 HOH 252 256  256 HOH HOH A . 
D 3 HOH 253 257  257 HOH HOH A . 
D 3 HOH 254 258  258 HOH HOH A . 
D 3 HOH 255 259  259 HOH HOH A . 
D 3 HOH 256 260  260 HOH HOH A . 
D 3 HOH 257 261  261 HOH HOH A . 
D 3 HOH 258 262  262 HOH HOH A . 
D 3 HOH 259 263  263 HOH HOH A . 
D 3 HOH 260 264  264 HOH HOH A . 
D 3 HOH 261 265  265 HOH HOH A . 
D 3 HOH 262 266  266 HOH HOH A . 
D 3 HOH 263 267  267 HOH HOH A . 
D 3 HOH 264 268  268 HOH HOH A . 
D 3 HOH 265 269  269 HOH HOH A . 
D 3 HOH 266 271  271 HOH HOH A . 
D 3 HOH 267 272  272 HOH HOH A . 
D 3 HOH 268 273  273 HOH HOH A . 
D 3 HOH 269 274  274 HOH HOH A . 
D 3 HOH 270 275  275 HOH HOH A . 
D 3 HOH 271 276  276 HOH HOH A . 
D 3 HOH 272 277  277 HOH HOH A . 
D 3 HOH 273 278  278 HOH HOH A . 
D 3 HOH 274 279  279 HOH HOH A . 
D 3 HOH 275 280  280 HOH HOH A . 
D 3 HOH 276 281  281 HOH HOH A . 
D 3 HOH 277 282  282 HOH HOH A . 
D 3 HOH 278 283  283 HOH HOH A . 
D 3 HOH 279 284  284 HOH HOH A . 
D 3 HOH 280 285  285 HOH HOH A . 
D 3 HOH 281 286  286 HOH HOH A . 
D 3 HOH 282 287  287 HOH HOH A . 
D 3 HOH 283 288  288 HOH HOH A . 
D 3 HOH 284 289  289 HOH HOH A . 
D 3 HOH 285 290  290 HOH HOH A . 
D 3 HOH 286 291  291 HOH HOH A . 
D 3 HOH 287 292  292 HOH HOH A . 
D 3 HOH 288 293  293 HOH HOH A . 
D 3 HOH 289 294  294 HOH HOH A . 
D 3 HOH 290 295  295 HOH HOH A . 
D 3 HOH 291 296  296 HOH HOH A . 
D 3 HOH 292 297  297 HOH HOH A . 
D 3 HOH 293 298  298 HOH HOH A . 
D 3 HOH 294 299  299 HOH HOH A . 
D 3 HOH 295 300  300 HOH HOH A . 
D 3 HOH 296 1232 2   HOH HOH A . 
D 3 HOH 297 1233 1   HOH HOH A . 
# 
loop_
_pdbx_unobs_or_zero_occ_atoms.id 
_pdbx_unobs_or_zero_occ_atoms.PDB_model_num 
_pdbx_unobs_or_zero_occ_atoms.polymer_flag 
_pdbx_unobs_or_zero_occ_atoms.occupancy_flag 
_pdbx_unobs_or_zero_occ_atoms.auth_asym_id 
_pdbx_unobs_or_zero_occ_atoms.auth_comp_id 
_pdbx_unobs_or_zero_occ_atoms.auth_seq_id 
_pdbx_unobs_or_zero_occ_atoms.PDB_ins_code 
_pdbx_unobs_or_zero_occ_atoms.auth_atom_id 
_pdbx_unobs_or_zero_occ_atoms.label_alt_id 
_pdbx_unobs_or_zero_occ_atoms.label_asym_id 
_pdbx_unobs_or_zero_occ_atoms.label_comp_id 
_pdbx_unobs_or_zero_occ_atoms.label_seq_id 
_pdbx_unobs_or_zero_occ_atoms.label_atom_id 
1  1 Y 1 A ARG 1206 ? CD  ? A ARG 108 CD  
2  1 Y 1 A ARG 1206 ? NE  ? A ARG 108 NE  
3  1 Y 1 A ARG 1206 ? CZ  ? A ARG 108 CZ  
4  1 Y 1 A ARG 1206 ? NH1 ? A ARG 108 NH1 
5  1 Y 1 A ARG 1206 ? NH2 ? A ARG 108 NH2 
6  1 Y 1 A ARG 1210 ? CG  ? A ARG 112 CG  
7  1 Y 1 A ARG 1210 ? CD  ? A ARG 112 CD  
8  1 Y 1 A ARG 1210 ? NE  ? A ARG 112 NE  
9  1 Y 1 A ARG 1210 ? CZ  ? A ARG 112 CZ  
10 1 Y 1 A ARG 1210 ? NH1 ? A ARG 112 NH1 
11 1 Y 1 A ARG 1210 ? NH2 ? A ARG 112 NH2 
12 1 Y 1 A GLU 1224 ? OE1 ? A GLU 126 OE1 
13 1 Y 1 A GLU 1224 ? OE2 ? A GLU 126 OE2 
14 1 Y 1 A LYS 1230 ? CE  ? A LYS 132 CE  
15 1 Y 1 A LYS 1230 ? NZ  ? A LYS 132 NZ  
# 
loop_
_software.name 
_software.classification 
_software.version 
_software.citation_id 
_software.pdbx_ordinal 
ADSC   'data collection' Quantum           ? 1 
MOLREP phasing           .                 ? 2 
PHENIX refinement        '(phenix.refine)' ? 3 
XDS    'data reduction'  .                 ? 4 
XDS    'data scaling'    .                 ? 5 
# 
_cell.entry_id           3KZJ 
_cell.length_a           91.410 
_cell.length_b           91.410 
_cell.length_c           110.860 
_cell.angle_alpha        90.00 
_cell.angle_beta         90.00 
_cell.angle_gamma        90.00 
_cell.Z_PDB              16 
_cell.pdbx_unique_axis   ? 
_cell.length_a_esd       ? 
_cell.length_b_esd       ? 
_cell.length_c_esd       ? 
_cell.angle_alpha_esd    ? 
_cell.angle_beta_esd     ? 
_cell.angle_gamma_esd    ? 
# 
_symmetry.entry_id                         3KZJ 
_symmetry.space_group_name_H-M             'I 41 2 2' 
_symmetry.pdbx_full_space_group_name_H-M   ? 
_symmetry.cell_setting                     ? 
_symmetry.Int_Tables_number                98 
_symmetry.space_group_name_Hall            ? 
# 
_exptl.entry_id          3KZJ 
_exptl.method            'X-RAY DIFFRACTION' 
_exptl.crystals_number   1 
# 
_exptl_crystal.id                    1 
_exptl_crystal.density_meas          ? 
_exptl_crystal.density_Matthews      4.09 
_exptl_crystal.density_percent_sol   69.93 
_exptl_crystal.description           ? 
_exptl_crystal.F_000                 ? 
_exptl_crystal.preparation           ? 
# 
_exptl_crystal_grow.crystal_id      1 
_exptl_crystal_grow.method          'VAPOR DIFFUSION, SITTING DROP' 
_exptl_crystal_grow.temp            295.15 
_exptl_crystal_grow.temp_details    ? 
_exptl_crystal_grow.pH              6.5 
_exptl_crystal_grow.pdbx_details    
'2M Ammonium Sulphate, 0.1M Bis-Tris buffer, pH 6.5, VAPOR DIFFUSION, SITTING DROP, temperature 295.15K' 
_exptl_crystal_grow.pdbx_pH_range   . 
# 
_diffrn.id                     1 
_diffrn.ambient_temp           100 
_diffrn.ambient_temp_details   ? 
_diffrn.crystal_id             1 
# 
_diffrn_detector.diffrn_id              1 
_diffrn_detector.detector               CCD 
_diffrn_detector.type                   'ADSC QUANTUM 4' 
_diffrn_detector.pdbx_collection_date   2007-12-03 
_diffrn_detector.details                ? 
# 
_diffrn_radiation.diffrn_id                        1 
_diffrn_radiation.wavelength_id                    1 
_diffrn_radiation.pdbx_monochromatic_or_laue_m_l   M 
_diffrn_radiation.monochromator                    'Diamond (111), Ge(220)' 
_diffrn_radiation.pdbx_diffrn_protocol             'SINGLE WAVELENGTH' 
_diffrn_radiation.pdbx_scattering_type             x-ray 
# 
_diffrn_radiation_wavelength.id           1 
_diffrn_radiation_wavelength.wavelength   0.931 
_diffrn_radiation_wavelength.wt           1.0 
# 
_diffrn_source.diffrn_id                   1 
_diffrn_source.source                      SYNCHROTRON 
_diffrn_source.type                        'ESRF BEAMLINE ID14-3' 
_diffrn_source.pdbx_synchrotron_site       ESRF 
_diffrn_source.pdbx_synchrotron_beamline   ID14-3 
_diffrn_source.pdbx_wavelength             ? 
_diffrn_source.pdbx_wavelength_list        0.931 
# 
_reflns.entry_id                     3KZJ 
_reflns.observed_criterion_sigma_I   0 
_reflns.observed_criterion_sigma_F   0 
_reflns.d_resolution_low             50 
_reflns.d_resolution_high            1.65 
_reflns.number_obs                   28472 
_reflns.number_all                   ? 
_reflns.percent_possible_obs         99.6 
_reflns.pdbx_Rmerge_I_obs            ? 
_reflns.pdbx_Rsym_value              0.076 
_reflns.pdbx_netI_over_sigmaI        14.4 
_reflns.B_iso_Wilson_estimate        19.4 
_reflns.pdbx_redundancy              7.1 
_reflns.R_free_details               ? 
_reflns.limit_h_max                  ? 
_reflns.limit_h_min                  ? 
_reflns.limit_k_max                  ? 
_reflns.limit_k_min                  ? 
_reflns.limit_l_max                  ? 
_reflns.limit_l_min                  ? 
_reflns.observed_criterion_F_max     ? 
_reflns.observed_criterion_F_min     ? 
_reflns.pdbx_chi_squared             ? 
_reflns.pdbx_scaling_rejects         ? 
_reflns.pdbx_diffrn_id               1 
_reflns.pdbx_ordinal                 1 
# 
_reflns_shell.d_res_high             1.65 
_reflns_shell.d_res_low              1.75 
_reflns_shell.percent_possible_all   97.7 
_reflns_shell.Rmerge_I_obs           ? 
_reflns_shell.pdbx_Rsym_value        0.076 
_reflns_shell.meanI_over_sigI_obs    2.11 
_reflns_shell.pdbx_redundancy        7.03 
_reflns_shell.percent_possible_obs   ? 
_reflns_shell.number_unique_all      31242 
_reflns_shell.number_measured_all    ? 
_reflns_shell.number_measured_obs    ? 
_reflns_shell.number_unique_obs      ? 
_reflns_shell.pdbx_chi_squared       ? 
_reflns_shell.pdbx_diffrn_id         ? 
_reflns_shell.pdbx_ordinal           1 
# 
_refine.entry_id                                 3KZJ 
_refine.ls_number_reflns_obs                     28472 
_refine.ls_number_reflns_all                     ? 
_refine.pdbx_ls_sigma_I                          0 
_refine.pdbx_ls_sigma_F                          1.99 
_refine.pdbx_data_cutoff_high_absF               ? 
_refine.pdbx_data_cutoff_low_absF                ? 
_refine.pdbx_data_cutoff_high_rms_absF           ? 
_refine.ls_d_res_low                             29.380 
_refine.ls_d_res_high                            1.65 
_refine.ls_percent_reflns_obs                    99.15 
_refine.ls_R_factor_obs                          0.2041 
_refine.ls_R_factor_all                          0.2041 
_refine.ls_R_factor_R_work                       0.2032 
_refine.ls_R_factor_R_free                       0.2217 
_refine.ls_R_factor_R_free_error                 ? 
_refine.ls_R_factor_R_free_error_details         ? 
_refine.ls_percent_reflns_R_free                 5.00 
_refine.ls_number_reflns_R_free                  1786 
_refine.ls_number_parameters                     ? 
_refine.ls_number_restraints                     ? 
_refine.correlation_coeff_Fo_to_Fc               ? 
_refine.correlation_coeff_Fo_to_Fc_free          ? 
_refine.B_iso_mean                               29.222 
_refine.aniso_B[1][1]                            0.198 
_refine.aniso_B[2][2]                            0.198 
_refine.aniso_B[3][3]                            -1.756 
_refine.aniso_B[1][2]                            -0.000 
_refine.aniso_B[1][3]                            -0.000 
_refine.aniso_B[2][3]                            0.000 
_refine.solvent_model_details                    'FLAT BULK SOLVENT MODEL' 
_refine.solvent_model_param_ksol                 0.387 
_refine.solvent_model_param_bsol                 58.161 
_refine.pdbx_solvent_vdw_probe_radii             1.11 
_refine.pdbx_solvent_ion_probe_radii             ? 
_refine.pdbx_solvent_shrinkage_radii             0.90 
_refine.pdbx_ls_cross_valid_method               THROUGHOUT 
_refine.details                                  'The structure was refined also with REFMAC 5.0' 
_refine.pdbx_starting_model                      'PDB ENTRY 2G7I' 
_refine.pdbx_method_to_determine_struct          'MOLECULAR REPLACEMENT' 
_refine.pdbx_isotropic_thermal_model             ISOTROPIC 
_refine.pdbx_stereochemistry_target_values       ML 
_refine.pdbx_stereochem_target_val_spec_case     ? 
_refine.pdbx_R_Free_selection_details            RANDOM 
_refine.pdbx_overall_ESU_R                       ? 
_refine.pdbx_overall_ESU_R_Free                  ? 
_refine.overall_SU_ML                            1.27 
_refine.overall_SU_B                             ? 
_refine.ls_redundancy_reflns_obs                 ? 
_refine.overall_SU_R_Cruickshank_DPI             ? 
_refine.overall_SU_R_free                        ? 
_refine.ls_wR_factor_R_free                      ? 
_refine.ls_wR_factor_R_work                      ? 
_refine.overall_FOM_free_R_set                   ? 
_refine.overall_FOM_work_R_set                   0.854 
_refine.B_iso_max                                70.04 
_refine.B_iso_min                                12.56 
_refine.pdbx_overall_phase_error                 21.620 
_refine.occupancy_max                            1.00 
_refine.occupancy_min                            0.36 
_refine.pdbx_refine_id                           'X-RAY DIFFRACTION' 
_refine.pdbx_diffrn_id                           1 
_refine.pdbx_TLS_residual_ADP_flag               ? 
_refine.pdbx_overall_SU_R_free_Cruickshank_DPI   ? 
_refine.pdbx_overall_SU_R_Blow_DPI               ? 
_refine.pdbx_overall_SU_R_free_Blow_DPI          ? 
# 
_refine_hist.pdbx_refine_id                   'X-RAY DIFFRACTION' 
_refine_hist.cycle_id                         LAST 
_refine_hist.pdbx_number_atoms_protein        974 
_refine_hist.pdbx_number_atoms_nucleic_acid   0 
_refine_hist.pdbx_number_atoms_ligand         10 
_refine_hist.number_atoms_solvent             297 
_refine_hist.number_atoms_total               1281 
_refine_hist.d_res_high                       1.65 
_refine_hist.d_res_low                        29.380 
# 
loop_
_refine_ls_restr.type 
_refine_ls_restr.dev_ideal 
_refine_ls_restr.dev_ideal_target 
_refine_ls_restr.weight 
_refine_ls_restr.number 
_refine_ls_restr.pdbx_refine_id 
_refine_ls_restr.pdbx_restraint_function 
f_bond_d           0.009  ? ? 1039 'X-RAY DIFFRACTION' ? 
f_angle_d          1.110  ? ? 1415 'X-RAY DIFFRACTION' ? 
f_dihedral_angle_d 17.602 ? ? 378  'X-RAY DIFFRACTION' ? 
f_chiral_restr     0.096  ? ? 150  'X-RAY DIFFRACTION' ? 
f_plane_restr      0.007  ? ? 180  'X-RAY DIFFRACTION' ? 
# 
loop_
_refine_ls_shell.pdbx_total_number_of_bins_used 
_refine_ls_shell.d_res_high 
_refine_ls_shell.d_res_low 
_refine_ls_shell.number_reflns_R_work 
_refine_ls_shell.R_factor_R_work 
_refine_ls_shell.percent_reflns_obs 
_refine_ls_shell.R_factor_R_free 
_refine_ls_shell.R_factor_R_free_error 
_refine_ls_shell.percent_reflns_R_free 
_refine_ls_shell.number_reflns_R_free 
_refine_ls_shell.number_reflns_all 
_refine_ls_shell.R_factor_all 
_refine_ls_shell.number_reflns_obs 
_refine_ls_shell.redundancy_reflns_obs 
_refine_ls_shell.pdbx_refine_id 
10 1.6638 1.7233  2600 0.2534 100.00 0.2631 . . 137 . . . . 'X-RAY DIFFRACTION' 
10 1.7233 1.7923  2597 0.2302 100.00 0.2259 . . 136 . . . . 'X-RAY DIFFRACTION' 
10 1.7923 1.8738  2608 0.2103 100.00 0.2427 . . 137 . . . . 'X-RAY DIFFRACTION' 
10 1.8738 1.9726  2594 0.2026 100.00 0.2374 . . 137 . . . . 'X-RAY DIFFRACTION' 
10 1.9726 2.0962  2630 0.1829 100.00 0.2187 . . 138 . . . . 'X-RAY DIFFRACTION' 
10 2.0962 2.2580  2629 0.1883 100.00 0.2079 . . 139 . . . . 'X-RAY DIFFRACTION' 
10 2.2580 2.4851  2639 0.1918 100.00 0.2163 . . 139 . . . . 'X-RAY DIFFRACTION' 
10 2.4851 2.8444  2657 0.1992 100.00 0.2305 . . 139 . . . . 'X-RAY DIFFRACTION' 
10 2.8444 3.5827  2681 0.1819 100.00 0.2220 . . 142 . . . . 'X-RAY DIFFRACTION' 
10 3.5827 29.3859 2807 0.1833 100.00 0.1821 . . 147 . . . . 'X-RAY DIFFRACTION' 
# 
_struct.entry_id                  3KZJ 
_struct.title                     'Structure of complement Factor H variant R1203A' 
_struct.pdbx_model_details        ? 
_struct.pdbx_CASP_flag            ? 
_struct.pdbx_model_type_details   ? 
# 
_struct_keywords.entry_id        3KZJ 
_struct_keywords.pdbx_keywords   'IMMUNE SYSTEM' 
_struct_keywords.text            
;Sushi domains, SCR, CCP, Age-related macular degeneration, Alternative splicing, Complement alternate pathway, Disease mutation, Glycoprotein, Immune response, Innate immunity, Polymorphism, Secreted, IMMUNE SYSTEM
;
# 
loop_
_struct_asym.id 
_struct_asym.pdbx_blank_PDB_chainid_flag 
_struct_asym.pdbx_modified 
_struct_asym.entity_id 
_struct_asym.details 
A N N 1 ? 
B N N 2 ? 
C N N 2 ? 
D N N 3 ? 
# 
_struct_ref.id                         1 
_struct_ref.db_name                    UNP 
_struct_ref.db_code                    CFAH_HUMAN 
_struct_ref.pdbx_db_accession          P08603 
_struct_ref.entity_id                  1 
_struct_ref.pdbx_seq_one_letter_code   
;KDSTGKCGPPPPIDNGDITSFPLSVYAPASSVEYQCQNLYQLEGNKRITCRNGQWSEPPKCLHPCVISREIMENYNIALR
WTAKQKLYSRTGESVEFVCKRGYRLSSRSHTLRTTCWDGKLEYPTCAKR
;
_struct_ref.pdbx_align_begin           1103 
_struct_ref.pdbx_db_isoform            ? 
# 
_struct_ref_seq.align_id                      1 
_struct_ref_seq.ref_id                        1 
_struct_ref_seq.pdbx_PDB_id_code              3KZJ 
_struct_ref_seq.pdbx_strand_id                A 
_struct_ref_seq.seq_align_beg                 5 
_struct_ref_seq.pdbx_seq_align_beg_ins_code   ? 
_struct_ref_seq.seq_align_end                 133 
_struct_ref_seq.pdbx_seq_align_end_ins_code   ? 
_struct_ref_seq.pdbx_db_accession             P08603 
_struct_ref_seq.db_align_beg                  1103 
_struct_ref_seq.pdbx_db_align_beg_ins_code    ? 
_struct_ref_seq.db_align_end                  1231 
_struct_ref_seq.pdbx_db_align_end_ins_code    ? 
_struct_ref_seq.pdbx_auth_seq_align_beg       1103 
_struct_ref_seq.pdbx_auth_seq_align_end       1231 
# 
loop_
_struct_ref_seq_dif.align_id 
_struct_ref_seq_dif.pdbx_pdb_id_code 
_struct_ref_seq_dif.mon_id 
_struct_ref_seq_dif.pdbx_pdb_strand_id 
_struct_ref_seq_dif.seq_num 
_struct_ref_seq_dif.pdbx_pdb_ins_code 
_struct_ref_seq_dif.pdbx_seq_db_name 
_struct_ref_seq_dif.pdbx_seq_db_accession_code 
_struct_ref_seq_dif.db_mon_id 
_struct_ref_seq_dif.pdbx_seq_db_seq_num 
_struct_ref_seq_dif.details 
_struct_ref_seq_dif.pdbx_auth_seq_num 
_struct_ref_seq_dif.pdbx_ordinal 
1 3KZJ ALA A 1   ? UNP P08603 ?   ?    'expression tag'      1099 1 
1 3KZJ GLY A 2   ? UNP P08603 ?   ?    'expression tag'      1100 2 
1 3KZJ ILE A 3   ? UNP P08603 ?   ?    'expression tag'      1101 3 
1 3KZJ GLN A 4   ? UNP P08603 ?   ?    'expression tag'      1102 4 
1 3KZJ ALA A 105 ? UNP P08603 ARG 1203 'engineered mutation' 1203 5 
# 
_pdbx_struct_assembly.id                   1 
_pdbx_struct_assembly.details              author_and_software_defined_assembly 
_pdbx_struct_assembly.method_details       PISA 
_pdbx_struct_assembly.oligomeric_details   tetrameric 
_pdbx_struct_assembly.oligomeric_count     4 
# 
loop_
_pdbx_struct_assembly_prop.biol_id 
_pdbx_struct_assembly_prop.type 
_pdbx_struct_assembly_prop.value 
_pdbx_struct_assembly_prop.details 
1 'ABSA (A^2)' 8010  ? 
1 MORE         -40   ? 
1 'SSA (A^2)'  24550 ? 
# 
_pdbx_struct_assembly_gen.assembly_id       1 
_pdbx_struct_assembly_gen.oper_expression   1,2,3,4 
_pdbx_struct_assembly_gen.asym_id_list      A,B,C,D 
# 
loop_
_pdbx_struct_oper_list.id 
_pdbx_struct_oper_list.type 
_pdbx_struct_oper_list.name 
_pdbx_struct_oper_list.symmetry_operation 
_pdbx_struct_oper_list.matrix[1][1] 
_pdbx_struct_oper_list.matrix[1][2] 
_pdbx_struct_oper_list.matrix[1][3] 
_pdbx_struct_oper_list.vector[1] 
_pdbx_struct_oper_list.matrix[2][1] 
_pdbx_struct_oper_list.matrix[2][2] 
_pdbx_struct_oper_list.matrix[2][3] 
_pdbx_struct_oper_list.vector[2] 
_pdbx_struct_oper_list.matrix[3][1] 
_pdbx_struct_oper_list.matrix[3][2] 
_pdbx_struct_oper_list.matrix[3][3] 
_pdbx_struct_oper_list.vector[3] 
1 'identity operation'         1_555  x,y,z                1.0000000000  0.0000000000  0.0000000000  0.0000000000  0.0000000000  1.0000000000  0.0000000000  0.0000000000   0.0000000000  0.0000000000  1.0000000000  0.0000000000   
2 'crystal symmetry operation' 7_455  y-1/2,x+1/2,-z+1/2   -0.1350795501 -0.3280797561 0.9349423452  10.9789580162 -0.3280797561 -0.8755534958 -0.3546403101 -12.3501059913 0.9349423452  -0.3546403101 0.0106330459  -14.4904604428 
3 'crystal symmetry operation' 10_455 -x-1,-y,z            -0.9906322966 0.1313297208  0.0374186759  26.5794374490 0.1313297208  0.8411658534  0.5245879445  -3.4275763911  0.0374186759  0.5245879445  -0.8505335568 5.3757745351   
4 'crystal symmetry operation' 16_445 -y-1/2,-x-1/2,-z+1/2 0.1257118467  0.1967500354  -0.9723610210 13.5391772412 0.1967500354  -0.9656123576 -0.1699476343 -19.9757212046 -0.9723610210 -0.1699476343 -0.1600994891 11.6324987504 
# 
_struct_biol.id        1 
_struct_biol.details   ? 
# 
_struct_conf.conf_type_id            HELX_P 
_struct_conf.id                      HELX_P1 
_struct_conf.pdbx_PDB_helix_id       1 
_struct_conf.beg_label_comp_id       SER 
_struct_conf.beg_label_asym_id       A 
_struct_conf.beg_label_seq_id        72 
_struct_conf.pdbx_beg_PDB_ins_code   ? 
_struct_conf.end_label_comp_id       TYR 
_struct_conf.end_label_asym_id       A 
_struct_conf.end_label_seq_id        79 
_struct_conf.pdbx_end_PDB_ins_code   ? 
_struct_conf.beg_auth_comp_id        SER 
_struct_conf.beg_auth_asym_id        A 
_struct_conf.beg_auth_seq_id         1170 
_struct_conf.end_auth_comp_id        TYR 
_struct_conf.end_auth_asym_id        A 
_struct_conf.end_auth_seq_id         1177 
_struct_conf.pdbx_PDB_helix_class    1 
_struct_conf.details                 ? 
_struct_conf.pdbx_PDB_helix_length   8 
# 
_struct_conf_type.id          HELX_P 
_struct_conf_type.criteria    ? 
_struct_conf_type.reference   ? 
# 
loop_
_struct_conn.id 
_struct_conn.conn_type_id 
_struct_conn.pdbx_leaving_atom_flag 
_struct_conn.pdbx_PDB_id 
_struct_conn.ptnr1_label_asym_id 
_struct_conn.ptnr1_label_comp_id 
_struct_conn.ptnr1_label_seq_id 
_struct_conn.ptnr1_label_atom_id 
_struct_conn.pdbx_ptnr1_label_alt_id 
_struct_conn.pdbx_ptnr1_PDB_ins_code 
_struct_conn.pdbx_ptnr1_standard_comp_id 
_struct_conn.ptnr1_symmetry 
_struct_conn.ptnr2_label_asym_id 
_struct_conn.ptnr2_label_comp_id 
_struct_conn.ptnr2_label_seq_id 
_struct_conn.ptnr2_label_atom_id 
_struct_conn.pdbx_ptnr2_label_alt_id 
_struct_conn.pdbx_ptnr2_PDB_ins_code 
_struct_conn.ptnr1_auth_asym_id 
_struct_conn.ptnr1_auth_comp_id 
_struct_conn.ptnr1_auth_seq_id 
_struct_conn.ptnr2_auth_asym_id 
_struct_conn.ptnr2_auth_comp_id 
_struct_conn.ptnr2_auth_seq_id 
_struct_conn.ptnr2_symmetry 
_struct_conn.pdbx_ptnr3_label_atom_id 
_struct_conn.pdbx_ptnr3_label_seq_id 
_struct_conn.pdbx_ptnr3_label_comp_id 
_struct_conn.pdbx_ptnr3_label_asym_id 
_struct_conn.pdbx_ptnr3_label_alt_id 
_struct_conn.pdbx_ptnr3_PDB_ins_code 
_struct_conn.details 
_struct_conn.pdbx_dist_value 
_struct_conn.pdbx_value_order 
_struct_conn.pdbx_role 
disulf1 disulf ? ? A CYS 11  SG ? ? ? 1_555 A CYS 54  SG ? ? A CYS 1109 A CYS 1152 1_555 ? ? ? ? ? ? ? 2.022 ? ? 
disulf2 disulf ? ? A CYS 40  SG ? ? ? 1_555 A CYS 65  SG ? ? A CYS 1138 A CYS 1163 1_555 ? ? ? ? ? ? ? 2.038 ? ? 
disulf3 disulf ? ? A CYS 69  SG ? ? ? 1_555 A CYS 120 SG ? ? A CYS 1167 A CYS 1218 1_555 ? ? ? ? ? ? ? 2.029 ? ? 
disulf4 disulf ? ? A CYS 103 SG ? ? ? 1_555 A CYS 130 SG ? ? A CYS 1201 A CYS 1228 1_555 ? ? ? ? ? ? ? 2.032 ? ? 
# 
_struct_conn_type.id          disulf 
_struct_conn_type.criteria    ? 
_struct_conn_type.reference   ? 
# 
loop_
_pdbx_modification_feature.ordinal 
_pdbx_modification_feature.label_comp_id 
_pdbx_modification_feature.label_asym_id 
_pdbx_modification_feature.label_seq_id 
_pdbx_modification_feature.label_alt_id 
_pdbx_modification_feature.modified_residue_label_comp_id 
_pdbx_modification_feature.modified_residue_label_asym_id 
_pdbx_modification_feature.modified_residue_label_seq_id 
_pdbx_modification_feature.modified_residue_label_alt_id 
_pdbx_modification_feature.auth_comp_id 
_pdbx_modification_feature.auth_asym_id 
_pdbx_modification_feature.auth_seq_id 
_pdbx_modification_feature.PDB_ins_code 
_pdbx_modification_feature.symmetry 
_pdbx_modification_feature.modified_residue_auth_comp_id 
_pdbx_modification_feature.modified_residue_auth_asym_id 
_pdbx_modification_feature.modified_residue_auth_seq_id 
_pdbx_modification_feature.modified_residue_PDB_ins_code 
_pdbx_modification_feature.modified_residue_symmetry 
_pdbx_modification_feature.comp_id_linking_atom 
_pdbx_modification_feature.modified_residue_id_linking_atom 
_pdbx_modification_feature.modified_residue_id 
_pdbx_modification_feature.ref_pcm_id 
_pdbx_modification_feature.ref_comp_id 
_pdbx_modification_feature.type 
_pdbx_modification_feature.category 
1 CYS A 11  ? CYS A 54  ? CYS A 1109 ? 1_555 CYS A 1152 ? 1_555 SG SG . . . None 'Disulfide bridge' 
2 CYS A 40  ? CYS A 65  ? CYS A 1138 ? 1_555 CYS A 1163 ? 1_555 SG SG . . . None 'Disulfide bridge' 
3 CYS A 69  ? CYS A 120 ? CYS A 1167 ? 1_555 CYS A 1218 ? 1_555 SG SG . . . None 'Disulfide bridge' 
4 CYS A 103 ? CYS A 130 ? CYS A 1201 ? 1_555 CYS A 1228 ? 1_555 SG SG . . . None 'Disulfide bridge' 
# 
loop_
_struct_sheet.id 
_struct_sheet.type 
_struct_sheet.number_strands 
_struct_sheet.details 
A ? 4 ? 
B ? 2 ? 
C ? 2 ? 
D ? 3 ? 
E ? 2 ? 
# 
loop_
_struct_sheet_order.sheet_id 
_struct_sheet_order.range_id_1 
_struct_sheet_order.range_id_2 
_struct_sheet_order.offset 
_struct_sheet_order.sense 
A 1 2 ? anti-parallel 
A 2 3 ? anti-parallel 
A 3 4 ? anti-parallel 
B 1 2 ? anti-parallel 
C 1 2 ? anti-parallel 
D 1 2 ? anti-parallel 
D 2 3 ? anti-parallel 
E 1 2 ? anti-parallel 
# 
loop_
_struct_sheet_range.sheet_id 
_struct_sheet_range.id 
_struct_sheet_range.beg_label_comp_id 
_struct_sheet_range.beg_label_asym_id 
_struct_sheet_range.beg_label_seq_id 
_struct_sheet_range.pdbx_beg_PDB_ins_code 
_struct_sheet_range.end_label_comp_id 
_struct_sheet_range.end_label_asym_id 
_struct_sheet_range.end_label_seq_id 
_struct_sheet_range.pdbx_end_PDB_ins_code 
_struct_sheet_range.beg_auth_comp_id 
_struct_sheet_range.beg_auth_asym_id 
_struct_sheet_range.beg_auth_seq_id 
_struct_sheet_range.end_auth_comp_id 
_struct_sheet_range.end_auth_asym_id 
_struct_sheet_range.end_auth_seq_id 
A 1 GLY A 20  ? ILE A 22  ? GLY A 1118 ILE A 1120 
A 2 SER A 35  ? CYS A 40  ? SER A 1133 CYS A 1138 
A 3 ARG A 51  ? ARG A 55  ? ARG A 1149 ARG A 1153 
A 4 GLN A 58  ? TRP A 59  ? GLN A 1156 TRP A 1157 
B 1 GLN A 45  ? GLU A 47  ? GLN A 1143 GLU A 1145 
B 2 LYS A 64  ? LEU A 66  ? LYS A 1162 LEU A 1164 
C 1 CYS A 69  ? VAL A 70  ? CYS A 1167 VAL A 1168 
C 2 TYR A 92  ? SER A 93  ? TYR A 1190 SER A 1191 
D 1 ILE A 81  ? LEU A 83  ? ILE A 1179 LEU A 1181 
D 2 SER A 98  ? CYS A 103 ? SER A 1196 CYS A 1201 
D 3 ARG A 117 ? THR A 119 ? ARG A 1215 THR A 1217 
E 1 ARG A 108 ? LEU A 109 ? ARG A 1206 LEU A 1207 
E 2 CYS A 130 ? ALA A 131 ? CYS A 1228 ALA A 1229 
# 
loop_
_pdbx_struct_sheet_hbond.sheet_id 
_pdbx_struct_sheet_hbond.range_id_1 
_pdbx_struct_sheet_hbond.range_id_2 
_pdbx_struct_sheet_hbond.range_1_label_atom_id 
_pdbx_struct_sheet_hbond.range_1_label_comp_id 
_pdbx_struct_sheet_hbond.range_1_label_asym_id 
_pdbx_struct_sheet_hbond.range_1_label_seq_id 
_pdbx_struct_sheet_hbond.range_1_PDB_ins_code 
_pdbx_struct_sheet_hbond.range_1_auth_atom_id 
_pdbx_struct_sheet_hbond.range_1_auth_comp_id 
_pdbx_struct_sheet_hbond.range_1_auth_asym_id 
_pdbx_struct_sheet_hbond.range_1_auth_seq_id 
_pdbx_struct_sheet_hbond.range_2_label_atom_id 
_pdbx_struct_sheet_hbond.range_2_label_comp_id 
_pdbx_struct_sheet_hbond.range_2_label_asym_id 
_pdbx_struct_sheet_hbond.range_2_label_seq_id 
_pdbx_struct_sheet_hbond.range_2_PDB_ins_code 
_pdbx_struct_sheet_hbond.range_2_auth_atom_id 
_pdbx_struct_sheet_hbond.range_2_auth_comp_id 
_pdbx_struct_sheet_hbond.range_2_auth_asym_id 
_pdbx_struct_sheet_hbond.range_2_auth_seq_id 
A 1 2 N ASP A 21  ? N ASP A 1119 O GLN A 39  ? O GLN A 1137 
A 2 3 N VAL A 36  ? N VAL A 1134 O ILE A 52  ? O ILE A 1150 
A 3 4 N ARG A 55  ? N ARG A 1153 O GLN A 58  ? O GLN A 1156 
B 1 2 N GLU A 47  ? N GLU A 1145 O LYS A 64  ? O LYS A 1162 
C 1 2 N CYS A 69  ? N CYS A 1167 O SER A 93  ? O SER A 1191 
D 1 2 N ALA A 82  ? N ALA A 1180 O VAL A 102 ? O VAL A 1200 
D 2 3 N VAL A 99  ? N VAL A 1197 O THR A 118 ? O THR A 1216 
E 1 2 N ARG A 108 ? N ARG A 1206 O ALA A 131 ? O ALA A 1229 
# 
loop_
_struct_site.id 
_struct_site.pdbx_evidence_code 
_struct_site.pdbx_auth_asym_id 
_struct_site.pdbx_auth_comp_id 
_struct_site.pdbx_auth_seq_id 
_struct_site.pdbx_auth_ins_code 
_struct_site.pdbx_num_residues 
_struct_site.details 
AC1 Software A SO4 1 ? 5 'BINDING SITE FOR RESIDUE SO4 A 1' 
AC2 Software A SO4 2 ? 8 'BINDING SITE FOR RESIDUE SO4 A 2' 
# 
loop_
_struct_site_gen.id 
_struct_site_gen.site_id 
_struct_site_gen.pdbx_num_res 
_struct_site_gen.label_comp_id 
_struct_site_gen.label_asym_id 
_struct_site_gen.label_seq_id 
_struct_site_gen.pdbx_auth_ins_code 
_struct_site_gen.auth_comp_id 
_struct_site_gen.auth_asym_id 
_struct_site_gen.auth_seq_id 
_struct_site_gen.label_atom_id 
_struct_site_gen.label_alt_id 
_struct_site_gen.symmetry 
_struct_site_gen.details 
1  AC1 5 HOH D .   ? HOH A 272  . ? 1_555 ? 
2  AC1 5 HIS A 114 ? HIS A 1212 . ? 1_555 ? 
3  AC1 5 THR A 118 ? THR A 1216 . ? 1_555 ? 
4  AC1 5 THR A 119 ? THR A 1217 . ? 1_555 ? 
5  AC1 5 TRP A 121 ? TRP A 1219 . ? 1_555 ? 
6  AC2 8 HOH D .   ? HOH A 70   . ? 1_555 ? 
7  AC2 8 HOH D .   ? HOH A 107  . ? 1_555 ? 
8  AC2 8 HOH D .   ? HOH A 135  . ? 1_555 ? 
9  AC2 8 HOH D .   ? HOH A 143  . ? 1_555 ? 
10 AC2 8 THR A 8   ? THR A 1106 . ? 1_555 ? 
11 AC2 8 GLY A 9   ? GLY A 1107 . ? 1_555 ? 
12 AC2 8 LYS A 10  ? LYS A 1108 . ? 1_555 ? 
13 AC2 8 ARG A 73  ? ARG A 1171 . ? 7_455 ? 
# 
_pdbx_entry_details.entry_id                   3KZJ 
_pdbx_entry_details.compound_details           ? 
_pdbx_entry_details.source_details             ? 
_pdbx_entry_details.nonpolymer_details         ? 
_pdbx_entry_details.sequence_details           ? 
_pdbx_entry_details.has_ligand_of_interest     ? 
_pdbx_entry_details.has_protein_modification   Y 
# 
_pdbx_validate_close_contact.id               1 
_pdbx_validate_close_contact.PDB_model_num    1 
_pdbx_validate_close_contact.auth_atom_id_1   O 
_pdbx_validate_close_contact.auth_asym_id_1   A 
_pdbx_validate_close_contact.auth_comp_id_1   HOH 
_pdbx_validate_close_contact.auth_seq_id_1    49 
_pdbx_validate_close_contact.PDB_ins_code_1   ? 
_pdbx_validate_close_contact.label_alt_id_1   ? 
_pdbx_validate_close_contact.auth_atom_id_2   O 
_pdbx_validate_close_contact.auth_asym_id_2   A 
_pdbx_validate_close_contact.auth_comp_id_2   HOH 
_pdbx_validate_close_contact.auth_seq_id_2    241 
_pdbx_validate_close_contact.PDB_ins_code_2   ? 
_pdbx_validate_close_contact.label_alt_id_2   ? 
_pdbx_validate_close_contact.dist             2.14 
# 
_pdbx_validate_torsion.id              1 
_pdbx_validate_torsion.PDB_model_num   1 
_pdbx_validate_torsion.auth_comp_id    ALA 
_pdbx_validate_torsion.auth_asym_id    A 
_pdbx_validate_torsion.auth_seq_id     1131 
_pdbx_validate_torsion.PDB_ins_code    ? 
_pdbx_validate_torsion.label_alt_id    ? 
_pdbx_validate_torsion.phi             83.30 
_pdbx_validate_torsion.psi             -9.58 
# 
loop_
_pdbx_unobs_or_zero_occ_residues.id 
_pdbx_unobs_or_zero_occ_residues.PDB_model_num 
_pdbx_unobs_or_zero_occ_residues.polymer_flag 
_pdbx_unobs_or_zero_occ_residues.occupancy_flag 
_pdbx_unobs_or_zero_occ_residues.auth_asym_id 
_pdbx_unobs_or_zero_occ_residues.auth_comp_id 
_pdbx_unobs_or_zero_occ_residues.auth_seq_id 
_pdbx_unobs_or_zero_occ_residues.PDB_ins_code 
_pdbx_unobs_or_zero_occ_residues.label_asym_id 
_pdbx_unobs_or_zero_occ_residues.label_comp_id 
_pdbx_unobs_or_zero_occ_residues.label_seq_id 
1 1 Y 1 A ALA 1099 ? A ALA 1   
2 1 Y 1 A GLY 1100 ? A GLY 2   
3 1 Y 1 A ILE 1101 ? A ILE 3   
4 1 Y 1 A GLN 1102 ? A GLN 4   
5 1 Y 1 A LYS 1103 ? A LYS 5   
6 1 Y 1 A ASP 1104 ? A ASP 6   
7 1 Y 1 A SER 1105 ? A SER 7   
8 1 Y 1 A ARG 1231 ? A ARG 133 
# 
loop_
_chem_comp_atom.comp_id 
_chem_comp_atom.atom_id 
_chem_comp_atom.type_symbol 
_chem_comp_atom.pdbx_aromatic_flag 
_chem_comp_atom.pdbx_stereo_config 
_chem_comp_atom.pdbx_ordinal 
ALA N    N N N 1   
ALA CA   C N S 2   
ALA C    C N N 3   
ALA O    O N N 4   
ALA CB   C N N 5   
ALA OXT  O N N 6   
ALA H    H N N 7   
ALA H2   H N N 8   
ALA HA   H N N 9   
ALA HB1  H N N 10  
ALA HB2  H N N 11  
ALA HB3  H N N 12  
ALA HXT  H N N 13  
ARG N    N N N 14  
ARG CA   C N S 15  
ARG C    C N N 16  
ARG O    O N N 17  
ARG CB   C N N 18  
ARG CG   C N N 19  
ARG CD   C N N 20  
ARG NE   N N N 21  
ARG CZ   C N N 22  
ARG NH1  N N N 23  
ARG NH2  N N N 24  
ARG OXT  O N N 25  
ARG H    H N N 26  
ARG H2   H N N 27  
ARG HA   H N N 28  
ARG HB2  H N N 29  
ARG HB3  H N N 30  
ARG HG2  H N N 31  
ARG HG3  H N N 32  
ARG HD2  H N N 33  
ARG HD3  H N N 34  
ARG HE   H N N 35  
ARG HH11 H N N 36  
ARG HH12 H N N 37  
ARG HH21 H N N 38  
ARG HH22 H N N 39  
ARG HXT  H N N 40  
ASN N    N N N 41  
ASN CA   C N S 42  
ASN C    C N N 43  
ASN O    O N N 44  
ASN CB   C N N 45  
ASN CG   C N N 46  
ASN OD1  O N N 47  
ASN ND2  N N N 48  
ASN OXT  O N N 49  
ASN H    H N N 50  
ASN H2   H N N 51  
ASN HA   H N N 52  
ASN HB2  H N N 53  
ASN HB3  H N N 54  
ASN HD21 H N N 55  
ASN HD22 H N N 56  
ASN HXT  H N N 57  
ASP N    N N N 58  
ASP CA   C N S 59  
ASP C    C N N 60  
ASP O    O N N 61  
ASP CB   C N N 62  
ASP CG   C N N 63  
ASP OD1  O N N 64  
ASP OD2  O N N 65  
ASP OXT  O N N 66  
ASP H    H N N 67  
ASP H2   H N N 68  
ASP HA   H N N 69  
ASP HB2  H N N 70  
ASP HB3  H N N 71  
ASP HD2  H N N 72  
ASP HXT  H N N 73  
CYS N    N N N 74  
CYS CA   C N R 75  
CYS C    C N N 76  
CYS O    O N N 77  
CYS CB   C N N 78  
CYS SG   S N N 79  
CYS OXT  O N N 80  
CYS H    H N N 81  
CYS H2   H N N 82  
CYS HA   H N N 83  
CYS HB2  H N N 84  
CYS HB3  H N N 85  
CYS HG   H N N 86  
CYS HXT  H N N 87  
GLN N    N N N 88  
GLN CA   C N S 89  
GLN C    C N N 90  
GLN O    O N N 91  
GLN CB   C N N 92  
GLN CG   C N N 93  
GLN CD   C N N 94  
GLN OE1  O N N 95  
GLN NE2  N N N 96  
GLN OXT  O N N 97  
GLN H    H N N 98  
GLN H2   H N N 99  
GLN HA   H N N 100 
GLN HB2  H N N 101 
GLN HB3  H N N 102 
GLN HG2  H N N 103 
GLN HG3  H N N 104 
GLN HE21 H N N 105 
GLN HE22 H N N 106 
GLN HXT  H N N 107 
GLU N    N N N 108 
GLU CA   C N S 109 
GLU C    C N N 110 
GLU O    O N N 111 
GLU CB   C N N 112 
GLU CG   C N N 113 
GLU CD   C N N 114 
GLU OE1  O N N 115 
GLU OE2  O N N 116 
GLU OXT  O N N 117 
GLU H    H N N 118 
GLU H2   H N N 119 
GLU HA   H N N 120 
GLU HB2  H N N 121 
GLU HB3  H N N 122 
GLU HG2  H N N 123 
GLU HG3  H N N 124 
GLU HE2  H N N 125 
GLU HXT  H N N 126 
GLY N    N N N 127 
GLY CA   C N N 128 
GLY C    C N N 129 
GLY O    O N N 130 
GLY OXT  O N N 131 
GLY H    H N N 132 
GLY H2   H N N 133 
GLY HA2  H N N 134 
GLY HA3  H N N 135 
GLY HXT  H N N 136 
HIS N    N N N 137 
HIS CA   C N S 138 
HIS C    C N N 139 
HIS O    O N N 140 
HIS CB   C N N 141 
HIS CG   C Y N 142 
HIS ND1  N Y N 143 
HIS CD2  C Y N 144 
HIS CE1  C Y N 145 
HIS NE2  N Y N 146 
HIS OXT  O N N 147 
HIS H    H N N 148 
HIS H2   H N N 149 
HIS HA   H N N 150 
HIS HB2  H N N 151 
HIS HB3  H N N 152 
HIS HD1  H N N 153 
HIS HD2  H N N 154 
HIS HE1  H N N 155 
HIS HE2  H N N 156 
HIS HXT  H N N 157 
HOH O    O N N 158 
HOH H1   H N N 159 
HOH H2   H N N 160 
ILE N    N N N 161 
ILE CA   C N S 162 
ILE C    C N N 163 
ILE O    O N N 164 
ILE CB   C N S 165 
ILE CG1  C N N 166 
ILE CG2  C N N 167 
ILE CD1  C N N 168 
ILE OXT  O N N 169 
ILE H    H N N 170 
ILE H2   H N N 171 
ILE HA   H N N 172 
ILE HB   H N N 173 
ILE HG12 H N N 174 
ILE HG13 H N N 175 
ILE HG21 H N N 176 
ILE HG22 H N N 177 
ILE HG23 H N N 178 
ILE HD11 H N N 179 
ILE HD12 H N N 180 
ILE HD13 H N N 181 
ILE HXT  H N N 182 
LEU N    N N N 183 
LEU CA   C N S 184 
LEU C    C N N 185 
LEU O    O N N 186 
LEU CB   C N N 187 
LEU CG   C N N 188 
LEU CD1  C N N 189 
LEU CD2  C N N 190 
LEU OXT  O N N 191 
LEU H    H N N 192 
LEU H2   H N N 193 
LEU HA   H N N 194 
LEU HB2  H N N 195 
LEU HB3  H N N 196 
LEU HG   H N N 197 
LEU HD11 H N N 198 
LEU HD12 H N N 199 
LEU HD13 H N N 200 
LEU HD21 H N N 201 
LEU HD22 H N N 202 
LEU HD23 H N N 203 
LEU HXT  H N N 204 
LYS N    N N N 205 
LYS CA   C N S 206 
LYS C    C N N 207 
LYS O    O N N 208 
LYS CB   C N N 209 
LYS CG   C N N 210 
LYS CD   C N N 211 
LYS CE   C N N 212 
LYS NZ   N N N 213 
LYS OXT  O N N 214 
LYS H    H N N 215 
LYS H2   H N N 216 
LYS HA   H N N 217 
LYS HB2  H N N 218 
LYS HB3  H N N 219 
LYS HG2  H N N 220 
LYS HG3  H N N 221 
LYS HD2  H N N 222 
LYS HD3  H N N 223 
LYS HE2  H N N 224 
LYS HE3  H N N 225 
LYS HZ1  H N N 226 
LYS HZ2  H N N 227 
LYS HZ3  H N N 228 
LYS HXT  H N N 229 
MET N    N N N 230 
MET CA   C N S 231 
MET C    C N N 232 
MET O    O N N 233 
MET CB   C N N 234 
MET CG   C N N 235 
MET SD   S N N 236 
MET CE   C N N 237 
MET OXT  O N N 238 
MET H    H N N 239 
MET H2   H N N 240 
MET HA   H N N 241 
MET HB2  H N N 242 
MET HB3  H N N 243 
MET HG2  H N N 244 
MET HG3  H N N 245 
MET HE1  H N N 246 
MET HE2  H N N 247 
MET HE3  H N N 248 
MET HXT  H N N 249 
PHE N    N N N 250 
PHE CA   C N S 251 
PHE C    C N N 252 
PHE O    O N N 253 
PHE CB   C N N 254 
PHE CG   C Y N 255 
PHE CD1  C Y N 256 
PHE CD2  C Y N 257 
PHE CE1  C Y N 258 
PHE CE2  C Y N 259 
PHE CZ   C Y N 260 
PHE OXT  O N N 261 
PHE H    H N N 262 
PHE H2   H N N 263 
PHE HA   H N N 264 
PHE HB2  H N N 265 
PHE HB3  H N N 266 
PHE HD1  H N N 267 
PHE HD2  H N N 268 
PHE HE1  H N N 269 
PHE HE2  H N N 270 
PHE HZ   H N N 271 
PHE HXT  H N N 272 
PRO N    N N N 273 
PRO CA   C N S 274 
PRO C    C N N 275 
PRO O    O N N 276 
PRO CB   C N N 277 
PRO CG   C N N 278 
PRO CD   C N N 279 
PRO OXT  O N N 280 
PRO H    H N N 281 
PRO HA   H N N 282 
PRO HB2  H N N 283 
PRO HB3  H N N 284 
PRO HG2  H N N 285 
PRO HG3  H N N 286 
PRO HD2  H N N 287 
PRO HD3  H N N 288 
PRO HXT  H N N 289 
SER N    N N N 290 
SER CA   C N S 291 
SER C    C N N 292 
SER O    O N N 293 
SER CB   C N N 294 
SER OG   O N N 295 
SER OXT  O N N 296 
SER H    H N N 297 
SER H2   H N N 298 
SER HA   H N N 299 
SER HB2  H N N 300 
SER HB3  H N N 301 
SER HG   H N N 302 
SER HXT  H N N 303 
SO4 S    S N N 304 
SO4 O1   O N N 305 
SO4 O2   O N N 306 
SO4 O3   O N N 307 
SO4 O4   O N N 308 
THR N    N N N 309 
THR CA   C N S 310 
THR C    C N N 311 
THR O    O N N 312 
THR CB   C N R 313 
THR OG1  O N N 314 
THR CG2  C N N 315 
THR OXT  O N N 316 
THR H    H N N 317 
THR H2   H N N 318 
THR HA   H N N 319 
THR HB   H N N 320 
THR HG1  H N N 321 
THR HG21 H N N 322 
THR HG22 H N N 323 
THR HG23 H N N 324 
THR HXT  H N N 325 
TRP N    N N N 326 
TRP CA   C N S 327 
TRP C    C N N 328 
TRP O    O N N 329 
TRP CB   C N N 330 
TRP CG   C Y N 331 
TRP CD1  C Y N 332 
TRP CD2  C Y N 333 
TRP NE1  N Y N 334 
TRP CE2  C Y N 335 
TRP CE3  C Y N 336 
TRP CZ2  C Y N 337 
TRP CZ3  C Y N 338 
TRP CH2  C Y N 339 
TRP OXT  O N N 340 
TRP H    H N N 341 
TRP H2   H N N 342 
TRP HA   H N N 343 
TRP HB2  H N N 344 
TRP HB3  H N N 345 
TRP HD1  H N N 346 
TRP HE1  H N N 347 
TRP HE3  H N N 348 
TRP HZ2  H N N 349 
TRP HZ3  H N N 350 
TRP HH2  H N N 351 
TRP HXT  H N N 352 
TYR N    N N N 353 
TYR CA   C N S 354 
TYR C    C N N 355 
TYR O    O N N 356 
TYR CB   C N N 357 
TYR CG   C Y N 358 
TYR CD1  C Y N 359 
TYR CD2  C Y N 360 
TYR CE1  C Y N 361 
TYR CE2  C Y N 362 
TYR CZ   C Y N 363 
TYR OH   O N N 364 
TYR OXT  O N N 365 
TYR H    H N N 366 
TYR H2   H N N 367 
TYR HA   H N N 368 
TYR HB2  H N N 369 
TYR HB3  H N N 370 
TYR HD1  H N N 371 
TYR HD2  H N N 372 
TYR HE1  H N N 373 
TYR HE2  H N N 374 
TYR HH   H N N 375 
TYR HXT  H N N 376 
VAL N    N N N 377 
VAL CA   C N S 378 
VAL C    C N N 379 
VAL O    O N N 380 
VAL CB   C N N 381 
VAL CG1  C N N 382 
VAL CG2  C N N 383 
VAL OXT  O N N 384 
VAL H    H N N 385 
VAL H2   H N N 386 
VAL HA   H N N 387 
VAL HB   H N N 388 
VAL HG11 H N N 389 
VAL HG12 H N N 390 
VAL HG13 H N N 391 
VAL HG21 H N N 392 
VAL HG22 H N N 393 
VAL HG23 H N N 394 
VAL HXT  H N N 395 
# 
loop_
_chem_comp_bond.comp_id 
_chem_comp_bond.atom_id_1 
_chem_comp_bond.atom_id_2 
_chem_comp_bond.value_order 
_chem_comp_bond.pdbx_aromatic_flag 
_chem_comp_bond.pdbx_stereo_config 
_chem_comp_bond.pdbx_ordinal 
ALA N   CA   sing N N 1   
ALA N   H    sing N N 2   
ALA N   H2   sing N N 3   
ALA CA  C    sing N N 4   
ALA CA  CB   sing N N 5   
ALA CA  HA   sing N N 6   
ALA C   O    doub N N 7   
ALA C   OXT  sing N N 8   
ALA CB  HB1  sing N N 9   
ALA CB  HB2  sing N N 10  
ALA CB  HB3  sing N N 11  
ALA OXT HXT  sing N N 12  
ARG N   CA   sing N N 13  
ARG N   H    sing N N 14  
ARG N   H2   sing N N 15  
ARG CA  C    sing N N 16  
ARG CA  CB   sing N N 17  
ARG CA  HA   sing N N 18  
ARG C   O    doub N N 19  
ARG C   OXT  sing N N 20  
ARG CB  CG   sing N N 21  
ARG CB  HB2  sing N N 22  
ARG CB  HB3  sing N N 23  
ARG CG  CD   sing N N 24  
ARG CG  HG2  sing N N 25  
ARG CG  HG3  sing N N 26  
ARG CD  NE   sing N N 27  
ARG CD  HD2  sing N N 28  
ARG CD  HD3  sing N N 29  
ARG NE  CZ   sing N N 30  
ARG NE  HE   sing N N 31  
ARG CZ  NH1  sing N N 32  
ARG CZ  NH2  doub N N 33  
ARG NH1 HH11 sing N N 34  
ARG NH1 HH12 sing N N 35  
ARG NH2 HH21 sing N N 36  
ARG NH2 HH22 sing N N 37  
ARG OXT HXT  sing N N 38  
ASN N   CA   sing N N 39  
ASN N   H    sing N N 40  
ASN N   H2   sing N N 41  
ASN CA  C    sing N N 42  
ASN CA  CB   sing N N 43  
ASN CA  HA   sing N N 44  
ASN C   O    doub N N 45  
ASN C   OXT  sing N N 46  
ASN CB  CG   sing N N 47  
ASN CB  HB2  sing N N 48  
ASN CB  HB3  sing N N 49  
ASN CG  OD1  doub N N 50  
ASN CG  ND2  sing N N 51  
ASN ND2 HD21 sing N N 52  
ASN ND2 HD22 sing N N 53  
ASN OXT HXT  sing N N 54  
ASP N   CA   sing N N 55  
ASP N   H    sing N N 56  
ASP N   H2   sing N N 57  
ASP CA  C    sing N N 58  
ASP CA  CB   sing N N 59  
ASP CA  HA   sing N N 60  
ASP C   O    doub N N 61  
ASP C   OXT  sing N N 62  
ASP CB  CG   sing N N 63  
ASP CB  HB2  sing N N 64  
ASP CB  HB3  sing N N 65  
ASP CG  OD1  doub N N 66  
ASP CG  OD2  sing N N 67  
ASP OD2 HD2  sing N N 68  
ASP OXT HXT  sing N N 69  
CYS N   CA   sing N N 70  
CYS N   H    sing N N 71  
CYS N   H2   sing N N 72  
CYS CA  C    sing N N 73  
CYS CA  CB   sing N N 74  
CYS CA  HA   sing N N 75  
CYS C   O    doub N N 76  
CYS C   OXT  sing N N 77  
CYS CB  SG   sing N N 78  
CYS CB  HB2  sing N N 79  
CYS CB  HB3  sing N N 80  
CYS SG  HG   sing N N 81  
CYS OXT HXT  sing N N 82  
GLN N   CA   sing N N 83  
GLN N   H    sing N N 84  
GLN N   H2   sing N N 85  
GLN CA  C    sing N N 86  
GLN CA  CB   sing N N 87  
GLN CA  HA   sing N N 88  
GLN C   O    doub N N 89  
GLN C   OXT  sing N N 90  
GLN CB  CG   sing N N 91  
GLN CB  HB2  sing N N 92  
GLN CB  HB3  sing N N 93  
GLN CG  CD   sing N N 94  
GLN CG  HG2  sing N N 95  
GLN CG  HG3  sing N N 96  
GLN CD  OE1  doub N N 97  
GLN CD  NE2  sing N N 98  
GLN NE2 HE21 sing N N 99  
GLN NE2 HE22 sing N N 100 
GLN OXT HXT  sing N N 101 
GLU N   CA   sing N N 102 
GLU N   H    sing N N 103 
GLU N   H2   sing N N 104 
GLU CA  C    sing N N 105 
GLU CA  CB   sing N N 106 
GLU CA  HA   sing N N 107 
GLU C   O    doub N N 108 
GLU C   OXT  sing N N 109 
GLU CB  CG   sing N N 110 
GLU CB  HB2  sing N N 111 
GLU CB  HB3  sing N N 112 
GLU CG  CD   sing N N 113 
GLU CG  HG2  sing N N 114 
GLU CG  HG3  sing N N 115 
GLU CD  OE1  doub N N 116 
GLU CD  OE2  sing N N 117 
GLU OE2 HE2  sing N N 118 
GLU OXT HXT  sing N N 119 
GLY N   CA   sing N N 120 
GLY N   H    sing N N 121 
GLY N   H2   sing N N 122 
GLY CA  C    sing N N 123 
GLY CA  HA2  sing N N 124 
GLY CA  HA3  sing N N 125 
GLY C   O    doub N N 126 
GLY C   OXT  sing N N 127 
GLY OXT HXT  sing N N 128 
HIS N   CA   sing N N 129 
HIS N   H    sing N N 130 
HIS N   H2   sing N N 131 
HIS CA  C    sing N N 132 
HIS CA  CB   sing N N 133 
HIS CA  HA   sing N N 134 
HIS C   O    doub N N 135 
HIS C   OXT  sing N N 136 
HIS CB  CG   sing N N 137 
HIS CB  HB2  sing N N 138 
HIS CB  HB3  sing N N 139 
HIS CG  ND1  sing Y N 140 
HIS CG  CD2  doub Y N 141 
HIS ND1 CE1  doub Y N 142 
HIS ND1 HD1  sing N N 143 
HIS CD2 NE2  sing Y N 144 
HIS CD2 HD2  sing N N 145 
HIS CE1 NE2  sing Y N 146 
HIS CE1 HE1  sing N N 147 
HIS NE2 HE2  sing N N 148 
HIS OXT HXT  sing N N 149 
HOH O   H1   sing N N 150 
HOH O   H2   sing N N 151 
ILE N   CA   sing N N 152 
ILE N   H    sing N N 153 
ILE N   H2   sing N N 154 
ILE CA  C    sing N N 155 
ILE CA  CB   sing N N 156 
ILE CA  HA   sing N N 157 
ILE C   O    doub N N 158 
ILE C   OXT  sing N N 159 
ILE CB  CG1  sing N N 160 
ILE CB  CG2  sing N N 161 
ILE CB  HB   sing N N 162 
ILE CG1 CD1  sing N N 163 
ILE CG1 HG12 sing N N 164 
ILE CG1 HG13 sing N N 165 
ILE CG2 HG21 sing N N 166 
ILE CG2 HG22 sing N N 167 
ILE CG2 HG23 sing N N 168 
ILE CD1 HD11 sing N N 169 
ILE CD1 HD12 sing N N 170 
ILE CD1 HD13 sing N N 171 
ILE OXT HXT  sing N N 172 
LEU N   CA   sing N N 173 
LEU N   H    sing N N 174 
LEU N   H2   sing N N 175 
LEU CA  C    sing N N 176 
LEU CA  CB   sing N N 177 
LEU CA  HA   sing N N 178 
LEU C   O    doub N N 179 
LEU C   OXT  sing N N 180 
LEU CB  CG   sing N N 181 
LEU CB  HB2  sing N N 182 
LEU CB  HB3  sing N N 183 
LEU CG  CD1  sing N N 184 
LEU CG  CD2  sing N N 185 
LEU CG  HG   sing N N 186 
LEU CD1 HD11 sing N N 187 
LEU CD1 HD12 sing N N 188 
LEU CD1 HD13 sing N N 189 
LEU CD2 HD21 sing N N 190 
LEU CD2 HD22 sing N N 191 
LEU CD2 HD23 sing N N 192 
LEU OXT HXT  sing N N 193 
LYS N   CA   sing N N 194 
LYS N   H    sing N N 195 
LYS N   H2   sing N N 196 
LYS CA  C    sing N N 197 
LYS CA  CB   sing N N 198 
LYS CA  HA   sing N N 199 
LYS C   O    doub N N 200 
LYS C   OXT  sing N N 201 
LYS CB  CG   sing N N 202 
LYS CB  HB2  sing N N 203 
LYS CB  HB3  sing N N 204 
LYS CG  CD   sing N N 205 
LYS CG  HG2  sing N N 206 
LYS CG  HG3  sing N N 207 
LYS CD  CE   sing N N 208 
LYS CD  HD2  sing N N 209 
LYS CD  HD3  sing N N 210 
LYS CE  NZ   sing N N 211 
LYS CE  HE2  sing N N 212 
LYS CE  HE3  sing N N 213 
LYS NZ  HZ1  sing N N 214 
LYS NZ  HZ2  sing N N 215 
LYS NZ  HZ3  sing N N 216 
LYS OXT HXT  sing N N 217 
MET N   CA   sing N N 218 
MET N   H    sing N N 219 
MET N   H2   sing N N 220 
MET CA  C    sing N N 221 
MET CA  CB   sing N N 222 
MET CA  HA   sing N N 223 
MET C   O    doub N N 224 
MET C   OXT  sing N N 225 
MET CB  CG   sing N N 226 
MET CB  HB2  sing N N 227 
MET CB  HB3  sing N N 228 
MET CG  SD   sing N N 229 
MET CG  HG2  sing N N 230 
MET CG  HG3  sing N N 231 
MET SD  CE   sing N N 232 
MET CE  HE1  sing N N 233 
MET CE  HE2  sing N N 234 
MET CE  HE3  sing N N 235 
MET OXT HXT  sing N N 236 
PHE N   CA   sing N N 237 
PHE N   H    sing N N 238 
PHE N   H2   sing N N 239 
PHE CA  C    sing N N 240 
PHE CA  CB   sing N N 241 
PHE CA  HA   sing N N 242 
PHE C   O    doub N N 243 
PHE C   OXT  sing N N 244 
PHE CB  CG   sing N N 245 
PHE CB  HB2  sing N N 246 
PHE CB  HB3  sing N N 247 
PHE CG  CD1  doub Y N 248 
PHE CG  CD2  sing Y N 249 
PHE CD1 CE1  sing Y N 250 
PHE CD1 HD1  sing N N 251 
PHE CD2 CE2  doub Y N 252 
PHE CD2 HD2  sing N N 253 
PHE CE1 CZ   doub Y N 254 
PHE CE1 HE1  sing N N 255 
PHE CE2 CZ   sing Y N 256 
PHE CE2 HE2  sing N N 257 
PHE CZ  HZ   sing N N 258 
PHE OXT HXT  sing N N 259 
PRO N   CA   sing N N 260 
PRO N   CD   sing N N 261 
PRO N   H    sing N N 262 
PRO CA  C    sing N N 263 
PRO CA  CB   sing N N 264 
PRO CA  HA   sing N N 265 
PRO C   O    doub N N 266 
PRO C   OXT  sing N N 267 
PRO CB  CG   sing N N 268 
PRO CB  HB2  sing N N 269 
PRO CB  HB3  sing N N 270 
PRO CG  CD   sing N N 271 
PRO CG  HG2  sing N N 272 
PRO CG  HG3  sing N N 273 
PRO CD  HD2  sing N N 274 
PRO CD  HD3  sing N N 275 
PRO OXT HXT  sing N N 276 
SER N   CA   sing N N 277 
SER N   H    sing N N 278 
SER N   H2   sing N N 279 
SER CA  C    sing N N 280 
SER CA  CB   sing N N 281 
SER CA  HA   sing N N 282 
SER C   O    doub N N 283 
SER C   OXT  sing N N 284 
SER CB  OG   sing N N 285 
SER CB  HB2  sing N N 286 
SER CB  HB3  sing N N 287 
SER OG  HG   sing N N 288 
SER OXT HXT  sing N N 289 
SO4 S   O1   doub N N 290 
SO4 S   O2   doub N N 291 
SO4 S   O3   sing N N 292 
SO4 S   O4   sing N N 293 
THR N   CA   sing N N 294 
THR N   H    sing N N 295 
THR N   H2   sing N N 296 
THR CA  C    sing N N 297 
THR CA  CB   sing N N 298 
THR CA  HA   sing N N 299 
THR C   O    doub N N 300 
THR C   OXT  sing N N 301 
THR CB  OG1  sing N N 302 
THR CB  CG2  sing N N 303 
THR CB  HB   sing N N 304 
THR OG1 HG1  sing N N 305 
THR CG2 HG21 sing N N 306 
THR CG2 HG22 sing N N 307 
THR CG2 HG23 sing N N 308 
THR OXT HXT  sing N N 309 
TRP N   CA   sing N N 310 
TRP N   H    sing N N 311 
TRP N   H2   sing N N 312 
TRP CA  C    sing N N 313 
TRP CA  CB   sing N N 314 
TRP CA  HA   sing N N 315 
TRP C   O    doub N N 316 
TRP C   OXT  sing N N 317 
TRP CB  CG   sing N N 318 
TRP CB  HB2  sing N N 319 
TRP CB  HB3  sing N N 320 
TRP CG  CD1  doub Y N 321 
TRP CG  CD2  sing Y N 322 
TRP CD1 NE1  sing Y N 323 
TRP CD1 HD1  sing N N 324 
TRP CD2 CE2  doub Y N 325 
TRP CD2 CE3  sing Y N 326 
TRP NE1 CE2  sing Y N 327 
TRP NE1 HE1  sing N N 328 
TRP CE2 CZ2  sing Y N 329 
TRP CE3 CZ3  doub Y N 330 
TRP CE3 HE3  sing N N 331 
TRP CZ2 CH2  doub Y N 332 
TRP CZ2 HZ2  sing N N 333 
TRP CZ3 CH2  sing Y N 334 
TRP CZ3 HZ3  sing N N 335 
TRP CH2 HH2  sing N N 336 
TRP OXT HXT  sing N N 337 
TYR N   CA   sing N N 338 
TYR N   H    sing N N 339 
TYR N   H2   sing N N 340 
TYR CA  C    sing N N 341 
TYR CA  CB   sing N N 342 
TYR CA  HA   sing N N 343 
TYR C   O    doub N N 344 
TYR C   OXT  sing N N 345 
TYR CB  CG   sing N N 346 
TYR CB  HB2  sing N N 347 
TYR CB  HB3  sing N N 348 
TYR CG  CD1  doub Y N 349 
TYR CG  CD2  sing Y N 350 
TYR CD1 CE1  sing Y N 351 
TYR CD1 HD1  sing N N 352 
TYR CD2 CE2  doub Y N 353 
TYR CD2 HD2  sing N N 354 
TYR CE1 CZ   doub Y N 355 
TYR CE1 HE1  sing N N 356 
TYR CE2 CZ   sing Y N 357 
TYR CE2 HE2  sing N N 358 
TYR CZ  OH   sing N N 359 
TYR OH  HH   sing N N 360 
TYR OXT HXT  sing N N 361 
VAL N   CA   sing N N 362 
VAL N   H    sing N N 363 
VAL N   H2   sing N N 364 
VAL CA  C    sing N N 365 
VAL CA  CB   sing N N 366 
VAL CA  HA   sing N N 367 
VAL C   O    doub N N 368 
VAL C   OXT  sing N N 369 
VAL CB  CG1  sing N N 370 
VAL CB  CG2  sing N N 371 
VAL CB  HB   sing N N 372 
VAL CG1 HG11 sing N N 373 
VAL CG1 HG12 sing N N 374 
VAL CG1 HG13 sing N N 375 
VAL CG2 HG21 sing N N 376 
VAL CG2 HG22 sing N N 377 
VAL CG2 HG23 sing N N 378 
VAL OXT HXT  sing N N 379 
# 
_pdbx_initial_refinement_model.id               1 
_pdbx_initial_refinement_model.entity_id_list   ? 
_pdbx_initial_refinement_model.type             'experimental model' 
_pdbx_initial_refinement_model.source_name      PDB 
_pdbx_initial_refinement_model.accession_code   2G7I 
_pdbx_initial_refinement_model.details          'PDB ENTRY 2G7I' 
# 
_atom_sites.entry_id                    3KZJ 
_atom_sites.fract_transf_matrix[1][1]   -0.01089081 
_atom_sites.fract_transf_matrix[1][2]   0.00091530 
_atom_sites.fract_transf_matrix[1][3]   -0.00048596 
_atom_sites.fract_transf_matrix[2][1]   0.00071649 
_atom_sites.fract_transf_matrix[2][2]   0.00294400 
_atom_sites.fract_transf_matrix[2][3]   -0.01051205 
_atom_sites.fract_transf_matrix[3][1]   -0.00061732 
_atom_sites.fract_transf_matrix[3][2]   -0.00865442 
_atom_sites.fract_transf_matrix[3][3]   -0.00246583 
_atom_sites.fract_transf_vector[1]      -0.352402 
_atom_sites.fract_transf_vector[2]      0.023779 
_atom_sites.fract_transf_vector[3]      0.182071 
# 
loop_
_atom_type.symbol 
C 
N 
O 
S 
# 
loop_
_atom_site.group_PDB 
_atom_site.id 
_atom_site.type_symbol 
_atom_site.label_atom_id 
_atom_site.label_alt_id 
_atom_site.label_comp_id 
_atom_site.label_asym_id 
_atom_site.label_entity_id 
_atom_site.label_seq_id 
_atom_site.pdbx_PDB_ins_code 
_atom_site.Cartn_x 
_atom_site.Cartn_y 
_atom_site.Cartn_z 
_atom_site.occupancy 
_atom_site.B_iso_or_equiv 
_atom_site.pdbx_formal_charge 
_atom_site.auth_seq_id 
_atom_site.auth_comp_id 
_atom_site.auth_asym_id 
_atom_site.auth_atom_id 
_atom_site.pdbx_PDB_model_num 
ATOM   1    N N   . THR A 1 8   ? -9.011  -36.861 -5.267  1.00 43.39 ? 1106 THR A N   1 
ATOM   2    C CA  . THR A 1 8   ? -9.187  -35.829 -6.278  1.00 39.04 ? 1106 THR A CA  1 
ATOM   3    C C   . THR A 1 8   ? -8.843  -34.456 -5.706  1.00 32.05 ? 1106 THR A C   1 
ATOM   4    O O   . THR A 1 8   ? -8.847  -34.267 -4.495  1.00 35.49 ? 1106 THR A O   1 
ATOM   5    C CB  . THR A 1 8   ? -10.654 -35.792 -6.789  1.00 37.23 ? 1106 THR A CB  1 
ATOM   6    O OG1 . THR A 1 8   ? -10.703 -35.168 -8.077  1.00 46.74 ? 1106 THR A OG1 1 
ATOM   7    C CG2 . THR A 1 8   ? -11.544 -35.008 -5.829  1.00 32.71 ? 1106 THR A CG2 1 
ATOM   8    N N   . GLY A 1 9   ? -8.536  -33.505 -6.581  1.00 24.01 ? 1107 GLY A N   1 
ATOM   9    C CA  . GLY A 1 9   ? -8.517  -32.112 -6.187  1.00 24.78 ? 1107 GLY A CA  1 
ATOM   10   C C   . GLY A 1 9   ? -7.204  -31.567 -5.658  1.00 19.43 ? 1107 GLY A C   1 
ATOM   11   O O   . GLY A 1 9   ? -7.204  -30.526 -5.009  1.00 17.60 ? 1107 GLY A O   1 
ATOM   12   N N   . LYS A 1 10  ? -6.095  -32.248 -5.928  1.00 19.24 ? 1108 LYS A N   1 
ATOM   13   C CA  . LYS A 1 10  ? -4.790  -31.709 -5.532  1.00 17.08 ? 1108 LYS A CA  1 
ATOM   14   C C   . LYS A 1 10  ? -4.449  -30.425 -6.294  1.00 16.82 ? 1108 LYS A C   1 
ATOM   15   O O   . LYS A 1 10  ? -4.889  -30.228 -7.438  1.00 17.42 ? 1108 LYS A O   1 
ATOM   16   C CB  . LYS A 1 10  ? -3.697  -32.761 -5.778  1.00 17.55 ? 1108 LYS A CB  1 
ATOM   17   C CG  . LYS A 1 10  ? -3.848  -33.974 -4.909  1.00 20.25 ? 1108 LYS A CG  1 
ATOM   18   C CD  . LYS A 1 10  ? -2.842  -35.047 -5.324  1.00 26.79 ? 1108 LYS A CD  1 
ATOM   19   C CE  . LYS A 1 10  ? -3.092  -36.331 -4.562  1.00 33.52 ? 1108 LYS A CE  1 
ATOM   20   N NZ  . LYS A 1 10  ? -2.177  -37.412 -5.029  1.00 42.09 ? 1108 LYS A NZ  1 
ATOM   21   N N   . CYS A 1 11  ? -3.626  -29.564 -5.684  1.00 14.79 ? 1109 CYS A N   1 
ATOM   22   C CA  . CYS A 1 11  ? -3.198  -28.332 -6.337  1.00 14.06 ? 1109 CYS A CA  1 
ATOM   23   C C   . CYS A 1 11  ? -1.693  -28.380 -6.641  1.00 14.16 ? 1109 CYS A C   1 
ATOM   24   O O   . CYS A 1 11  ? -0.946  -29.146 -6.013  1.00 17.26 ? 1109 CYS A O   1 
ATOM   25   C CB  . CYS A 1 11  ? -3.485  -27.118 -5.440  1.00 13.91 ? 1109 CYS A CB  1 
ATOM   26   S SG  . CYS A 1 11  ? -5.254  -26.920 -5.030  1.00 18.44 ? 1109 CYS A SG  1 
ATOM   27   N N   . GLY A 1 12  ? -1.268  -27.561 -7.593  1.00 15.12 ? 1110 GLY A N   1 
ATOM   28   C CA  . GLY A 1 12  ? 0.145   -27.350 -7.856  1.00 15.08 ? 1110 GLY A CA  1 
ATOM   29   C C   . GLY A 1 12  ? 0.733   -26.219 -7.021  1.00 15.07 ? 1110 GLY A C   1 
ATOM   30   O O   . GLY A 1 12  ? 0.173   -25.779 -6.006  1.00 14.98 ? 1110 GLY A O   1 
ATOM   31   N N   . PRO A 1 13  ? 1.924   -25.751 -7.416  1.00 16.17 ? 1111 PRO A N   1 
ATOM   32   C CA  . PRO A 1 13  ? 2.590   -24.729 -6.599  1.00 14.18 ? 1111 PRO A CA  1 
ATOM   33   C C   . PRO A 1 13  ? 1.765   -23.433 -6.540  1.00 16.99 ? 1111 PRO A C   1 
ATOM   34   O O   . PRO A 1 13  ? 1.110   -23.046 -7.527  1.00 17.99 ? 1111 PRO A O   1 
ATOM   35   C CB  . PRO A 1 13  ? 3.915   -24.481 -7.341  1.00 17.50 ? 1111 PRO A CB  1 
ATOM   36   C CG  . PRO A 1 13  ? 4.161   -25.744 -8.144  1.00 19.17 ? 1111 PRO A CG  1 
ATOM   37   C CD  . PRO A 1 13  ? 2.762   -26.278 -8.508  1.00 15.74 ? 1111 PRO A CD  1 
ATOM   38   N N   . PRO A 1 14  ? 1.776   -22.762 -5.383  1.00 16.34 ? 1112 PRO A N   1 
ATOM   39   C CA  . PRO A 1 14  ? 0.965   -21.544 -5.224  1.00 16.16 ? 1112 PRO A CA  1 
ATOM   40   C C   . PRO A 1 14  ? 1.466   -20.382 -6.090  1.00 17.23 ? 1112 PRO A C   1 
ATOM   41   O O   . PRO A 1 14  ? 2.644   -20.329 -6.405  1.00 19.23 ? 1112 PRO A O   1 
ATOM   42   C CB  . PRO A 1 14  ? 1.072   -21.234 -3.722  1.00 17.92 ? 1112 PRO A CB  1 
ATOM   43   C CG  . PRO A 1 14  ? 2.278   -21.979 -3.257  1.00 21.77 ? 1112 PRO A CG  1 
ATOM   44   C CD  . PRO A 1 14  ? 2.418   -23.184 -4.126  1.00 16.95 ? 1112 PRO A CD  1 
ATOM   45   N N   . PRO A 1 15  ? 0.559   -19.489 -6.499  1.00 18.02 ? 1113 PRO A N   1 
ATOM   46   C CA  . PRO A 1 15  ? 0.846   -18.388 -7.423  1.00 21.35 ? 1113 PRO A CA  1 
ATOM   47   C C   . PRO A 1 15  ? 1.705   -17.287 -6.768  1.00 23.64 ? 1113 PRO A C   1 
ATOM   48   O O   . PRO A 1 15  ? 1.501   -16.930 -5.604  1.00 21.09 ? 1113 PRO A O   1 
ATOM   49   C CB  . PRO A 1 15  ? -0.542  -17.824 -7.729  1.00 20.85 ? 1113 PRO A CB  1 
ATOM   50   C CG  . PRO A 1 15  ? -1.396  -18.216 -6.575  1.00 25.23 ? 1113 PRO A CG  1 
ATOM   51   C CD  . PRO A 1 15  ? -0.860  -19.538 -6.097  1.00 18.63 ? 1113 PRO A CD  1 
ATOM   52   N N   . PRO A 1 16  ? 2.687   -16.761 -7.502  1.00 23.88 ? 1114 PRO A N   1 
ATOM   53   C CA  . PRO A 1 16  ? 3.364   -15.550 -7.039  1.00 23.53 ? 1114 PRO A CA  1 
ATOM   54   C C   . PRO A 1 16  ? 2.390   -14.387 -7.064  1.00 20.27 ? 1114 PRO A C   1 
ATOM   55   O O   . PRO A 1 16  ? 1.485   -14.367 -7.906  1.00 23.93 ? 1114 PRO A O   1 
ATOM   56   C CB  . PRO A 1 16  ? 4.455   -15.337 -8.097  1.00 26.66 ? 1114 PRO A CB  1 
ATOM   57   C CG  . PRO A 1 16  ? 4.669   -16.705 -8.697  1.00 29.14 ? 1114 PRO A CG  1 
ATOM   58   C CD  . PRO A 1 16  ? 3.296   -17.302 -8.730  1.00 26.24 ? 1114 PRO A CD  1 
ATOM   59   N N   . ILE A 1 17  ? 2.538   -13.443 -6.132  1.00 19.68 ? 1115 ILE A N   1 
ATOM   60   C CA  . ILE A 1 17  ? 1.816   -12.175 -6.215  1.00 18.30 ? 1115 ILE A CA  1 
ATOM   61   C C   . ILE A 1 17  ? 2.811   -11.025 -6.209  1.00 15.22 ? 1115 ILE A C   1 
ATOM   62   O O   . ILE A 1 17  ? 3.920   -11.148 -5.653  1.00 15.98 ? 1115 ILE A O   1 
ATOM   63   C CB  . ILE A 1 17  ? 0.778   -11.983 -5.078  1.00 18.51 ? 1115 ILE A CB  1 
ATOM   64   C CG1 . ILE A 1 17  ? 1.442   -11.879 -3.704  1.00 19.56 ? 1115 ILE A CG1 1 
ATOM   65   C CG2 . ILE A 1 17  ? -0.255  -13.123 -5.113  1.00 20.14 ? 1115 ILE A CG2 1 
ATOM   66   C CD1 . ILE A 1 17  ? 0.408   -11.606 -2.572  1.00 18.95 ? 1115 ILE A CD1 1 
ATOM   67   N N   . ASP A 1 18  ? 2.418   -9.908  -6.815  1.00 15.43 ? 1116 ASP A N   1 
ATOM   68   C CA  . ASP A 1 18  ? 3.300   -8.738  -6.812  1.00 14.65 ? 1116 ASP A CA  1 
ATOM   69   C C   . ASP A 1 18  ? 3.537   -8.252  -5.382  1.00 14.66 ? 1116 ASP A C   1 
ATOM   70   O O   . ASP A 1 18  ? 2.596   -8.115  -4.577  1.00 16.72 ? 1116 ASP A O   1 
ATOM   71   C CB  . ASP A 1 18  ? 2.723   -7.595  -7.651  1.00 15.93 ? 1116 ASP A CB  1 
ATOM   72   C CG  . ASP A 1 18  ? 2.883   -7.809  -9.147  1.00 20.96 ? 1116 ASP A CG  1 
ATOM   73   O OD1 . ASP A 1 18  ? 3.763   -8.563  -9.583  1.00 19.64 ? 1116 ASP A OD1 1 
ATOM   74   O OD2 . ASP A 1 18  ? 2.106   -7.179  -9.893  1.00 26.00 ? 1116 ASP A OD2 1 
ATOM   75   N N   . ASN A 1 19  ? 4.806   -7.955  -5.088  1.00 13.52 ? 1117 ASN A N   1 
ATOM   76   C CA  . ASN A 1 19  ? 5.214   -7.316  -3.840  1.00 15.30 ? 1117 ASN A CA  1 
ATOM   77   C C   . ASN A 1 19  ? 4.902   -8.130  -2.593  1.00 14.62 ? 1117 ASN A C   1 
ATOM   78   O O   . ASN A 1 19  ? 4.832   -7.581  -1.489  1.00 15.98 ? 1117 ASN A O   1 
ATOM   79   C CB  . ASN A 1 19  ? 4.628   -5.901  -3.759  1.00 14.27 ? 1117 ASN A CB  1 
ATOM   80   C CG  . ASN A 1 19  ? 5.102   -5.045  -4.901  1.00 16.47 ? 1117 ASN A CG  1 
ATOM   81   O OD1 . ASN A 1 19  ? 6.315   -4.891  -5.097  1.00 15.42 ? 1117 ASN A OD1 1 
ATOM   82   N ND2 . ASN A 1 19  ? 4.170   -4.547  -5.703  1.00 17.29 ? 1117 ASN A ND2 1 
ATOM   83   N N   . GLY A 1 20  ? 4.741   -9.441  -2.784  1.00 14.44 ? 1118 GLY A N   1 
ATOM   84   C CA  . GLY A 1 20  ? 4.493   -10.348 -1.674  1.00 17.25 ? 1118 GLY A CA  1 
ATOM   85   C C   . GLY A 1 20  ? 5.153   -11.697 -1.894  1.00 19.47 ? 1118 GLY A C   1 
ATOM   86   O O   . GLY A 1 20  ? 5.595   -12.013 -2.999  1.00 20.21 ? 1118 GLY A O   1 
ATOM   87   N N   . ASP A 1 21  ? 5.182   -12.507 -0.840  1.00 16.52 ? 1119 ASP A N   1 
ATOM   88   C CA  . ASP A 1 21  ? 5.898   -13.778 -0.864  1.00 19.05 ? 1119 ASP A CA  1 
ATOM   89   C C   . ASP A 1 21  ? 5.141   -14.778 0.006   1.00 15.81 ? 1119 ASP A C   1 
ATOM   90   O O   . ASP A 1 21  ? 4.557   -14.388 0.999   1.00 18.16 ? 1119 ASP A O   1 
ATOM   91   C CB  . ASP A 1 21  ? 7.297   -13.569 -0.252  1.00 24.37 ? 1119 ASP A CB  1 
ATOM   92   C CG  . ASP A 1 21  ? 8.151   -12.551 -1.033  1.00 28.84 ? 1119 ASP A CG  1 
ATOM   93   O OD1 . ASP A 1 21  ? 8.916   -12.992 -1.910  1.00 30.81 ? 1119 ASP A OD1 1 
ATOM   94   O OD2 . ASP A 1 21  ? 8.062   -11.320 -0.782  1.00 30.44 ? 1119 ASP A OD2 1 
ATOM   95   N N   . ILE A 1 22  ? 5.168   -16.066 -0.327  1.00 18.49 ? 1120 ILE A N   1 
ATOM   96   C CA  A ILE A 1 22  ? 4.601   -17.039 0.610   0.64 18.82 ? 1120 ILE A CA  1 
ATOM   97   C CA  B ILE A 1 22  ? 4.623   -17.096 0.555   0.36 18.85 ? 1120 ILE A CA  1 
ATOM   98   C C   . ILE A 1 22  ? 5.595   -17.332 1.718   1.00 18.25 ? 1120 ILE A C   1 
ATOM   99   O O   . ILE A 1 22  ? 6.797   -17.115 1.571   1.00 20.05 ? 1120 ILE A O   1 
ATOM   100  C CB  A ILE A 1 22  ? 4.057   -18.339 -0.038  0.64 21.50 ? 1120 ILE A CB  1 
ATOM   101  C CB  B ILE A 1 22  ? 4.318   -18.412 -0.210  0.36 21.20 ? 1120 ILE A CB  1 
ATOM   102  C CG1 A ILE A 1 22  ? 5.184   -19.221 -0.562  0.64 19.33 ? 1120 ILE A CG1 1 
ATOM   103  C CG1 B ILE A 1 22  ? 3.038   -18.274 -1.046  0.36 23.94 ? 1120 ILE A CG1 1 
ATOM   104  C CG2 A ILE A 1 22  ? 3.024   -18.011 -1.133  0.64 24.29 ? 1120 ILE A CG2 1 
ATOM   105  C CG2 B ILE A 1 22  ? 4.115   -19.552 0.733   0.36 17.83 ? 1120 ILE A CG2 1 
ATOM   106  C CD1 A ILE A 1 22  ? 4.716   -20.625 -0.924  0.64 20.91 ? 1120 ILE A CD1 1 
ATOM   107  C CD1 B ILE A 1 22  ? 3.277   -18.221 -2.534  0.36 22.45 ? 1120 ILE A CD1 1 
ATOM   108  N N   . THR A 1 23  ? 5.078   -17.775 2.860   1.00 16.31 ? 1121 THR A N   1 
ATOM   109  C CA  . THR A 1 23  ? 5.922   -17.914 4.051   1.00 16.45 ? 1121 THR A CA  1 
ATOM   110  C C   . THR A 1 23  ? 6.521   -19.306 4.229   1.00 20.46 ? 1121 THR A C   1 
ATOM   111  O O   . THR A 1 23  ? 7.178   -19.573 5.233   1.00 25.64 ? 1121 THR A O   1 
ATOM   112  C CB  . THR A 1 23  ? 5.136   -17.566 5.318   1.00 17.43 ? 1121 THR A CB  1 
ATOM   113  O OG1 . THR A 1 23  ? 4.040   -18.479 5.461   1.00 20.31 ? 1121 THR A OG1 1 
ATOM   114  C CG2 . THR A 1 23  ? 4.608   -16.130 5.248   1.00 19.24 ? 1121 THR A CG2 1 
ATOM   115  N N   . SER A 1 24  ? 6.305   -20.185 3.258   1.00 15.37 ? 1122 SER A N   1 
ATOM   116  C CA  . SER A 1 24  ? 6.798   -21.562 3.334   1.00 15.92 ? 1122 SER A CA  1 
ATOM   117  C C   . SER A 1 24  ? 7.478   -21.906 2.016   1.00 16.81 ? 1122 SER A C   1 
ATOM   118  O O   . SER A 1 24  ? 7.354   -21.166 1.025   1.00 17.89 ? 1122 SER A O   1 
ATOM   119  C CB  . SER A 1 24  ? 5.640   -22.543 3.604   1.00 18.69 ? 1122 SER A CB  1 
ATOM   120  O OG  . SER A 1 24  ? 4.607   -22.379 2.634   1.00 17.92 ? 1122 SER A OG  1 
ATOM   121  N N   . PHE A 1 25  ? 8.224   -23.007 1.981   1.00 16.78 ? 1123 PHE A N   1 
ATOM   122  C CA  . PHE A 1 25  ? 8.884   -23.399 0.739   1.00 17.40 ? 1123 PHE A CA  1 
ATOM   123  C C   . PHE A 1 25  ? 7.881   -24.052 -0.207  1.00 16.44 ? 1123 PHE A C   1 
ATOM   124  O O   . PHE A 1 25  ? 7.169   -24.956 0.195   1.00 17.40 ? 1123 PHE A O   1 
ATOM   125  C CB  . PHE A 1 25  ? 10.059  -24.366 1.018   1.00 17.12 ? 1123 PHE A CB  1 
ATOM   126  C CG  . PHE A 1 25  ? 10.948  -24.582 -0.174  1.00 18.13 ? 1123 PHE A CG  1 
ATOM   127  C CD1 . PHE A 1 25  ? 11.750  -23.551 -0.656  1.00 15.79 ? 1123 PHE A CD1 1 
ATOM   128  C CD2 . PHE A 1 25  ? 10.988  -25.808 -0.830  1.00 19.31 ? 1123 PHE A CD2 1 
ATOM   129  C CE1 . PHE A 1 25  ? 12.555  -23.741 -1.781  1.00 16.72 ? 1123 PHE A CE1 1 
ATOM   130  C CE2 . PHE A 1 25  ? 11.799  -26.005 -1.945  1.00 18.70 ? 1123 PHE A CE2 1 
ATOM   131  C CZ  . PHE A 1 25  ? 12.577  -24.982 -2.424  1.00 17.51 ? 1123 PHE A CZ  1 
ATOM   132  N N   . PRO A 1 26  ? 7.827   -23.602 -1.459  1.00 15.80 ? 1124 PRO A N   1 
ATOM   133  C CA  . PRO A 1 26  ? 6.824   -24.166 -2.367  1.00 15.04 ? 1124 PRO A CA  1 
ATOM   134  C C   . PRO A 1 26  ? 7.052   -25.648 -2.624  1.00 17.66 ? 1124 PRO A C   1 
ATOM   135  O O   . PRO A 1 26  ? 8.203   -26.078 -2.796  1.00 17.53 ? 1124 PRO A O   1 
ATOM   136  C CB  . PRO A 1 26  ? 7.046   -23.397 -3.662  1.00 17.72 ? 1124 PRO A CB  1 
ATOM   137  C CG  . PRO A 1 26  ? 7.615   -22.064 -3.201  1.00 22.18 ? 1124 PRO A CG  1 
ATOM   138  C CD  . PRO A 1 26  ? 8.491   -22.418 -2.031  1.00 18.67 ? 1124 PRO A CD  1 
ATOM   139  N N   . LEU A 1 27  ? 5.965   -26.404 -2.684  1.00 14.85 ? 1125 LEU A N   1 
ATOM   140  C CA  . LEU A 1 27  ? 6.003   -27.827 -3.003  1.00 16.44 ? 1125 LEU A CA  1 
ATOM   141  C C   . LEU A 1 27  ? 5.400   -28.086 -4.377  1.00 18.95 ? 1125 LEU A C   1 
ATOM   142  O O   . LEU A 1 27  ? 4.688   -27.238 -4.917  1.00 17.01 ? 1125 LEU A O   1 
ATOM   143  C CB  . LEU A 1 27  ? 5.237   -28.607 -1.932  1.00 16.77 ? 1125 LEU A CB  1 
ATOM   144  C CG  . LEU A 1 27  ? 5.623   -28.348 -0.473  1.00 18.93 ? 1125 LEU A CG  1 
ATOM   145  C CD1 . LEU A 1 27  ? 4.738   -29.140 0.473   1.00 26.67 ? 1125 LEU A CD1 1 
ATOM   146  C CD2 . LEU A 1 27  ? 7.102   -28.662 -0.252  1.00 19.57 ? 1125 LEU A CD2 1 
ATOM   147  N N   . SER A 1 28  ? 5.688   -29.252 -4.961  1.00 16.40 ? 1126 SER A N   1 
ATOM   148  C CA  . SER A 1 28  ? 5.207   -29.534 -6.305  1.00 16.27 ? 1126 SER A CA  1 
ATOM   149  C C   . SER A 1 28  ? 3.719   -29.895 -6.356  1.00 15.53 ? 1126 SER A C   1 
ATOM   150  O O   . SER A 1 28  ? 3.087   -29.766 -7.407  1.00 18.70 ? 1126 SER A O   1 
ATOM   151  C CB  . SER A 1 28  ? 6.034   -30.628 -6.996  1.00 20.00 ? 1126 SER A CB  1 
ATOM   152  O OG  . SER A 1 28  ? 5.624   -31.925 -6.578  1.00 19.79 ? 1126 SER A OG  1 
ATOM   153  N N   . VAL A 1 29  ? 3.184   -30.372 -5.232  1.00 15.24 ? 1127 VAL A N   1 
ATOM   154  C CA  . VAL A 1 29  ? 1.784   -30.808 -5.168  1.00 16.65 ? 1127 VAL A CA  1 
ATOM   155  C C   . VAL A 1 29  ? 1.289   -30.638 -3.741  1.00 17.04 ? 1127 VAL A C   1 
ATOM   156  O O   . VAL A 1 29  ? 2.041   -30.813 -2.766  1.00 17.76 ? 1127 VAL A O   1 
ATOM   157  C CB  . VAL A 1 29  ? 1.626   -32.289 -5.619  1.00 21.09 ? 1127 VAL A CB  1 
ATOM   158  C CG1 . VAL A 1 29  ? 2.321   -33.214 -4.658  1.00 21.46 ? 1127 VAL A CG1 1 
ATOM   159  C CG2 . VAL A 1 29  ? 0.145   -32.676 -5.725  1.00 21.95 ? 1127 VAL A CG2 1 
ATOM   160  N N   . TYR A 1 30  ? 0.016   -30.277 -3.609  1.00 16.82 ? 1128 TYR A N   1 
ATOM   161  C CA  . TYR A 1 30  ? -0.612  -30.075 -2.315  1.00 17.11 ? 1128 TYR A CA  1 
ATOM   162  C C   . TYR A 1 30  ? -1.919  -30.839 -2.239  1.00 17.02 ? 1128 TYR A C   1 
ATOM   163  O O   . TYR A 1 30  ? -2.696  -30.857 -3.198  1.00 16.73 ? 1128 TYR A O   1 
ATOM   164  C CB  . TYR A 1 30  ? -0.951  -28.598 -2.124  1.00 15.89 ? 1128 TYR A CB  1 
ATOM   165  C CG  . TYR A 1 30  ? 0.263   -27.693 -1.971  1.00 15.03 ? 1128 TYR A CG  1 
ATOM   166  C CD1 . TYR A 1 30  ? 1.025   -27.325 -3.080  1.00 15.94 ? 1128 TYR A CD1 1 
ATOM   167  C CD2 . TYR A 1 30  ? 0.626   -27.207 -0.719  1.00 14.24 ? 1128 TYR A CD2 1 
ATOM   168  C CE1 . TYR A 1 30  ? 2.153   -26.486 -2.940  1.00 14.67 ? 1128 TYR A CE1 1 
ATOM   169  C CE2 . TYR A 1 30  ? 1.751   -26.358 -0.565  1.00 16.95 ? 1128 TYR A CE2 1 
ATOM   170  C CZ  . TYR A 1 30  ? 2.494   -26.006 -1.685  1.00 14.25 ? 1128 TYR A CZ  1 
ATOM   171  O OH  . TYR A 1 30  ? 3.582   -25.156 -1.527  1.00 16.73 ? 1128 TYR A OH  1 
ATOM   172  N N   . ALA A 1 31  ? -2.160  -31.463 -1.095  1.00 17.87 ? 1129 ALA A N   1 
ATOM   173  C CA  . ALA A 1 31  ? -3.420  -32.165 -0.886  1.00 21.04 ? 1129 ALA A CA  1 
ATOM   174  C C   . ALA A 1 31  ? -4.577  -31.161 -0.778  1.00 17.87 ? 1129 ALA A C   1 
ATOM   175  O O   . ALA A 1 31  ? -4.393  -30.021 -0.333  1.00 17.94 ? 1129 ALA A O   1 
ATOM   176  C CB  . ALA A 1 31  ? -3.335  -33.018 0.373   1.00 20.28 ? 1129 ALA A CB  1 
ATOM   177  N N   . PRO A 1 32  ? -5.790  -31.581 -1.173  1.00 17.29 ? 1130 PRO A N   1 
ATOM   178  C CA  . PRO A 1 32  ? -6.958  -30.751 -0.866  1.00 17.85 ? 1130 PRO A CA  1 
ATOM   179  C C   . PRO A 1 32  ? -6.975  -30.419 0.629   1.00 18.74 ? 1130 PRO A C   1 
ATOM   180  O O   . PRO A 1 32  ? -6.591  -31.268 1.453   1.00 20.67 ? 1130 PRO A O   1 
ATOM   181  C CB  . PRO A 1 32  ? -8.163  -31.656 -1.215  1.00 20.27 ? 1130 PRO A CB  1 
ATOM   182  C CG  . PRO A 1 32  ? -7.628  -32.833 -1.919  1.00 23.74 ? 1130 PRO A CG  1 
ATOM   183  C CD  . PRO A 1 32  ? -6.136  -32.916 -1.696  1.00 21.07 ? 1130 PRO A CD  1 
ATOM   184  N N   . ALA A 1 33  ? -7.414  -29.206 0.963   1.00 17.05 ? 1131 ALA A N   1 
ATOM   185  C CA  . ALA A 1 33  ? -7.466  -28.674 2.314   1.00 19.09 ? 1131 ALA A CA  1 
ATOM   186  C C   . ALA A 1 33  ? -6.141  -28.072 2.818   1.00 18.84 ? 1131 ALA A C   1 
ATOM   187  O O   . ALA A 1 33  ? -6.118  -27.424 3.882   1.00 20.39 ? 1131 ALA A O   1 
ATOM   188  C CB  . ALA A 1 33  ? -8.016  -29.717 3.319   1.00 22.29 ? 1131 ALA A CB  1 
ATOM   189  N N   . SER A 1 34  ? -5.062  -28.280 2.056   1.00 17.92 ? 1132 SER A N   1 
ATOM   190  C CA  . SER A 1 34  ? -3.763  -27.646 2.361   1.00 16.82 ? 1132 SER A CA  1 
ATOM   191  C C   . SER A 1 34  ? -3.909  -26.136 2.290   1.00 18.65 ? 1132 SER A C   1 
ATOM   192  O O   . SER A 1 34  ? -4.706  -25.620 1.503   1.00 17.43 ? 1132 SER A O   1 
ATOM   193  C CB  . SER A 1 34  ? -2.701  -28.048 1.331   1.00 17.81 ? 1132 SER A CB  1 
ATOM   194  O OG  . SER A 1 34  ? -2.427  -29.431 1.372   1.00 25.06 ? 1132 SER A OG  1 
ATOM   195  N N   . SER A 1 35  ? -3.106  -25.423 3.070   1.00 16.56 ? 1133 SER A N   1 
ATOM   196  C CA  . SER A 1 35  ? -3.078  -23.970 2.934   1.00 15.85 ? 1133 SER A CA  1 
ATOM   197  C C   . SER A 1 35  ? -1.656  -23.432 3.035   1.00 19.09 ? 1133 SER A C   1 
ATOM   198  O O   . SER A 1 35  ? -0.765  -24.086 3.607   1.00 18.34 ? 1133 SER A O   1 
ATOM   199  C CB  . SER A 1 35  ? -3.975  -23.311 3.988   1.00 20.26 ? 1133 SER A CB  1 
ATOM   200  O OG  . SER A 1 35  ? -3.532  -23.619 5.304   1.00 23.36 ? 1133 SER A OG  1 
ATOM   201  N N   . VAL A 1 36  ? -1.454  -22.266 2.433   1.00 16.35 ? 1134 VAL A N   1 
ATOM   202  C CA  . VAL A 1 36  ? -0.231  -21.490 2.631   1.00 16.39 ? 1134 VAL A CA  1 
ATOM   203  C C   . VAL A 1 36  ? -0.606  -20.035 2.887   1.00 15.21 ? 1134 VAL A C   1 
ATOM   204  O O   . VAL A 1 36  ? -1.769  -19.639 2.702   1.00 16.11 ? 1134 VAL A O   1 
ATOM   205  C CB  . VAL A 1 36  ? 0.746   -21.606 1.435   1.00 15.71 ? 1134 VAL A CB  1 
ATOM   206  C CG1 . VAL A 1 36  ? 1.157   -23.084 1.204   1.00 16.54 ? 1134 VAL A CG1 1 
ATOM   207  C CG2 . VAL A 1 36  ? 0.131   -21.042 0.176   1.00 15.25 ? 1134 VAL A CG2 1 
ATOM   208  N N   . GLU A 1 37  ? 0.378   -19.236 3.287   1.00 13.54 ? 1135 GLU A N   1 
ATOM   209  C CA  . GLU A 1 37  ? 0.134   -17.850 3.660   1.00 14.44 ? 1135 GLU A CA  1 
ATOM   210  C C   . GLU A 1 37  ? 1.121   -16.920 2.996   1.00 15.08 ? 1135 GLU A C   1 
ATOM   211  O O   . GLU A 1 37  ? 2.281   -17.292 2.764   1.00 16.71 ? 1135 GLU A O   1 
ATOM   212  C CB  . GLU A 1 37  ? 0.222   -17.686 5.189   1.00 18.15 ? 1135 GLU A CB  1 
ATOM   213  C CG  . GLU A 1 37  ? -0.923  -18.400 5.892   1.00 23.30 ? 1135 GLU A CG  1 
ATOM   214  C CD  . GLU A 1 37  ? -0.968  -18.137 7.372   1.00 33.72 ? 1135 GLU A CD  1 
ATOM   215  O OE1 . GLU A 1 37  ? 0.033   -17.636 7.931   1.00 33.33 ? 1135 GLU A OE1 1 
ATOM   216  O OE2 . GLU A 1 37  ? -2.017  -18.441 7.975   1.00 38.37 ? 1135 GLU A OE2 1 
ATOM   217  N N   . TYR A 1 38  ? 0.639   -15.726 2.680   1.00 13.64 ? 1136 TYR A N   1 
ATOM   218  C CA  . TYR A 1 38  ? 1.458   -14.674 2.101   1.00 14.64 ? 1136 TYR A CA  1 
ATOM   219  C C   . TYR A 1 38  ? 1.803   -13.602 3.119   1.00 15.72 ? 1136 TYR A C   1 
ATOM   220  O O   . TYR A 1 38  ? 1.062   -13.344 4.086   1.00 16.27 ? 1136 TYR A O   1 
ATOM   221  C CB  . TYR A 1 38  ? 0.729   -13.986 0.939   1.00 14.67 ? 1136 TYR A CB  1 
ATOM   222  C CG  . TYR A 1 38  ? 0.512   -14.854 -0.270  1.00 16.89 ? 1136 TYR A CG  1 
ATOM   223  C CD1 . TYR A 1 38  ? -0.588  -15.699 -0.348  1.00 15.05 ? 1136 TYR A CD1 1 
ATOM   224  C CD2 . TYR A 1 38  ? 1.401   -14.828 -1.339  1.00 15.45 ? 1136 TYR A CD2 1 
ATOM   225  C CE1 . TYR A 1 38  ? -0.786  -16.504 -1.450  1.00 15.23 ? 1136 TYR A CE1 1 
ATOM   226  C CE2 . TYR A 1 38  ? 1.208   -15.627 -2.459  1.00 17.19 ? 1136 TYR A CE2 1 
ATOM   227  C CZ  . TYR A 1 38  ? 0.112   -16.460 -2.510  1.00 19.97 ? 1136 TYR A CZ  1 
ATOM   228  O OH  . TYR A 1 38  ? -0.084  -17.266 -3.614  1.00 20.12 ? 1136 TYR A OH  1 
ATOM   229  N N   . GLN A 1 39  ? 2.925   -12.939 2.873   1.00 14.57 ? 1137 GLN A N   1 
ATOM   230  C CA  . GLN A 1 39  ? 3.217   -11.683 3.540   1.00 13.60 ? 1137 GLN A CA  1 
ATOM   231  C C   . GLN A 1 39  ? 3.640   -10.679 2.497   1.00 16.07 ? 1137 GLN A C   1 
ATOM   232  O O   . GLN A 1 39  ? 4.293   -11.042 1.515   1.00 17.89 ? 1137 GLN A O   1 
ATOM   233  C CB  . GLN A 1 39  ? 4.311   -11.867 4.593   1.00 20.83 ? 1137 GLN A CB  1 
ATOM   234  C CG  . GLN A 1 39  ? 5.634   -12.324 4.070   1.00 28.49 ? 1137 GLN A CG  1 
ATOM   235  C CD  . GLN A 1 39  ? 6.646   -12.479 5.195   1.00 32.07 ? 1137 GLN A CD  1 
ATOM   236  O OE1 . GLN A 1 39  ? 6.379   -13.143 6.201   1.00 30.68 ? 1137 GLN A OE1 1 
ATOM   237  N NE2 . GLN A 1 39  ? 7.810   -11.853 5.033   1.00 28.54 ? 1137 GLN A NE2 1 
ATOM   238  N N   . CYS A 1 40  ? 3.261   -9.422  2.688   1.00 15.35 ? 1138 CYS A N   1 
ATOM   239  C CA  . CYS A 1 40  ? 3.637   -8.390  1.736   1.00 15.24 ? 1138 CYS A CA  1 
ATOM   240  C C   . CYS A 1 40  ? 4.944   -7.770  2.179   1.00 16.35 ? 1138 CYS A C   1 
ATOM   241  O O   . CYS A 1 40  ? 5.276   -7.769  3.369   1.00 18.53 ? 1138 CYS A O   1 
ATOM   242  C CB  . CYS A 1 40  ? 2.558   -7.295  1.645   1.00 14.80 ? 1138 CYS A CB  1 
ATOM   243  S SG  . CYS A 1 40  ? 0.983   -7.897  0.952   1.00 17.73 ? 1138 CYS A SG  1 
ATOM   244  N N   . GLN A 1 41  ? 5.674   -7.232  1.217   1.00 15.96 ? 1139 GLN A N   1 
ATOM   245  C CA  A GLN A 1 41  ? 6.944   -6.549  1.440   0.49 18.05 ? 1139 GLN A CA  1 
ATOM   246  C CA  B GLN A 1 41  ? 6.954   -6.633  1.546   0.51 17.97 ? 1139 GLN A CA  1 
ATOM   247  C C   . GLN A 1 41  ? 6.777   -5.376  2.399   1.00 21.32 ? 1139 GLN A C   1 
ATOM   248  O O   . GLN A 1 41  ? 5.682   -4.834  2.525   1.00 19.76 ? 1139 GLN A O   1 
ATOM   249  C CB  A GLN A 1 41  ? 7.488   -6.044  0.104   0.49 19.70 ? 1139 GLN A CB  1 
ATOM   250  C CB  B GLN A 1 41  ? 7.781   -6.395  0.290   0.51 19.72 ? 1139 GLN A CB  1 
ATOM   251  C CG  A GLN A 1 41  ? 8.147   -7.120  -0.735  0.49 21.59 ? 1139 GLN A CG  1 
ATOM   252  C CG  B GLN A 1 41  ? 8.249   -7.705  -0.324  0.51 21.54 ? 1139 GLN A CG  1 
ATOM   253  C CD  A GLN A 1 41  ? 9.449   -7.581  -0.118  0.49 24.49 ? 1139 GLN A CD  1 
ATOM   254  C CD  B GLN A 1 41  ? 8.333   -7.639  -1.818  0.51 21.13 ? 1139 GLN A CD  1 
ATOM   255  O OE1 A GLN A 1 41  ? 10.149  -6.798  0.528   0.49 25.36 ? 1139 GLN A OE1 1 
ATOM   256  O OE1 B GLN A 1 41  ? 8.464   -6.558  -2.392  0.51 27.03 ? 1139 GLN A OE1 1 
ATOM   257  N NE2 A GLN A 1 41  ? 9.779   -8.850  -0.307  0.49 24.42 ? 1139 GLN A NE2 1 
ATOM   258  N NE2 B GLN A 1 41  ? 8.241   -8.793  -2.466  0.51 21.90 ? 1139 GLN A NE2 1 
ATOM   259  N N   . ASN A 1 42  ? 7.856   -4.958  3.039   1.00 18.88 ? 1140 ASN A N   1 
ATOM   260  C CA  . ASN A 1 42  ? 7.705   -4.110  4.224   1.00 26.96 ? 1140 ASN A CA  1 
ATOM   261  C C   . ASN A 1 42  ? 6.735   -2.927  4.232   1.00 25.69 ? 1140 ASN A C   1 
ATOM   262  O O   . ASN A 1 42  ? 5.960   -2.809  5.186   1.00 26.82 ? 1140 ASN A O   1 
ATOM   263  C CB  . ASN A 1 42  ? 9.043   -3.785  4.901   1.00 28.07 ? 1140 ASN A CB  1 
ATOM   264  C CG  . ASN A 1 42  ? 9.909   -2.900  4.073   1.00 34.15 ? 1140 ASN A CG  1 
ATOM   265  O OD1 . ASN A 1 42  ? 10.187  -3.195  2.910   1.00 33.12 ? 1140 ASN A OD1 1 
ATOM   266  N ND2 . ASN A 1 42  ? 10.383  -1.810  4.682   1.00 36.46 ? 1140 ASN A ND2 1 
ATOM   267  N N   . LEU A 1 43  ? 6.767   -2.055  3.225   1.00 18.57 ? 1141 LEU A N   1 
ATOM   268  C CA  . LEU A 1 43  ? 5.872   -0.886  3.234   1.00 18.16 ? 1141 LEU A CA  1 
ATOM   269  C C   . LEU A 1 43  ? 4.553   -1.117  2.489   1.00 18.27 ? 1141 LEU A C   1 
ATOM   270  O O   . LEU A 1 43  ? 3.794   -0.172  2.242   1.00 23.09 ? 1141 LEU A O   1 
ATOM   271  C CB  . LEU A 1 43  ? 6.564   0.345   2.627   1.00 20.10 ? 1141 LEU A CB  1 
ATOM   272  C CG  . LEU A 1 43  ? 7.907   0.716   3.247   1.00 24.53 ? 1141 LEU A CG  1 
ATOM   273  C CD1 . LEU A 1 43  ? 8.479   1.932   2.552   1.00 30.71 ? 1141 LEU A CD1 1 
ATOM   274  C CD2 . LEU A 1 43  ? 7.739   0.968   4.744   1.00 23.89 ? 1141 LEU A CD2 1 
ATOM   275  N N   . TYR A 1 44  ? 4.315   -2.358  2.086   1.00 15.97 ? 1142 TYR A N   1 
ATOM   276  C CA  . TYR A 1 44  ? 3.088   -2.738  1.396   1.00 16.42 ? 1142 TYR A CA  1 
ATOM   277  C C   . TYR A 1 44  ? 2.114   -3.293  2.417   1.00 18.60 ? 1142 TYR A C   1 
ATOM   278  O O   . TYR A 1 44  ? 2.511   -4.043  3.310   1.00 22.14 ? 1142 TYR A O   1 
ATOM   279  C CB  . TYR A 1 44  ? 3.389   -3.806  0.320   1.00 15.48 ? 1142 TYR A CB  1 
ATOM   280  C CG  . TYR A 1 44  ? 4.098   -3.229  -0.881  1.00 15.65 ? 1142 TYR A CG  1 
ATOM   281  C CD1 . TYR A 1 44  ? 5.450   -2.907  -0.816  1.00 16.62 ? 1142 TYR A CD1 1 
ATOM   282  C CD2 . TYR A 1 44  ? 3.412   -2.972  -2.069  1.00 15.62 ? 1142 TYR A CD2 1 
ATOM   283  C CE1 . TYR A 1 44  ? 6.106   -2.349  -1.908  1.00 17.16 ? 1142 TYR A CE1 1 
ATOM   284  C CE2 . TYR A 1 44  ? 4.059   -2.429  -3.162  1.00 17.23 ? 1142 TYR A CE2 1 
ATOM   285  C CZ  . TYR A 1 44  ? 5.407   -2.107  -3.073  1.00 17.47 ? 1142 TYR A CZ  1 
ATOM   286  O OH  . TYR A 1 44  ? 6.074   -1.540  -4.151  1.00 20.49 ? 1142 TYR A OH  1 
ATOM   287  N N   . GLN A 1 45  ? 0.845   -2.917  2.288   1.00 17.40 ? 1143 GLN A N   1 
ATOM   288  C CA  . GLN A 1 45  ? -0.185  -3.354  3.212   1.00 17.53 ? 1143 GLN A CA  1 
ATOM   289  C C   . GLN A 1 45  ? -0.991  -4.521  2.632   1.00 16.99 ? 1143 GLN A C   1 
ATOM   290  O O   . GLN A 1 45  ? -1.550  -4.428  1.537   1.00 17.64 ? 1143 GLN A O   1 
ATOM   291  C CB  . GLN A 1 45  ? -1.119  -2.176  3.510   1.00 20.09 ? 1143 GLN A CB  1 
ATOM   292  C CG  . GLN A 1 45  ? -2.275  -2.530  4.403   1.00 23.30 ? 1143 GLN A CG  1 
ATOM   293  C CD  . GLN A 1 45  ? -1.811  -3.034  5.745   1.00 33.41 ? 1143 GLN A CD  1 
ATOM   294  O OE1 . GLN A 1 45  ? -1.112  -2.328  6.477   1.00 39.07 ? 1143 GLN A OE1 1 
ATOM   295  N NE2 . GLN A 1 45  ? -2.185  -4.271  6.078   1.00 40.83 ? 1143 GLN A NE2 1 
ATOM   296  N N   . LEU A 1 46  ? -1.050  -5.628  3.364   1.00 17.15 ? 1144 LEU A N   1 
ATOM   297  C CA  . LEU A 1 46  ? -1.744  -6.804  2.854   1.00 15.88 ? 1144 LEU A CA  1 
ATOM   298  C C   . LEU A 1 46  ? -3.239  -6.564  3.003   1.00 18.45 ? 1144 LEU A C   1 
ATOM   299  O O   . LEU A 1 46  ? -3.734  -6.339  4.115   1.00 20.57 ? 1144 LEU A O   1 
ATOM   300  C CB  . LEU A 1 46  ? -1.317  -8.048  3.639   1.00 16.53 ? 1144 LEU A CB  1 
ATOM   301  C CG  . LEU A 1 46  ? -1.762  -9.392  3.074   1.00 16.84 ? 1144 LEU A CG  1 
ATOM   302  C CD1 . LEU A 1 46  ? -0.759  -10.503 3.459   1.00 18.79 ? 1144 LEU A CD1 1 
ATOM   303  C CD2 . LEU A 1 46  ? -3.157  -9.705  3.584   1.00 19.78 ? 1144 LEU A CD2 1 
ATOM   304  N N   . GLU A 1 47  ? -3.943  -6.613  1.877   1.00 16.59 ? 1145 GLU A N   1 
ATOM   305  C CA  . GLU A 1 47  ? -5.398  -6.432  1.845   1.00 19.78 ? 1145 GLU A CA  1 
ATOM   306  C C   . GLU A 1 47  ? -6.111  -7.787  1.806   1.00 17.30 ? 1145 GLU A C   1 
ATOM   307  O O   . GLU A 1 47  ? -5.876  -8.617  0.918   1.00 17.98 ? 1145 GLU A O   1 
ATOM   308  C CB  . GLU A 1 47  ? -5.780  -5.607  0.617   1.00 21.90 ? 1145 GLU A CB  1 
ATOM   309  C CG  . GLU A 1 47  ? -7.289  -5.404  0.443   1.00 25.75 ? 1145 GLU A CG  1 
ATOM   310  C CD  . GLU A 1 47  ? -7.626  -4.850  -0.924  1.00 29.61 ? 1145 GLU A CD  1 
ATOM   311  O OE1 . GLU A 1 47  ? -7.516  -5.595  -1.920  1.00 31.69 ? 1145 GLU A OE1 1 
ATOM   312  O OE2 . GLU A 1 47  ? -8.003  -3.668  -0.988  1.00 34.59 ? 1145 GLU A OE2 1 
ATOM   313  N N   . GLY A 1 48  ? -6.983  -8.013  2.778   1.00 17.91 ? 1146 GLY A N   1 
ATOM   314  C CA  . GLY A 1 48  ? -7.788  -9.227  2.778   1.00 19.29 ? 1146 GLY A CA  1 
ATOM   315  C C   . GLY A 1 48  ? -7.167  -10.323 3.626   1.00 18.58 ? 1146 GLY A C   1 
ATOM   316  O O   . GLY A 1 48  ? -6.447  -10.062 4.595   1.00 20.25 ? 1146 GLY A O   1 
ATOM   317  N N   . ASN A 1 49  ? -7.473  -11.563 3.268   1.00 14.78 ? 1147 ASN A N   1 
ATOM   318  C CA  . ASN A 1 49  ? -7.061  -12.728 4.019   1.00 17.48 ? 1147 ASN A CA  1 
ATOM   319  C C   . ASN A 1 49  ? -5.705  -13.188 3.465   1.00 16.46 ? 1147 ASN A C   1 
ATOM   320  O O   . ASN A 1 49  ? -5.559  -13.411 2.263   1.00 16.35 ? 1147 ASN A O   1 
ATOM   321  C CB  . ASN A 1 49  ? -8.136  -13.816 3.814   1.00 22.01 ? 1147 ASN A CB  1 
ATOM   322  C CG  . ASN A 1 49  ? -7.911  -15.080 4.659   1.00 25.89 ? 1147 ASN A CG  1 
ATOM   323  O OD1 . ASN A 1 49  ? -6.802  -15.386 5.111   1.00 20.57 ? 1147 ASN A OD1 1 
ATOM   324  N ND2 . ASN A 1 49  ? -8.989  -15.852 4.830   1.00 31.56 ? 1147 ASN A ND2 1 
ATOM   325  N N   . LYS A 1 50  ? -4.716  -13.312 4.348   1.00 17.35 ? 1148 LYS A N   1 
ATOM   326  C CA  . LYS A 1 50  ? -3.372  -13.720 3.943   1.00 15.27 ? 1148 LYS A CA  1 
ATOM   327  C C   . LYS A 1 50  ? -3.259  -15.189 3.514   1.00 16.60 ? 1148 LYS A C   1 
ATOM   328  O O   . LYS A 1 50  ? -2.278  -15.576 2.879   1.00 15.75 ? 1148 LYS A O   1 
ATOM   329  C CB  . LYS A 1 50  ? -2.408  -13.454 5.102   1.00 16.49 ? 1148 LYS A CB  1 
ATOM   330  C CG  . LYS A 1 50  ? -2.639  -14.354 6.318   1.00 18.52 ? 1148 LYS A CG  1 
ATOM   331  C CD  . LYS A 1 50  ? -1.698  -13.950 7.466   1.00 28.47 ? 1148 LYS A CD  1 
ATOM   332  C CE  . LYS A 1 50  ? -2.008  -14.741 8.722   1.00 38.13 ? 1148 LYS A CE  1 
ATOM   333  N NZ  . LYS A 1 50  ? -1.172  -14.271 9.869   1.00 49.52 ? 1148 LYS A NZ  1 
ATOM   334  N N   . ARG A 1 51  ? -4.262  -16.005 3.841   1.00 15.24 ? 1149 ARG A N   1 
ATOM   335  C CA  . ARG A 1 51  ? -4.188  -17.453 3.605   1.00 16.16 ? 1149 ARG A CA  1 
ATOM   336  C C   . ARG A 1 51  ? -4.935  -17.878 2.351   1.00 17.87 ? 1149 ARG A C   1 
ATOM   337  O O   . ARG A 1 51  ? -6.057  -17.436 2.119   1.00 17.04 ? 1149 ARG A O   1 
ATOM   338  C CB  . ARG A 1 51  ? -4.731  -18.218 4.813   1.00 18.58 ? 1149 ARG A CB  1 
ATOM   339  C CG  . ARG A 1 51  ? -4.654  -19.723 4.670   1.00 21.30 ? 1149 ARG A CG  1 
ATOM   340  C CD  . ARG A 1 51  ? -5.087  -20.446 5.945   1.00 29.20 ? 1149 ARG A CD  1 
ATOM   341  N NE  . ARG A 1 51  ? -4.359  -19.986 7.122   1.00 31.09 ? 1149 ARG A NE  1 
ATOM   342  C CZ  . ARG A 1 51  ? -4.645  -20.357 8.370   1.00 48.47 ? 1149 ARG A CZ  1 
ATOM   343  N NH1 . ARG A 1 51  ? -5.647  -21.199 8.606   1.00 45.89 ? 1149 ARG A NH1 1 
ATOM   344  N NH2 . ARG A 1 51  ? -3.929  -19.888 9.386   1.00 45.51 ? 1149 ARG A NH2 1 
ATOM   345  N N   . ILE A 1 52  ? -4.302  -18.729 1.549   1.00 15.13 ? 1150 ILE A N   1 
ATOM   346  C CA  . ILE A 1 52  ? -4.993  -19.413 0.451   1.00 13.59 ? 1150 ILE A CA  1 
ATOM   347  C C   . ILE A 1 52  ? -5.098  -20.897 0.763   1.00 15.83 ? 1150 ILE A C   1 
ATOM   348  O O   . ILE A 1 52  ? -4.223  -21.484 1.412   1.00 16.10 ? 1150 ILE A O   1 
ATOM   349  C CB  . ILE A 1 52  ? -4.360  -19.173 -0.939  1.00 12.59 ? 1150 ILE A CB  1 
ATOM   350  C CG1 . ILE A 1 52  ? -2.887  -19.626 -0.973  1.00 16.02 ? 1150 ILE A CG1 1 
ATOM   351  C CG2 . ILE A 1 52  ? -4.494  -17.713 -1.368  1.00 14.28 ? 1150 ILE A CG2 1 
ATOM   352  C CD1 . ILE A 1 52  ? -2.343  -19.739 -2.409  1.00 15.11 ? 1150 ILE A CD1 1 
ATOM   353  N N   . THR A 1 53  ? -6.193  -21.507 0.312   1.00 13.68 ? 1151 THR A N   1 
ATOM   354  C CA  . THR A 1 53  ? -6.459  -22.913 0.585   1.00 14.49 ? 1151 THR A CA  1 
ATOM   355  C C   . THR A 1 53  ? -6.704  -23.650 -0.729  1.00 14.06 ? 1151 THR A C   1 
ATOM   356  O O   . THR A 1 53  ? -7.299  -23.109 -1.675  1.00 15.73 ? 1151 THR A O   1 
ATOM   357  C CB  . THR A 1 53  ? -7.697  -23.048 1.531   1.00 14.59 ? 1151 THR A CB  1 
ATOM   358  O OG1 . THR A 1 53  ? -7.423  -22.398 2.776   1.00 16.99 ? 1151 THR A OG1 1 
ATOM   359  C CG2 . THR A 1 53  ? -8.062  -24.518 1.798   1.00 15.40 ? 1151 THR A CG2 1 
ATOM   360  N N   . CYS A 1 54  ? -6.191  -24.871 -0.809  1.00 14.60 ? 1152 CYS A N   1 
ATOM   361  C CA  . CYS A 1 54  ? -6.399  -25.712 -1.980  1.00 12.56 ? 1152 CYS A CA  1 
ATOM   362  C C   . CYS A 1 54  ? -7.702  -26.498 -1.826  1.00 14.30 ? 1152 CYS A C   1 
ATOM   363  O O   . CYS A 1 54  ? -7.871  -27.245 -0.855  1.00 16.05 ? 1152 CYS A O   1 
ATOM   364  C CB  . CYS A 1 54  ? -5.232  -26.704 -2.099  1.00 15.43 ? 1152 CYS A CB  1 
ATOM   365  S SG  . CYS A 1 54  ? -5.457  -28.001 -3.332  1.00 16.14 ? 1152 CYS A SG  1 
ATOM   366  N N   . ARG A 1 55  ? -8.617  -26.306 -2.768  1.00 14.92 ? 1153 ARG A N   1 
ATOM   367  C CA  . ARG A 1 55  ? -9.847  -27.110 -2.831  1.00 16.96 ? 1153 ARG A CA  1 
ATOM   368  C C   . ARG A 1 55  ? -10.277 -27.401 -4.258  1.00 14.49 ? 1153 ARG A C   1 
ATOM   369  O O   . ARG A 1 55  ? -10.275 -26.511 -5.116  1.00 15.01 ? 1153 ARG A O   1 
ATOM   370  C CB  . ARG A 1 55  ? -10.993 -26.413 -2.094  1.00 19.05 ? 1153 ARG A CB  1 
ATOM   371  C CG  . ARG A 1 55  ? -11.374 -27.073 -0.784  1.00 37.02 ? 1153 ARG A CG  1 
ATOM   372  C CD  . ARG A 1 55  ? -12.515 -26.296 -0.159  1.00 37.60 ? 1153 ARG A CD  1 
ATOM   373  N NE  . ARG A 1 55  ? -12.199 -24.883 -0.262  1.00 32.27 ? 1153 ARG A NE  1 
ATOM   374  C CZ  . ARG A 1 55  ? -11.809 -24.116 0.752   1.00 21.80 ? 1153 ARG A CZ  1 
ATOM   375  N NH1 . ARG A 1 55  ? -11.736 -24.613 1.977   1.00 40.10 ? 1153 ARG A NH1 1 
ATOM   376  N NH2 . ARG A 1 55  ? -11.524 -22.849 0.527   1.00 24.69 ? 1153 ARG A NH2 1 
ATOM   377  N N   . ASN A 1 56  ? -10.622 -28.656 -4.516  1.00 15.43 ? 1154 ASN A N   1 
ATOM   378  C CA  . ASN A 1 56  ? -11.122 -29.033 -5.833  1.00 16.87 ? 1154 ASN A CA  1 
ATOM   379  C C   . ASN A 1 56  ? -10.164 -28.613 -6.950  1.00 15.88 ? 1154 ASN A C   1 
ATOM   380  O O   . ASN A 1 56  ? -10.567 -28.179 -8.033  1.00 16.81 ? 1154 ASN A O   1 
ATOM   381  C CB  . ASN A 1 56  ? -12.539 -28.478 -6.051  1.00 14.11 ? 1154 ASN A CB  1 
ATOM   382  C CG  . ASN A 1 56  ? -13.539 -29.108 -5.110  1.00 15.81 ? 1154 ASN A CG  1 
ATOM   383  O OD1 . ASN A 1 56  ? -13.313 -30.214 -4.618  1.00 17.67 ? 1154 ASN A OD1 1 
ATOM   384  N ND2 . ASN A 1 56  ? -14.619 -28.401 -4.817  1.00 15.15 ? 1154 ASN A ND2 1 
ATOM   385  N N   . GLY A 1 57  ? -8.868  -28.776 -6.681  1.00 16.56 ? 1155 GLY A N   1 
ATOM   386  C CA  . GLY A 1 57  ? -7.871  -28.580 -7.722  1.00 18.04 ? 1155 GLY A CA  1 
ATOM   387  C C   . GLY A 1 57  ? -7.395  -27.151 -7.913  1.00 19.45 ? 1155 GLY A C   1 
ATOM   388  O O   . GLY A 1 57  ? -6.541  -26.900 -8.766  1.00 21.47 ? 1155 GLY A O   1 
ATOM   389  N N   . GLN A 1 58  ? -7.969  -26.210 -7.166  1.00 14.75 ? 1156 GLN A N   1 
ATOM   390  C CA  . GLN A 1 58  ? -7.650  -24.793 -7.319  1.00 14.55 ? 1156 GLN A CA  1 
ATOM   391  C C   . GLN A 1 58  ? -7.322  -24.139 -5.981  1.00 15.95 ? 1156 GLN A C   1 
ATOM   392  O O   . GLN A 1 58  ? -7.938  -24.433 -4.963  1.00 16.46 ? 1156 GLN A O   1 
ATOM   393  C CB  . GLN A 1 58  ? -8.825  -24.014 -7.948  1.00 17.75 ? 1156 GLN A CB  1 
ATOM   394  C CG  . GLN A 1 58  ? -9.268  -24.523 -9.325  1.00 19.02 ? 1156 GLN A CG  1 
ATOM   395  C CD  . GLN A 1 58  ? -8.214  -24.307 -10.393 1.00 24.39 ? 1156 GLN A CD  1 
ATOM   396  O OE1 . GLN A 1 58  ? -7.463  -23.336 -10.347 1.00 27.03 ? 1156 GLN A OE1 1 
ATOM   397  N NE2 . GLN A 1 58  ? -8.170  -25.202 -11.373 1.00 31.70 ? 1156 GLN A NE2 1 
ATOM   398  N N   . TRP A 1 59  ? -6.341  -23.235 -5.997  1.00 15.33 ? 1157 TRP A N   1 
ATOM   399  C CA  . TRP A 1 59  ? -6.102  -22.358 -4.855  1.00 14.52 ? 1157 TRP A CA  1 
ATOM   400  C C   . TRP A 1 59  ? -7.185  -21.294 -4.792  1.00 15.18 ? 1157 TRP A C   1 
ATOM   401  O O   . TRP A 1 59  ? -7.670  -20.821 -5.828  1.00 16.40 ? 1157 TRP A O   1 
ATOM   402  C CB  . TRP A 1 59  ? -4.737  -21.656 -5.000  1.00 15.41 ? 1157 TRP A CB  1 
ATOM   403  C CG  . TRP A 1 59  ? -3.584  -22.606 -4.790  1.00 16.54 ? 1157 TRP A CG  1 
ATOM   404  C CD1 . TRP A 1 59  ? -2.743  -23.117 -5.744  1.00 17.80 ? 1157 TRP A CD1 1 
ATOM   405  C CD2 . TRP A 1 59  ? -3.163  -23.157 -3.538  1.00 13.29 ? 1157 TRP A CD2 1 
ATOM   406  N NE1 . TRP A 1 59  ? -1.825  -23.967 -5.156  1.00 15.86 ? 1157 TRP A NE1 1 
ATOM   407  C CE2 . TRP A 1 59  ? -2.059  -24.015 -3.809  1.00 12.84 ? 1157 TRP A CE2 1 
ATOM   408  C CE3 . TRP A 1 59  ? -3.622  -23.032 -2.219  1.00 15.38 ? 1157 TRP A CE3 1 
ATOM   409  C CZ2 . TRP A 1 59  ? -1.393  -24.725 -2.797  1.00 14.42 ? 1157 TRP A CZ2 1 
ATOM   410  C CZ3 . TRP A 1 59  ? -2.979  -23.749 -1.211  1.00 15.34 ? 1157 TRP A CZ3 1 
ATOM   411  C CH2 . TRP A 1 59  ? -1.852  -24.576 -1.499  1.00 13.76 ? 1157 TRP A CH2 1 
ATOM   412  N N   . SER A 1 60  ? -7.557  -20.920 -3.578  1.00 14.85 ? 1158 SER A N   1 
ATOM   413  C CA  . SER A 1 60  ? -8.400  -19.736 -3.382  1.00 15.54 ? 1158 SER A CA  1 
ATOM   414  C C   . SER A 1 60  ? -7.657  -18.446 -3.761  1.00 18.08 ? 1158 SER A C   1 
ATOM   415  O O   . SER A 1 60  ? -6.477  -18.489 -4.101  1.00 15.77 ? 1158 SER A O   1 
ATOM   416  C CB  . SER A 1 60  ? -8.929  -19.686 -1.946  1.00 15.60 ? 1158 SER A CB  1 
ATOM   417  O OG  . SER A 1 60  ? -7.876  -19.592 -0.993  1.00 14.92 ? 1158 SER A OG  1 
ATOM   418  N N   . GLU A 1 61  ? -8.347  -17.316 -3.696  1.00 14.31 ? 1159 GLU A N   1 
ATOM   419  C CA  . GLU A 1 61  ? -7.819  -16.043 -4.182  1.00 15.06 ? 1159 GLU A CA  1 
ATOM   420  C C   . GLU A 1 61  ? -6.801  -15.445 -3.198  1.00 13.76 ? 1159 GLU A C   1 
ATOM   421  O O   . GLU A 1 61  ? -7.090  -15.267 -2.039  1.00 14.96 ? 1159 GLU A O   1 
ATOM   422  C CB  . GLU A 1 61  ? -8.983  -15.059 -4.376  1.00 15.09 ? 1159 GLU A CB  1 
ATOM   423  C CG  . GLU A 1 61  ? -8.557  -13.724 -4.968  1.00 16.32 ? 1159 GLU A CG  1 
ATOM   424  C CD  . GLU A 1 61  ? -8.163  -13.793 -6.436  1.00 22.13 ? 1159 GLU A CD  1 
ATOM   425  O OE1 . GLU A 1 61  ? -8.386  -14.825 -7.096  1.00 20.64 ? 1159 GLU A OE1 1 
ATOM   426  O OE2 . GLU A 1 61  ? -7.605  -12.784 -6.934  1.00 24.97 ? 1159 GLU A OE2 1 
ATOM   427  N N   . PRO A 1 62  ? -5.572  -15.154 -3.669  1.00 15.35 ? 1160 PRO A N   1 
ATOM   428  C CA  . PRO A 1 62  ? -4.553  -14.554 -2.798  1.00 15.24 ? 1160 PRO A CA  1 
ATOM   429  C C   . PRO A 1 62  ? -4.943  -13.131 -2.426  1.00 17.10 ? 1160 PRO A C   1 
ATOM   430  O O   . PRO A 1 62  ? -5.763  -12.525 -3.120  1.00 17.66 ? 1160 PRO A O   1 
ATOM   431  C CB  . PRO A 1 62  ? -3.311  -14.502 -3.699  1.00 18.18 ? 1160 PRO A CB  1 
ATOM   432  C CG  . PRO A 1 62  ? -3.570  -15.439 -4.804  1.00 26.54 ? 1160 PRO A CG  1 
ATOM   433  C CD  . PRO A 1 62  ? -5.073  -15.447 -5.011  1.00 17.37 ? 1160 PRO A CD  1 
ATOM   434  N N   . PRO A 1 63  ? -4.357  -12.584 -1.349  1.00 16.26 ? 1161 PRO A N   1 
ATOM   435  C CA  . PRO A 1 63  ? -4.537  -11.174 -0.971  1.00 15.59 ? 1161 PRO A CA  1 
ATOM   436  C C   . PRO A 1 63  ? -3.825  -10.266 -1.977  1.00 17.31 ? 1161 PRO A C   1 
ATOM   437  O O   . PRO A 1 63  ? -3.121  -10.766 -2.857  1.00 18.70 ? 1161 PRO A O   1 
ATOM   438  C CB  . PRO A 1 63  ? -3.836  -11.078 0.390   1.00 16.12 ? 1161 PRO A CB  1 
ATOM   439  C CG  . PRO A 1 63  ? -2.754  -12.121 0.305   1.00 14.94 ? 1161 PRO A CG  1 
ATOM   440  C CD  . PRO A 1 63  ? -3.319  -13.255 -0.543  1.00 15.42 ? 1161 PRO A CD  1 
ATOM   441  N N   . LYS A 1 64  ? -4.019  -8.957  -1.845  1.00 16.08 ? 1162 LYS A N   1 
ATOM   442  C CA  . LYS A 1 64  ? -3.316  -7.966  -2.668  1.00 19.85 ? 1162 LYS A CA  1 
ATOM   443  C C   . LYS A 1 64  ? -2.370  -7.206  -1.766  1.00 15.29 ? 1162 LYS A C   1 
ATOM   444  O O   . LYS A 1 64  ? -2.674  -6.965  -0.600  1.00 18.32 ? 1162 LYS A O   1 
ATOM   445  C CB  . LYS A 1 64  ? -4.302  -6.974  -3.320  1.00 23.06 ? 1162 LYS A CB  1 
ATOM   446  C CG  . LYS A 1 64  ? -5.052  -7.547  -4.507  1.00 31.84 ? 1162 LYS A CG  1 
ATOM   447  C CD  . LYS A 1 64  ? -5.839  -6.459  -5.236  1.00 37.10 ? 1162 LYS A CD  1 
ATOM   448  C CE  . LYS A 1 64  ? -6.567  -7.037  -6.447  1.00 50.47 ? 1162 LYS A CE  1 
ATOM   449  N NZ  . LYS A 1 64  ? -7.131  -5.978  -7.345  1.00 55.04 ? 1162 LYS A NZ  1 
ATOM   450  N N   . CYS A 1 65  ? -1.227  -6.811  -2.314  1.00 17.54 ? 1163 CYS A N   1 
ATOM   451  C CA  . CYS A 1 65  ? -0.301  -5.972  -1.567  1.00 15.05 ? 1163 CYS A CA  1 
ATOM   452  C C   . CYS A 1 65  ? -0.456  -4.517  -2.011  1.00 16.03 ? 1163 CYS A C   1 
ATOM   453  O O   . CYS A 1 65  ? -0.052  -4.151  -3.111  1.00 18.94 ? 1163 CYS A O   1 
ATOM   454  C CB  . CYS A 1 65  ? 1.146   -6.491  -1.756  1.00 12.64 ? 1163 CYS A CB  1 
ATOM   455  S SG  . CYS A 1 65  ? 1.381   -8.150  -1.030  1.00 16.71 ? 1163 CYS A SG  1 
ATOM   456  N N   . LEU A 1 66  ? -1.063  -3.703  -1.159  1.00 13.20 ? 1164 LEU A N   1 
ATOM   457  C CA  . LEU A 1 66  ? -1.399  -2.326  -1.527  1.00 14.06 ? 1164 LEU A CA  1 
ATOM   458  C C   . LEU A 1 66  ? -0.154  -1.451  -1.482  1.00 15.36 ? 1164 LEU A C   1 
ATOM   459  O O   . LEU A 1 66  ? 0.646   -1.569  -0.559  1.00 15.90 ? 1164 LEU A O   1 
ATOM   460  C CB  . LEU A 1 66  ? -2.486  -1.775  -0.601  1.00 16.64 ? 1164 LEU A CB  1 
ATOM   461  C CG  . LEU A 1 66  ? -3.810  -2.561  -0.659  1.00 19.87 ? 1164 LEU A CG  1 
ATOM   462  C CD1 . LEU A 1 66  ? -4.806  -1.985  0.314   1.00 23.66 ? 1164 LEU A CD1 1 
ATOM   463  C CD2 . LEU A 1 66  ? -4.390  -2.581  -2.076  1.00 24.04 ? 1164 LEU A CD2 1 
ATOM   464  N N   . HIS A 1 67  ? -0.003  -0.580  -2.485  1.00 17.10 ? 1165 HIS A N   1 
ATOM   465  C CA  . HIS A 1 67  ? 1.218   0.199   -2.677  1.00 17.82 ? 1165 HIS A CA  1 
ATOM   466  C C   . HIS A 1 67  ? 1.408   1.334   -1.671  1.00 16.42 ? 1165 HIS A C   1 
ATOM   467  O O   . HIS A 1 67  ? 0.457   1.995   -1.273  1.00 16.48 ? 1165 HIS A O   1 
ATOM   468  C CB  . HIS A 1 67  ? 1.213   0.796   -4.085  1.00 16.26 ? 1165 HIS A CB  1 
ATOM   469  C CG  . HIS A 1 67  ? 1.321   -0.221  -5.175  1.00 18.55 ? 1165 HIS A CG  1 
ATOM   470  N ND1 . HIS A 1 67  ? 0.237   -0.940  -5.642  1.00 24.13 ? 1165 HIS A ND1 1 
ATOM   471  C CD2 . HIS A 1 67  ? 2.379   -0.624  -5.916  1.00 25.40 ? 1165 HIS A CD2 1 
ATOM   472  C CE1 . HIS A 1 67  ? 0.630   -1.754  -6.600  1.00 24.69 ? 1165 HIS A CE1 1 
ATOM   473  N NE2 . HIS A 1 67  ? 1.928   -1.582  -6.788  1.00 22.28 ? 1165 HIS A NE2 1 
ATOM   474  N N   . PRO A 1 68  ? 2.655   1.572   -1.255  1.00 17.13 ? 1166 PRO A N   1 
ATOM   475  C CA  . PRO A 1 68  ? 2.938   2.780   -0.481  1.00 16.08 ? 1166 PRO A CA  1 
ATOM   476  C C   . PRO A 1 68  ? 2.893   4.005   -1.389  1.00 16.64 ? 1166 PRO A C   1 
ATOM   477  O O   . PRO A 1 68  ? 2.875   3.874   -2.627  1.00 17.41 ? 1166 PRO A O   1 
ATOM   478  C CB  . PRO A 1 68  ? 4.372   2.548   0.011   1.00 17.85 ? 1166 PRO A CB  1 
ATOM   479  C CG  . PRO A 1 68  ? 4.996   1.705   -1.095  1.00 15.78 ? 1166 PRO A CG  1 
ATOM   480  C CD  . PRO A 1 68  ? 3.873   0.824   -1.619  1.00 16.41 ? 1166 PRO A CD  1 
ATOM   481  N N   . CYS A 1 69  ? 2.900   5.185   -0.770  1.00 16.90 ? 1167 CYS A N   1 
ATOM   482  C CA  . CYS A 1 69  ? 2.892   6.452   -1.505  1.00 18.77 ? 1167 CYS A CA  1 
ATOM   483  C C   . CYS A 1 69  ? 4.227   7.173   -1.315  1.00 18.10 ? 1167 CYS A C   1 
ATOM   484  O O   . CYS A 1 69  ? 4.774   7.207   -0.203  1.00 18.21 ? 1167 CYS A O   1 
ATOM   485  C CB  . CYS A 1 69  ? 1.764   7.355   -1.002  1.00 17.70 ? 1167 CYS A CB  1 
ATOM   486  S SG  . CYS A 1 69  ? 0.096   6.680   -1.172  1.00 20.06 ? 1167 CYS A SG  1 
ATOM   487  N N   . VAL A 1 70  ? 4.748   7.765   -2.389  1.00 16.13 ? 1168 VAL A N   1 
ATOM   488  C CA  . VAL A 1 70  ? 5.970   8.551   -2.300  1.00 15.48 ? 1168 VAL A CA  1 
ATOM   489  C C   . VAL A 1 70  ? 5.614   10.016  -2.480  1.00 19.28 ? 1168 VAL A C   1 
ATOM   490  O O   . VAL A 1 70  ? 4.849   10.350  -3.380  1.00 19.06 ? 1168 VAL A O   1 
ATOM   491  C CB  . VAL A 1 70  ? 7.019   8.117   -3.383  1.00 16.59 ? 1168 VAL A CB  1 
ATOM   492  C CG1 . VAL A 1 70  ? 6.498   8.344   -4.802  1.00 20.79 ? 1168 VAL A CG1 1 
ATOM   493  C CG2 . VAL A 1 70  ? 8.351   8.846   -3.193  1.00 17.95 ? 1168 VAL A CG2 1 
ATOM   494  N N   . ILE A 1 71  ? 6.136   10.895  -1.635  1.00 18.45 ? 1169 ILE A N   1 
ATOM   495  C CA  . ILE A 1 71  ? 5.838   12.311  -1.848  1.00 20.23 ? 1169 ILE A CA  1 
ATOM   496  C C   . ILE A 1 71  ? 6.576   12.856  -3.073  1.00 19.77 ? 1169 ILE A C   1 
ATOM   497  O O   . ILE A 1 71  ? 7.704   12.428  -3.380  1.00 20.48 ? 1169 ILE A O   1 
ATOM   498  C CB  . ILE A 1 71  ? 6.101   13.194  -0.614  1.00 25.14 ? 1169 ILE A CB  1 
ATOM   499  C CG1 . ILE A 1 71  ? 7.583   13.262  -0.293  1.00 24.79 ? 1169 ILE A CG1 1 
ATOM   500  C CG2 . ILE A 1 71  ? 5.203   12.767  0.593   1.00 24.23 ? 1169 ILE A CG2 1 
ATOM   501  C CD1 . ILE A 1 71  ? 7.899   14.296  0.777   1.00 26.48 ? 1169 ILE A CD1 1 
ATOM   502  N N   . SER A 1 72  ? 5.918   13.770  -3.785  1.00 18.82 ? 1170 SER A N   1 
ATOM   503  C CA  . SER A 1 72  ? 6.473   14.369  -4.997  1.00 20.86 ? 1170 SER A CA  1 
ATOM   504  C C   . SER A 1 72  ? 6.973   15.784  -4.743  1.00 19.61 ? 1170 SER A C   1 
ATOM   505  O O   . SER A 1 72  ? 6.208   16.640  -4.311  1.00 20.97 ? 1170 SER A O   1 
ATOM   506  C CB  . SER A 1 72  ? 5.393   14.408  -6.081  1.00 24.36 ? 1170 SER A CB  1 
ATOM   507  O OG  . SER A 1 72  ? 5.787   15.250  -7.161  1.00 21.44 ? 1170 SER A OG  1 
ATOM   508  N N   . ARG A 1 73  ? 8.254   16.033  -5.002  1.00 19.79 ? 1171 ARG A N   1 
ATOM   509  C CA  . ARG A 1 73  ? 8.807   17.385  -4.893  1.00 20.25 ? 1171 ARG A CA  1 
ATOM   510  C C   . ARG A 1 73  ? 8.094   18.340  -5.853  1.00 23.31 ? 1171 ARG A C   1 
ATOM   511  O O   . ARG A 1 73  ? 7.731   19.454  -5.470  1.00 22.74 ? 1171 ARG A O   1 
ATOM   512  C CB  . ARG A 1 73  ? 10.316  17.375  -5.177  1.00 22.87 ? 1171 ARG A CB  1 
ATOM   513  C CG  . ARG A 1 73  ? 10.962  18.772  -5.267  1.00 25.33 ? 1171 ARG A CG  1 
ATOM   514  C CD  . ARG A 1 73  ? 12.430  18.694  -5.711  1.00 25.33 ? 1171 ARG A CD  1 
ATOM   515  N NE  . ARG A 1 73  ? 13.047  20.022  -5.752  1.00 26.73 ? 1171 ARG A NE  1 
ATOM   516  C CZ  . ARG A 1 73  ? 13.483  20.655  -4.671  1.00 29.85 ? 1171 ARG A CZ  1 
ATOM   517  N NH1 . ARG A 1 73  ? 13.364  20.076  -3.487  1.00 29.34 ? 1171 ARG A NH1 1 
ATOM   518  N NH2 . ARG A 1 73  ? 14.031  21.864  -4.770  1.00 31.34 ? 1171 ARG A NH2 1 
ATOM   519  N N   . GLU A 1 74  ? 7.872   17.891  -7.084  1.00 24.75 ? 1172 GLU A N   1 
ATOM   520  C CA  . GLU A 1 74  ? 7.259   18.746  -8.105  1.00 27.09 ? 1172 GLU A CA  1 
ATOM   521  C C   . GLU A 1 74  ? 5.839   19.173  -7.727  1.00 26.26 ? 1172 GLU A C   1 
ATOM   522  O O   . GLU A 1 74  ? 5.476   20.345  -7.827  1.00 27.89 ? 1172 GLU A O   1 
ATOM   523  C CB  . GLU A 1 74  ? 7.251   18.046  -9.466  1.00 29.92 ? 1172 GLU A CB  1 
ATOM   524  C CG  . GLU A 1 74  ? 6.725   18.939  -10.584 1.00 38.80 ? 1172 GLU A CG  1 
ATOM   525  C CD  . GLU A 1 74  ? 6.772   18.273  -11.946 1.00 42.46 ? 1172 GLU A CD  1 
ATOM   526  O OE1 . GLU A 1 74  ? 6.985   17.042  -12.016 1.00 41.62 ? 1172 GLU A OE1 1 
ATOM   527  O OE2 . GLU A 1 74  ? 6.585   18.987  -12.951 1.00 53.33 ? 1172 GLU A OE2 1 
ATOM   528  N N   . ILE A 1 75  ? 5.031   18.221  -7.291  1.00 24.32 ? 1173 ILE A N   1 
ATOM   529  C CA  . ILE A 1 75  ? 3.666   18.526  -6.891  1.00 23.72 ? 1173 ILE A CA  1 
ATOM   530  C C   . ILE A 1 75  ? 3.614   19.454  -5.679  1.00 26.97 ? 1173 ILE A C   1 
ATOM   531  O O   . ILE A 1 75  ? 2.835   20.422  -5.651  1.00 25.48 ? 1173 ILE A O   1 
ATOM   532  C CB  . ILE A 1 75  ? 2.865   17.244  -6.627  1.00 24.32 ? 1173 ILE A CB  1 
ATOM   533  C CG1 . ILE A 1 75  ? 2.706   16.456  -7.934  1.00 26.02 ? 1173 ILE A CG1 1 
ATOM   534  C CG2 . ILE A 1 75  ? 1.513   17.583  -6.033  1.00 24.96 ? 1173 ILE A CG2 1 
ATOM   535  C CD1 . ILE A 1 75  ? 1.992   15.107  -7.784  1.00 25.18 ? 1173 ILE A CD1 1 
ATOM   536  N N   . MET A 1 76  ? 4.435   19.171  -4.673  1.00 23.17 ? 1174 MET A N   1 
ATOM   537  C CA  . MET A 1 76  ? 4.481   20.022  -3.490  1.00 23.80 ? 1174 MET A CA  1 
ATOM   538  C C   . MET A 1 76  ? 4.924   21.446  -3.825  1.00 26.05 ? 1174 MET A C   1 
ATOM   539  O O   . MET A 1 76  ? 4.325   22.410  -3.338  1.00 25.54 ? 1174 MET A O   1 
ATOM   540  C CB  . MET A 1 76  ? 5.364   19.390  -2.414  1.00 25.31 ? 1174 MET A CB  1 
ATOM   541  C CG  . MET A 1 76  ? 4.776   18.067  -1.951  1.00 23.62 ? 1174 MET A CG  1 
ATOM   542  S SD  . MET A 1 76  ? 5.933   17.132  -0.954  1.00 34.18 ? 1174 MET A SD  1 
ATOM   543  C CE  . MET A 1 76  ? 6.130   18.237  0.332   1.00 16.48 ? 1174 MET A CE  1 
ATOM   544  N N   . GLU A 1 77  ? 5.941   21.579  -4.671  1.00 23.95 ? 1175 GLU A N   1 
ATOM   545  C CA  . GLU A 1 77  ? 6.370   22.911  -5.121  1.00 29.80 ? 1175 GLU A CA  1 
ATOM   546  C C   . GLU A 1 77  ? 5.240   23.622  -5.876  1.00 30.85 ? 1175 GLU A C   1 
ATOM   547  O O   . GLU A 1 77  ? 4.954   24.800  -5.627  1.00 31.15 ? 1175 GLU A O   1 
ATOM   548  C CB  . GLU A 1 77  ? 7.626   22.817  -5.993  1.00 31.66 ? 1175 GLU A CB  1 
ATOM   549  C CG  . GLU A 1 77  ? 8.063   24.138  -6.612  1.00 40.39 ? 1175 GLU A CG  1 
ATOM   550  C CD  . GLU A 1 77  ? 8.655   25.104  -5.600  1.00 51.39 ? 1175 GLU A CD  1 
ATOM   551  O OE1 . GLU A 1 77  ? 9.262   24.632  -4.614  1.00 53.30 ? 1175 GLU A OE1 1 
ATOM   552  O OE2 . GLU A 1 77  ? 8.525   26.336  -5.797  1.00 53.99 ? 1175 GLU A OE2 1 
ATOM   553  N N   . ASN A 1 78  ? 4.586   22.904  -6.781  1.00 27.99 ? 1176 ASN A N   1 
ATOM   554  C CA  . ASN A 1 78  ? 3.489   23.495  -7.553  1.00 33.84 ? 1176 ASN A CA  1 
ATOM   555  C C   . ASN A 1 78  ? 2.314   23.931  -6.681  1.00 36.52 ? 1176 ASN A C   1 
ATOM   556  O O   . ASN A 1 78  ? 1.650   24.927  -6.976  1.00 34.06 ? 1176 ASN A O   1 
ATOM   557  C CB  . ASN A 1 78  ? 3.002   22.551  -8.652  1.00 32.07 ? 1176 ASN A CB  1 
ATOM   558  C CG  . ASN A 1 78  ? 1.991   23.209  -9.579  1.00 47.65 ? 1176 ASN A CG  1 
ATOM   559  O OD1 . ASN A 1 78  ? 2.196   24.337  -10.037 1.00 51.72 ? 1176 ASN A OD1 1 
ATOM   560  N ND2 . ASN A 1 78  ? 0.896   22.510  -9.859  1.00 41.72 ? 1176 ASN A ND2 1 
ATOM   561  N N   . TYR A 1 79  ? 2.070   23.198  -5.599  1.00 28.77 ? 1177 TYR A N   1 
ATOM   562  C CA  . TYR A 1 79  ? 0.907   23.460  -4.750  1.00 27.47 ? 1177 TYR A CA  1 
ATOM   563  C C   . TYR A 1 79  ? 1.247   24.327  -3.544  1.00 25.48 ? 1177 TYR A C   1 
ATOM   564  O O   . TYR A 1 79  ? 0.395   24.560  -2.690  1.00 28.61 ? 1177 TYR A O   1 
ATOM   565  C CB  . TYR A 1 79  ? 0.262   22.158  -4.268  1.00 27.72 ? 1177 TYR A CB  1 
ATOM   566  C CG  . TYR A 1 79  ? -0.507  21.395  -5.318  1.00 27.98 ? 1177 TYR A CG  1 
ATOM   567  C CD1 . TYR A 1 79  ? -0.679  21.904  -6.603  1.00 32.90 ? 1177 TYR A CD1 1 
ATOM   568  C CD2 . TYR A 1 79  ? -1.102  20.174  -5.013  1.00 27.00 ? 1177 TYR A CD2 1 
ATOM   569  C CE1 . TYR A 1 79  ? -1.400  21.197  -7.561  1.00 33.38 ? 1177 TYR A CE1 1 
ATOM   570  C CE2 . TYR A 1 79  ? -1.814  19.469  -5.957  1.00 29.41 ? 1177 TYR A CE2 1 
ATOM   571  C CZ  . TYR A 1 79  ? -1.962  19.977  -7.226  1.00 37.16 ? 1177 TYR A CZ  1 
ATOM   572  O OH  . TYR A 1 79  ? -2.686  19.254  -8.147  1.00 42.18 ? 1177 TYR A OH  1 
ATOM   573  N N   . ASN A 1 80  ? 2.497   24.778  -3.470  1.00 27.38 ? 1178 ASN A N   1 
ATOM   574  C CA  . ASN A 1 80  ? 2.950   25.668  -2.406  1.00 27.82 ? 1178 ASN A CA  1 
ATOM   575  C C   . ASN A 1 80  ? 2.796   25.064  -1.011  1.00 30.97 ? 1178 ASN A C   1 
ATOM   576  O O   . ASN A 1 80  ? 2.367   25.732  -0.070  1.00 28.72 ? 1178 ASN A O   1 
ATOM   577  C CB  . ASN A 1 80  ? 2.222   27.020  -2.493  1.00 32.18 ? 1178 ASN A CB  1 
ATOM   578  C CG  . ASN A 1 80  ? 2.394   27.674  -3.844  1.00 30.12 ? 1178 ASN A CG  1 
ATOM   579  O OD1 . ASN A 1 80  ? 3.512   27.933  -4.275  1.00 35.87 ? 1178 ASN A OD1 1 
ATOM   580  N ND2 . ASN A 1 80  ? 1.287   27.923  -4.528  1.00 33.93 ? 1178 ASN A ND2 1 
ATOM   581  N N   . ILE A 1 81  ? 3.163   23.790  -0.887  1.00 24.93 ? 1179 ILE A N   1 
ATOM   582  C CA  . ILE A 1 81  ? 3.087   23.088  0.396   1.00 25.16 ? 1179 ILE A CA  1 
ATOM   583  C C   . ILE A 1 81  ? 4.420   22.430  0.747   1.00 24.78 ? 1179 ILE A C   1 
ATOM   584  O O   . ILE A 1 81  ? 5.298   22.277  -0.109  1.00 23.53 ? 1179 ILE A O   1 
ATOM   585  C CB  . ILE A 1 81  ? 2.013   21.980  0.381   1.00 24.24 ? 1179 ILE A CB  1 
ATOM   586  C CG1 . ILE A 1 81  ? 2.301   20.966  -0.734  1.00 24.42 ? 1179 ILE A CG1 1 
ATOM   587  C CG2 . ILE A 1 81  ? 0.620   22.566  0.229   1.00 22.62 ? 1179 ILE A CG2 1 
ATOM   588  C CD1 . ILE A 1 81  ? 1.294   19.831  -0.822  1.00 24.60 ? 1179 ILE A CD1 1 
ATOM   589  N N   . ALA A 1 82  ? 4.561   22.041  2.013   1.00 24.08 ? 1180 ALA A N   1 
ATOM   590  C CA  . ALA A 1 82  ? 5.742   21.326  2.491   1.00 25.59 ? 1180 ALA A CA  1 
ATOM   591  C C   . ALA A 1 82  ? 5.301   20.365  3.586   1.00 26.01 ? 1180 ALA A C   1 
ATOM   592  O O   . ALA A 1 82  ? 4.190   20.481  4.104   1.00 23.75 ? 1180 ALA A O   1 
ATOM   593  C CB  . ALA A 1 82  ? 6.782   22.303  3.022   1.00 27.35 ? 1180 ALA A CB  1 
ATOM   594  N N   . LEU A 1 83  ? 6.142   19.395  3.931   1.00 23.15 ? 1181 LEU A N   1 
ATOM   595  C CA  . LEU A 1 83  ? 5.806   18.537  5.057   1.00 22.77 ? 1181 LEU A CA  1 
ATOM   596  C C   . LEU A 1 83  ? 5.790   19.374  6.335   1.00 24.81 ? 1181 LEU A C   1 
ATOM   597  O O   . LEU A 1 83  ? 6.645   20.232  6.525   1.00 24.62 ? 1181 LEU A O   1 
ATOM   598  C CB  . LEU A 1 83  ? 6.803   17.375  5.170   1.00 24.43 ? 1181 LEU A CB  1 
ATOM   599  C CG  . LEU A 1 83  ? 6.660   16.292  4.097   1.00 22.76 ? 1181 LEU A CG  1 
ATOM   600  C CD1 . LEU A 1 83  ? 7.770   15.267  4.310   1.00 27.14 ? 1181 LEU A CD1 1 
ATOM   601  C CD2 . LEU A 1 83  ? 5.288   15.628  4.121   1.00 24.19 ? 1181 LEU A CD2 1 
ATOM   602  N N   . ARG A 1 84  ? 4.823   19.115  7.206   1.00 26.10 ? 1182 ARG A N   1 
ATOM   603  C CA  . ARG A 1 84  ? 4.712   19.835  8.472   1.00 28.98 ? 1182 ARG A CA  1 
ATOM   604  C C   . ARG A 1 84  ? 5.883   19.543  9.405   1.00 32.96 ? 1182 ARG A C   1 
ATOM   605  O O   . ARG A 1 84  ? 6.450   20.452  10.016  1.00 33.13 ? 1182 ARG A O   1 
ATOM   606  C CB  . ARG A 1 84  ? 3.399   19.483  9.174   1.00 31.38 ? 1182 ARG A CB  1 
ATOM   607  C CG  . ARG A 1 84  ? 3.200   20.268  10.473  1.00 35.34 ? 1182 ARG A CG  1 
ATOM   608  C CD  . ARG A 1 84  ? 1.833   20.045  11.104  1.00 40.07 ? 1182 ARG A CD  1 
ATOM   609  N NE  . ARG A 1 84  ? 1.704   20.838  12.328  1.00 47.57 ? 1182 ARG A NE  1 
ATOM   610  C CZ  . ARG A 1 84  ? 0.620   20.886  13.096  1.00 45.75 ? 1182 ARG A CZ  1 
ATOM   611  N NH1 . ARG A 1 84  ? -0.460  20.180  12.787  1.00 44.60 ? 1182 ARG A NH1 1 
ATOM   612  N NH2 . ARG A 1 84  ? 0.620   21.644  14.186  1.00 51.32 ? 1182 ARG A NH2 1 
ATOM   613  N N   . TRP A 1 85  ? 6.246   18.268  9.509   1.00 32.46 ? 1183 TRP A N   1 
ATOM   614  C CA  . TRP A 1 85  ? 7.212   17.827  10.510  1.00 33.48 ? 1183 TRP A CA  1 
ATOM   615  C C   . TRP A 1 85  ? 8.573   17.504  9.897   1.00 34.33 ? 1183 TRP A C   1 
ATOM   616  O O   . TRP A 1 85  ? 8.796   16.397  9.402   1.00 29.12 ? 1183 TRP A O   1 
ATOM   617  C CB  . TRP A 1 85  ? 6.668   16.606  11.264  1.00 36.42 ? 1183 TRP A CB  1 
ATOM   618  C CG  . TRP A 1 85  ? 5.230   16.745  11.725  1.00 39.27 ? 1183 TRP A CG  1 
ATOM   619  C CD1 . TRP A 1 85  ? 4.132   16.111  11.207  1.00 40.73 ? 1183 TRP A CD1 1 
ATOM   620  C CD2 . TRP A 1 85  ? 4.749   17.570  12.786  1.00 42.54 ? 1183 TRP A CD2 1 
ATOM   621  N NE1 . TRP A 1 85  ? 2.998   16.493  11.883  1.00 43.88 ? 1183 TRP A NE1 1 
ATOM   622  C CE2 . TRP A 1 85  ? 3.351   17.388  12.863  1.00 45.80 ? 1183 TRP A CE2 1 
ATOM   623  C CE3 . TRP A 1 85  ? 5.364   18.446  13.686  1.00 42.05 ? 1183 TRP A CE3 1 
ATOM   624  C CZ2 . TRP A 1 85  ? 2.561   18.046  13.797  1.00 46.89 ? 1183 TRP A CZ2 1 
ATOM   625  C CZ3 . TRP A 1 85  ? 4.579   19.099  14.613  1.00 47.33 ? 1183 TRP A CZ3 1 
ATOM   626  C CH2 . TRP A 1 85  ? 3.193   18.896  14.662  1.00 50.92 ? 1183 TRP A CH2 1 
ATOM   627  N N   . THR A 1 86  ? 9.483   18.472  9.958   1.00 29.09 ? 1184 THR A N   1 
ATOM   628  C CA  . THR A 1 86  ? 10.817  18.342  9.374   1.00 30.44 ? 1184 THR A CA  1 
ATOM   629  C C   . THR A 1 86  ? 11.621  17.164  9.931   1.00 30.78 ? 1184 THR A C   1 
ATOM   630  O O   . THR A 1 86  ? 12.476  16.602  9.240   1.00 28.38 ? 1184 THR A O   1 
ATOM   631  C CB  . THR A 1 86  ? 11.630  19.629  9.591   1.00 40.09 ? 1184 THR A CB  1 
ATOM   632  O OG1 . THR A 1 86  ? 10.929  20.732  9.010   1.00 46.84 ? 1184 THR A OG1 1 
ATOM   633  C CG2 . THR A 1 86  ? 13.008  19.515  8.953   1.00 42.35 ? 1184 THR A CG2 1 
ATOM   634  N N   . ALA A 1 87  ? 11.365  16.797  11.186  1.00 27.62 ? 1185 ALA A N   1 
ATOM   635  C CA  . ALA A 1 87  ? 12.116  15.708  11.798  1.00 24.42 ? 1185 ALA A CA  1 
ATOM   636  C C   . ALA A 1 87  ? 11.360  14.386  11.712  1.00 26.52 ? 1185 ALA A C   1 
ATOM   637  O O   . ALA A 1 87  ? 11.842  13.353  12.199  1.00 24.50 ? 1185 ALA A O   1 
ATOM   638  C CB  . ALA A 1 87  ? 12.461  16.041  13.265  1.00 25.46 ? 1185 ALA A CB  1 
ATOM   639  N N   . LYS A 1 88  ? 10.189  14.412  11.083  1.00 24.22 ? 1186 LYS A N   1 
ATOM   640  C CA  . LYS A 1 88  ? 9.359   13.216  10.965  1.00 22.92 ? 1186 LYS A CA  1 
ATOM   641  C C   . LYS A 1 88  ? 8.798   13.081  9.561   1.00 24.29 ? 1186 LYS A C   1 
ATOM   642  O O   . LYS A 1 88  ? 7.578   13.093  9.354   1.00 25.22 ? 1186 LYS A O   1 
ATOM   643  C CB  . LYS A 1 88  ? 8.225   13.242  12.002  1.00 22.24 ? 1186 LYS A CB  1 
ATOM   644  C CG  . LYS A 1 88  ? 8.729   13.162  13.446  1.00 22.01 ? 1186 LYS A CG  1 
ATOM   645  C CD  . LYS A 1 88  ? 7.569   13.212  14.431  1.00 27.93 ? 1186 LYS A CD  1 
ATOM   646  C CE  . LYS A 1 88  ? 8.057   13.407  15.857  1.00 33.10 ? 1186 LYS A CE  1 
ATOM   647  N NZ  . LYS A 1 88  ? 6.892   13.494  16.789  1.00 35.18 ? 1186 LYS A NZ  1 
ATOM   648  N N   . GLN A 1 89  ? 9.713   12.915  8.610   1.00 22.33 ? 1187 GLN A N   1 
ATOM   649  C CA  . GLN A 1 89  ? 9.360   12.923  7.194   1.00 23.29 ? 1187 GLN A CA  1 
ATOM   650  C C   . GLN A 1 89  ? 8.970   11.556  6.637   1.00 16.91 ? 1187 GLN A C   1 
ATOM   651  O O   . GLN A 1 89  ? 9.822   10.662  6.453   1.00 18.18 ? 1187 GLN A O   1 
ATOM   652  C CB  . GLN A 1 89  ? 10.508  13.516  6.392   1.00 24.00 ? 1187 GLN A CB  1 
ATOM   653  C CG  . GLN A 1 89  ? 10.877  14.903  6.900   1.00 27.26 ? 1187 GLN A CG  1 
ATOM   654  C CD  . GLN A 1 89  ? 11.491  15.778  5.829   1.00 30.28 ? 1187 GLN A CD  1 
ATOM   655  O OE1 . GLN A 1 89  ? 11.433  15.464  4.640   1.00 30.07 ? 1187 GLN A OE1 1 
ATOM   656  N NE2 . GLN A 1 89  ? 12.094  16.882  6.249   1.00 33.53 ? 1187 GLN A NE2 1 
ATOM   657  N N   . LYS A 1 90  ? 7.681   11.424  6.356   1.00 19.72 ? 1188 LYS A N   1 
ATOM   658  C CA  . LYS A 1 90  ? 7.139   10.193  5.799   1.00 19.87 ? 1188 LYS A CA  1 
ATOM   659  C C   . LYS A 1 90  ? 7.322   10.231  4.287   1.00 17.20 ? 1188 LYS A C   1 
ATOM   660  O O   . LYS A 1 90  ? 6.354   10.352  3.544   1.00 19.71 ? 1188 LYS A O   1 
ATOM   661  C CB  . LYS A 1 90  ? 5.655   10.020  6.147   1.00 23.66 ? 1188 LYS A CB  1 
ATOM   662  C CG  . LYS A 1 90  ? 5.349   9.929   7.642   1.00 24.72 ? 1188 LYS A CG  1 
ATOM   663  C CD  . LYS A 1 90  ? 3.920   9.443   7.857   1.00 24.98 ? 1188 LYS A CD  1 
ATOM   664  C CE  . LYS A 1 90  ? 3.496   9.535   9.318   1.00 30.18 ? 1188 LYS A CE  1 
ATOM   665  N NZ  . LYS A 1 90  ? 2.090   9.066   9.455   1.00 30.76 ? 1188 LYS A NZ  1 
ATOM   666  N N   . LEU A 1 91  ? 8.568   10.110  3.842   1.00 16.73 ? 1189 LEU A N   1 
ATOM   667  C CA  . LEU A 1 91  ? 8.864   10.188  2.412   1.00 14.78 ? 1189 LEU A CA  1 
ATOM   668  C C   . LEU A 1 91  ? 8.110   9.082   1.672   1.00 16.55 ? 1189 LEU A C   1 
ATOM   669  O O   . LEU A 1 91  ? 7.625   9.284   0.555   1.00 16.57 ? 1189 LEU A O   1 
ATOM   670  C CB  . LEU A 1 91  ? 10.371  10.092  2.163   1.00 16.91 ? 1189 LEU A CB  1 
ATOM   671  C CG  . LEU A 1 91  ? 11.261  11.139  2.855   1.00 15.81 ? 1189 LEU A CG  1 
ATOM   672  C CD1 . LEU A 1 91  ? 12.728  10.970  2.470   1.00 17.57 ? 1189 LEU A CD1 1 
ATOM   673  C CD2 . LEU A 1 91  ? 10.762  12.581  2.584   1.00 17.39 ? 1189 LEU A CD2 1 
ATOM   674  N N   . TYR A 1 92  ? 8.026   7.913   2.297   1.00 16.42 ? 1190 TYR A N   1 
ATOM   675  C CA  . TYR A 1 92  ? 7.165   6.822   1.839   1.00 15.20 ? 1190 TYR A CA  1 
ATOM   676  C C   . TYR A 1 92  ? 6.154   6.552   2.942   1.00 18.80 ? 1190 TYR A C   1 
ATOM   677  O O   . TYR A 1 92  ? 6.523   6.472   4.126   1.00 23.76 ? 1190 TYR A O   1 
ATOM   678  C CB  . TYR A 1 92  ? 8.006   5.573   1.490   1.00 16.68 ? 1190 TYR A CB  1 
ATOM   679  C CG  . TYR A 1 92  ? 9.054   5.904   0.435   1.00 19.17 ? 1190 TYR A CG  1 
ATOM   680  C CD1 . TYR A 1 92  ? 10.239  6.526   0.792   1.00 26.08 ? 1190 TYR A CD1 1 
ATOM   681  C CD2 . TYR A 1 92  ? 8.809   5.687   -0.907  1.00 24.34 ? 1190 TYR A CD2 1 
ATOM   682  C CE1 . TYR A 1 92  ? 11.176  6.875   -0.154  1.00 25.43 ? 1190 TYR A CE1 1 
ATOM   683  C CE2 . TYR A 1 92  ? 9.752   6.022   -1.867  1.00 23.14 ? 1190 TYR A CE2 1 
ATOM   684  C CZ  . TYR A 1 92  ? 10.918  6.615   -1.489  1.00 26.51 ? 1190 TYR A CZ  1 
ATOM   685  O OH  . TYR A 1 92  ? 11.846  6.969   -2.448  1.00 27.52 ? 1190 TYR A OH  1 
ATOM   686  N N   . SER A 1 93  ? 4.881   6.462   2.571   1.00 17.51 ? 1191 SER A N   1 
ATOM   687  C CA  . SER A 1 93  ? 3.817   6.193   3.520   1.00 16.34 ? 1191 SER A CA  1 
ATOM   688  C C   . SER A 1 93  ? 3.097   4.903   3.132   1.00 18.38 ? 1191 SER A C   1 
ATOM   689  O O   . SER A 1 93  ? 2.952   4.598   1.949   1.00 17.91 ? 1191 SER A O   1 
ATOM   690  C CB  . SER A 1 93  ? 2.837   7.381   3.607   1.00 21.17 ? 1191 SER A CB  1 
ATOM   691  O OG  . SER A 1 93  ? 2.375   7.801   2.325   1.00 21.12 ? 1191 SER A OG  1 
ATOM   692  N N   . ARG A 1 94  ? 2.668   4.132   4.131   1.00 20.57 ? 1192 ARG A N   1 
ATOM   693  C CA  . ARG A 1 94  ? 1.870   2.927   3.876   1.00 20.87 ? 1192 ARG A CA  1 
ATOM   694  C C   . ARG A 1 94  ? 0.459   3.305   3.481   1.00 20.29 ? 1192 ARG A C   1 
ATOM   695  O O   . ARG A 1 94  ? -0.064  4.340   3.901   1.00 22.16 ? 1192 ARG A O   1 
ATOM   696  C CB  . ARG A 1 94  ? 1.777   2.080   5.147   1.00 23.50 ? 1192 ARG A CB  1 
ATOM   697  C CG  . ARG A 1 94  ? 3.084   1.534   5.622   1.00 22.83 ? 1192 ARG A CG  1 
ATOM   698  C CD  . ARG A 1 94  ? 2.934   0.850   6.992   1.00 28.97 ? 1192 ARG A CD  1 
ATOM   699  N NE  . ARG A 1 94  ? 1.955   -0.239  6.944   1.00 29.58 ? 1192 ARG A NE  1 
ATOM   700  C CZ  . ARG A 1 94  ? 2.208   -1.471  6.511   1.00 29.00 ? 1192 ARG A CZ  1 
ATOM   701  N NH1 . ARG A 1 94  ? 3.421   -1.818  6.093   1.00 30.32 ? 1192 ARG A NH1 1 
ATOM   702  N NH2 . ARG A 1 94  ? 1.236   -2.373  6.497   1.00 35.27 ? 1192 ARG A NH2 1 
ATOM   703  N N   . THR A 1 95  ? -0.170  2.462   2.683   1.00 20.17 ? 1193 THR A N   1 
ATOM   704  C CA  . THR A 1 95  ? -1.605  2.581   2.476   1.00 21.28 ? 1193 THR A CA  1 
ATOM   705  C C   . THR A 1 95  ? -2.294  2.604   3.843   1.00 25.02 ? 1193 THR A C   1 
ATOM   706  O O   . THR A 1 95  ? -2.004  1.773   4.724   1.00 24.44 ? 1193 THR A O   1 
ATOM   707  C CB  . THR A 1 95  ? -2.161  1.435   1.629   1.00 19.84 ? 1193 THR A CB  1 
ATOM   708  O OG1 . THR A 1 95  ? -1.806  1.625   0.248   1.00 19.45 ? 1193 THR A OG1 1 
ATOM   709  C CG2 . THR A 1 95  ? -3.680  1.388   1.751   1.00 22.29 ? 1193 THR A CG2 1 
ATOM   710  N N   . GLY A 1 96  ? -3.178  3.585   4.028   1.00 24.05 ? 1194 GLY A N   1 
ATOM   711  C CA  . GLY A 1 96  ? -3.889  3.772   5.287   1.00 27.31 ? 1194 GLY A CA  1 
ATOM   712  C C   . GLY A 1 96  ? -3.261  4.798   6.217   1.00 27.58 ? 1194 GLY A C   1 
ATOM   713  O O   . GLY A 1 96  ? -3.895  5.256   7.164   1.00 31.74 ? 1194 GLY A O   1 
ATOM   714  N N   . GLU A 1 97  ? -2.008  5.160   5.952   1.00 23.20 ? 1195 GLU A N   1 
ATOM   715  C CA  . GLU A 1 97  ? -1.243  6.054   6.805   1.00 23.36 ? 1195 GLU A CA  1 
ATOM   716  C C   . GLU A 1 97  ? -1.456  7.490   6.324   1.00 23.28 ? 1195 GLU A C   1 
ATOM   717  O O   . GLU A 1 97  ? -1.642  7.724   5.134   1.00 25.14 ? 1195 GLU A O   1 
ATOM   718  C CB  . GLU A 1 97  ? 0.231   5.685   6.704   1.00 28.40 ? 1195 GLU A CB  1 
ATOM   719  C CG  . GLU A 1 97  ? 1.135   6.493   7.542   1.00 30.64 ? 1195 GLU A CG  1 
ATOM   720  C CD  . GLU A 1 97  ? 2.444   5.770   7.792   1.00 35.30 ? 1195 GLU A CD  1 
ATOM   721  O OE1 . GLU A 1 97  ? 2.954   5.097   6.857   1.00 26.47 ? 1195 GLU A OE1 1 
ATOM   722  O OE2 . GLU A 1 97  ? 2.953   5.874   8.928   1.00 40.29 ? 1195 GLU A OE2 1 
ATOM   723  N N   . SER A 1 98  ? -1.445  8.443   7.248   1.00 26.85 ? 1196 SER A N   1 
ATOM   724  C CA  . SER A 1 98  ? -1.670  9.839   6.873   1.00 28.64 ? 1196 SER A CA  1 
ATOM   725  C C   . SER A 1 98  ? -0.363  10.616  6.799   1.00 26.48 ? 1196 SER A C   1 
ATOM   726  O O   . SER A 1 98  ? 0.610   10.298  7.497   1.00 26.33 ? 1196 SER A O   1 
ATOM   727  C CB  . SER A 1 98  ? -2.634  10.514  7.845   1.00 34.50 ? 1196 SER A CB  1 
ATOM   728  O OG  . SER A 1 98  ? -2.057  10.595  9.132   1.00 43.86 ? 1196 SER A OG  1 
ATOM   729  N N   . VAL A 1 99  ? -0.343  11.620  5.926   1.00 25.22 ? 1197 VAL A N   1 
ATOM   730  C CA  . VAL A 1 99  ? 0.798   12.509  5.772   1.00 22.76 ? 1197 VAL A CA  1 
ATOM   731  C C   . VAL A 1 99  ? 0.276   13.924  5.991   1.00 25.87 ? 1197 VAL A C   1 
ATOM   732  O O   . VAL A 1 99  ? -0.804  14.270  5.502   1.00 24.99 ? 1197 VAL A O   1 
ATOM   733  C CB  . VAL A 1 99  ? 1.419   12.390  4.365   1.00 24.96 ? 1197 VAL A CB  1 
ATOM   734  C CG1 . VAL A 1 99  ? 2.566   13.372  4.190   1.00 25.52 ? 1197 VAL A CG1 1 
ATOM   735  C CG2 . VAL A 1 99  ? 1.895   10.950  4.114   1.00 26.62 ? 1197 VAL A CG2 1 
ATOM   736  N N   . GLU A 1 100 ? 1.017   14.724  6.744   1.00 23.62 ? 1198 GLU A N   1 
ATOM   737  C CA  . GLU A 1 100 ? 0.545   16.078  7.069   1.00 26.28 ? 1198 GLU A CA  1 
ATOM   738  C C   . GLU A 1 100 ? 1.407   17.176  6.461   1.00 23.00 ? 1198 GLU A C   1 
ATOM   739  O O   . GLU A 1 100 ? 2.622   17.215  6.663   1.00 24.63 ? 1198 GLU A O   1 
ATOM   740  C CB  . GLU A 1 100 ? 0.403   16.283  8.579   1.00 30.47 ? 1198 GLU A CB  1 
ATOM   741  C CG  . GLU A 1 100 ? -0.142  17.675  8.928   1.00 28.74 ? 1198 GLU A CG  1 
ATOM   742  C CD  . GLU A 1 100 ? -0.714  17.767  10.337  1.00 41.21 ? 1198 GLU A CD  1 
ATOM   743  O OE1 . GLU A 1 100 ? -0.505  16.832  11.140  1.00 40.16 ? 1198 GLU A OE1 1 
ATOM   744  O OE2 . GLU A 1 100 ? -1.372  18.788  10.636  1.00 41.79 ? 1198 GLU A OE2 1 
ATOM   745  N N   . PHE A 1 101 ? 0.756   18.070  5.718   1.00 23.29 ? 1199 PHE A N   1 
ATOM   746  C CA  . PHE A 1 101 ? 1.434   19.158  5.030   1.00 21.68 ? 1199 PHE A CA  1 
ATOM   747  C C   . PHE A 1 101 ? 1.110   20.482  5.703   1.00 28.15 ? 1199 PHE A C   1 
ATOM   748  O O   . PHE A 1 101 ? 0.222   20.562  6.549   1.00 29.11 ? 1199 PHE A O   1 
ATOM   749  C CB  . PHE A 1 101 ? 0.988   19.225  3.570   1.00 23.63 ? 1199 PHE A CB  1 
ATOM   750  C CG  . PHE A 1 101 ? 1.345   17.996  2.770   1.00 22.59 ? 1199 PHE A CG  1 
ATOM   751  C CD1 . PHE A 1 101 ? 2.594   17.892  2.177   1.00 24.10 ? 1199 PHE A CD1 1 
ATOM   752  C CD2 . PHE A 1 101 ? 0.445   16.954  2.633   1.00 25.37 ? 1199 PHE A CD2 1 
ATOM   753  C CE1 . PHE A 1 101 ? 2.940   16.764  1.455   1.00 22.19 ? 1199 PHE A CE1 1 
ATOM   754  C CE2 . PHE A 1 101 ? 0.781   15.823  1.910   1.00 25.97 ? 1199 PHE A CE2 1 
ATOM   755  C CZ  . PHE A 1 101 ? 2.029   15.727  1.322   1.00 20.75 ? 1199 PHE A CZ  1 
ATOM   756  N N   . VAL A 1 102 ? 1.845   21.512  5.310   1.00 26.89 ? 1200 VAL A N   1 
ATOM   757  C CA  . VAL A 1 102 ? 1.530   22.883  5.695   1.00 27.72 ? 1200 VAL A CA  1 
ATOM   758  C C   . VAL A 1 102 ? 1.657   23.760  4.463   1.00 31.25 ? 1200 VAL A C   1 
ATOM   759  O O   . VAL A 1 102 ? 2.359   23.403  3.517   1.00 27.50 ? 1200 VAL A O   1 
ATOM   760  C CB  . VAL A 1 102 ? 2.502   23.433  6.752   1.00 29.61 ? 1200 VAL A CB  1 
ATOM   761  C CG1 . VAL A 1 102 ? 2.237   22.820  8.114   1.00 36.78 ? 1200 VAL A CG1 1 
ATOM   762  C CG2 . VAL A 1 102 ? 3.951   23.229  6.319   1.00 30.26 ? 1200 VAL A CG2 1 
ATOM   763  N N   . CYS A 1 103 ? 0.981   24.908  4.466   1.00 30.36 ? 1201 CYS A N   1 
ATOM   764  C CA  . CYS A 1 103 ? 1.210   25.912  3.430   1.00 33.92 ? 1201 CYS A CA  1 
ATOM   765  C C   . CYS A 1 103 ? 2.564   26.560  3.666   1.00 33.61 ? 1201 CYS A C   1 
ATOM   766  O O   . CYS A 1 103 ? 2.943   26.807  4.807   1.00 34.79 ? 1201 CYS A O   1 
ATOM   767  C CB  . CYS A 1 103 ? 0.118   26.993  3.466   1.00 31.04 ? 1201 CYS A CB  1 
ATOM   768  S SG  . CYS A 1 103 ? -1.511  26.412  3.027   1.00 35.11 ? 1201 CYS A SG  1 
ATOM   769  N N   . LYS A 1 104 ? 3.297   26.834  2.594   1.00 32.38 ? 1202 LYS A N   1 
ATOM   770  C CA  . LYS A 1 104 ? 4.548   27.563  2.721   1.00 34.36 ? 1202 LYS A CA  1 
ATOM   771  C C   . LYS A 1 104 ? 4.243   28.979  3.180   1.00 42.30 ? 1202 LYS A C   1 
ATOM   772  O O   . LYS A 1 104 ? 3.106   29.451  3.048   1.00 38.61 ? 1202 LYS A O   1 
ATOM   773  C CB  . LYS A 1 104 ? 5.302   27.607  1.391   1.00 33.97 ? 1202 LYS A CB  1 
ATOM   774  C CG  . LYS A 1 104 ? 5.785   26.245  0.900   1.00 37.27 ? 1202 LYS A CG  1 
ATOM   775  C CD  . LYS A 1 104 ? 6.724   26.384  -0.283  1.00 38.17 ? 1202 LYS A CD  1 
ATOM   776  C CE  . LYS A 1 104 ? 7.164   25.012  -0.782  1.00 40.30 ? 1202 LYS A CE  1 
ATOM   777  N NZ  . LYS A 1 104 ? 8.219   25.090  -1.845  1.00 43.91 ? 1202 LYS A NZ  1 
ATOM   778  N N   . ALA A 1 105 ? 5.258   29.644  3.723   1.00 44.03 ? 1203 ALA A N   1 
ATOM   779  C CA  . ALA A 1 105 ? 5.123   31.022  4.185   1.00 47.95 ? 1203 ALA A CA  1 
ATOM   780  C C   . ALA A 1 105 ? 4.546   31.907  3.087   1.00 44.30 ? 1203 ALA A C   1 
ATOM   781  O O   . ALA A 1 105 ? 5.076   31.963  1.975   1.00 45.02 ? 1203 ALA A O   1 
ATOM   782  C CB  . ALA A 1 105 ? 6.469   31.561  4.643   1.00 45.25 ? 1203 ALA A CB  1 
ATOM   783  N N   . GLY A 1 106 ? 3.450   32.587  3.405   1.00 44.64 ? 1204 GLY A N   1 
ATOM   784  C CA  . GLY A 1 106 ? 2.856   33.540  2.487   1.00 45.72 ? 1204 GLY A CA  1 
ATOM   785  C C   . GLY A 1 106 ? 1.709   32.952  1.698   1.00 51.68 ? 1204 GLY A C   1 
ATOM   786  O O   . GLY A 1 106 ? 1.182   33.591  0.785   1.00 49.42 ? 1204 GLY A O   1 
ATOM   787  N N   . TYR A 1 107 ? 1.320   31.727  2.047   1.00 44.62 ? 1205 TYR A N   1 
ATOM   788  C CA  . TYR A 1 107 ? 0.219   31.062  1.365   1.00 40.51 ? 1205 TYR A CA  1 
ATOM   789  C C   . TYR A 1 107 ? -0.841  30.586  2.345   1.00 36.27 ? 1205 TYR A C   1 
ATOM   790  O O   . TYR A 1 107 ? -0.581  30.444  3.542   1.00 41.92 ? 1205 TYR A O   1 
ATOM   791  C CB  . TYR A 1 107 ? 0.736   29.878  0.539   1.00 36.57 ? 1205 TYR A CB  1 
ATOM   792  C CG  . TYR A 1 107 ? 1.657   30.286  -0.583  1.00 38.22 ? 1205 TYR A CG  1 
ATOM   793  C CD1 . TYR A 1 107 ? 2.995   30.582  -0.340  1.00 41.39 ? 1205 TYR A CD1 1 
ATOM   794  C CD2 . TYR A 1 107 ? 1.189   30.378  -1.887  1.00 39.39 ? 1205 TYR A CD2 1 
ATOM   795  C CE1 . TYR A 1 107 ? 3.842   30.957  -1.370  1.00 40.73 ? 1205 TYR A CE1 1 
ATOM   796  C CE2 . TYR A 1 107 ? 2.022   30.752  -2.918  1.00 38.94 ? 1205 TYR A CE2 1 
ATOM   797  C CZ  . TYR A 1 107 ? 3.347   31.043  -2.655  1.00 43.72 ? 1205 TYR A CZ  1 
ATOM   798  O OH  . TYR A 1 107 ? 4.179   31.415  -3.686  1.00 45.29 ? 1205 TYR A OH  1 
ATOM   799  N N   . ARG A 1 108 ? -2.034  30.329  1.825   1.00 35.86 ? 1206 ARG A N   1 
ATOM   800  C CA  . ARG A 1 108 ? -3.130  29.841  2.643   1.00 40.41 ? 1206 ARG A CA  1 
ATOM   801  C C   . ARG A 1 108 ? -3.900  28.776  1.881   1.00 38.42 ? 1206 ARG A C   1 
ATOM   802  O O   . ARG A 1 108 ? -3.898  28.758  0.652   1.00 39.21 ? 1206 ARG A O   1 
ATOM   803  C CB  . ARG A 1 108 ? -4.070  30.996  3.009   1.00 45.52 ? 1206 ARG A CB  1 
ATOM   804  C CG  . ARG A 1 108 ? -4.840  31.551  1.818   1.00 48.00 ? 1206 ARG A CG  1 
ATOM   805  N N   . LEU A 1 109 ? -4.564  27.893  2.614   1.00 40.52 ? 1207 LEU A N   1 
ATOM   806  C CA  . LEU A 1 109 ? -5.352  26.835  2.001   1.00 40.54 ? 1207 LEU A CA  1 
ATOM   807  C C   . LEU A 1 109 ? -6.352  27.414  0.997   1.00 50.08 ? 1207 LEU A C   1 
ATOM   808  O O   . LEU A 1 109 ? -7.127  28.310  1.326   1.00 46.82 ? 1207 LEU A O   1 
ATOM   809  C CB  . LEU A 1 109 ? -6.074  26.038  3.081   1.00 39.95 ? 1207 LEU A CB  1 
ATOM   810  C CG  . LEU A 1 109 ? -6.335  24.553  2.829   1.00 43.98 ? 1207 LEU A CG  1 
ATOM   811  C CD1 . LEU A 1 109 ? -5.063  23.841  2.390   1.00 39.21 ? 1207 LEU A CD1 1 
ATOM   812  C CD2 . LEU A 1 109 ? -6.907  23.905  4.080   1.00 46.59 ? 1207 LEU A CD2 1 
ATOM   813  N N   . SER A 1 110 ? -6.324  26.909  -0.233  1.00 43.97 ? 1208 SER A N   1 
ATOM   814  C CA  . SER A 1 110 ? -7.271  27.350  -1.249  1.00 45.03 ? 1208 SER A CA  1 
ATOM   815  C C   . SER A 1 110 ? -8.661  26.844  -0.898  1.00 48.99 ? 1208 SER A C   1 
ATOM   816  O O   . SER A 1 110 ? -8.808  25.901  -0.118  1.00 48.73 ? 1208 SER A O   1 
ATOM   817  C CB  . SER A 1 110 ? -6.861  26.843  -2.635  1.00 46.05 ? 1208 SER A CB  1 
ATOM   818  O OG  . SER A 1 110 ? -7.214  25.478  -2.804  1.00 48.54 ? 1208 SER A OG  1 
ATOM   819  N N   . SER A 1 111 ? -9.689  27.481  -1.449  1.00 49.38 ? 1209 SER A N   1 
ATOM   820  C CA  . SER A 1 111 ? -11.041 26.975  -1.266  1.00 53.64 ? 1209 SER A CA  1 
ATOM   821  C C   . SER A 1 111 ? -11.200 25.718  -2.113  1.00 52.29 ? 1209 SER A C   1 
ATOM   822  O O   . SER A 1 111 ? -10.647 25.621  -3.215  1.00 55.49 ? 1209 SER A O   1 
ATOM   823  C CB  . SER A 1 111 ? -12.086 28.032  -1.643  1.00 59.68 ? 1209 SER A CB  1 
ATOM   824  O OG  . SER A 1 111 ? -11.895 28.499  -2.967  1.00 64.31 ? 1209 SER A OG  1 
ATOM   825  N N   . ARG A 1 112 ? -11.933 24.747  -1.582  1.00 52.58 ? 1210 ARG A N   1 
ATOM   826  C CA  . ARG A 1 112 ? -12.113 23.461  -2.251  1.00 53.74 ? 1210 ARG A CA  1 
ATOM   827  C C   . ARG A 1 112 ? -10.872 22.558  -2.149  1.00 49.49 ? 1210 ARG A C   1 
ATOM   828  O O   . ARG A 1 112 ? -10.870 21.445  -2.677  1.00 45.47 ? 1210 ARG A O   1 
ATOM   829  C CB  . ARG A 1 112 ? -12.521 23.654  -3.717  1.00 52.01 ? 1210 ARG A CB  1 
ATOM   830  N N   . SER A 1 113 ? -9.830  23.037  -1.471  1.00 43.75 ? 1211 SER A N   1 
ATOM   831  C CA  . SER A 1 113 ? -8.630  22.223  -1.246  1.00 42.10 ? 1211 SER A CA  1 
ATOM   832  C C   . SER A 1 113 ? -8.913  21.076  -0.287  1.00 41.73 ? 1211 SER A C   1 
ATOM   833  O O   . SER A 1 113 ? -9.723  21.207  0.633   1.00 40.60 ? 1211 SER A O   1 
ATOM   834  C CB  . SER A 1 113 ? -7.485  23.073  -0.689  1.00 38.16 ? 1211 SER A CB  1 
ATOM   835  O OG  . SER A 1 113 ? -6.442  22.253  -0.172  1.00 37.26 ? 1211 SER A OG  1 
ATOM   836  N N   . HIS A 1 114 ? -8.239  19.948  -0.502  1.00 36.86 ? 1212 HIS A N   1 
ATOM   837  C CA  . HIS A 1 114 ? -8.257  18.854  0.458   1.00 32.54 ? 1212 HIS A CA  1 
ATOM   838  C C   . HIS A 1 114 ? -7.602  19.338  1.747   1.00 28.87 ? 1212 HIS A C   1 
ATOM   839  O O   . HIS A 1 114 ? -6.786  20.258  1.717   1.00 33.95 ? 1212 HIS A O   1 
ATOM   840  C CB  . HIS A 1 114 ? -7.484  17.652  -0.107  1.00 34.03 ? 1212 HIS A CB  1 
ATOM   841  C CG  . HIS A 1 114 ? -7.650  16.391  0.686   1.00 34.60 ? 1212 HIS A CG  1 
ATOM   842  N ND1 . HIS A 1 114 ? -7.020  16.184  1.895   1.00 35.94 ? 1212 HIS A ND1 1 
ATOM   843  C CD2 . HIS A 1 114 ? -8.359  15.267  0.433   1.00 38.97 ? 1212 HIS A CD2 1 
ATOM   844  C CE1 . HIS A 1 114 ? -7.341  14.988  2.357   1.00 34.64 ? 1212 HIS A CE1 1 
ATOM   845  N NE2 . HIS A 1 114 ? -8.151  14.410  1.491   1.00 33.85 ? 1212 HIS A NE2 1 
ATOM   846  N N   . THR A 1 115 ? -7.953  18.725  2.876   1.00 30.83 ? 1213 THR A N   1 
ATOM   847  C CA  . THR A 1 115 ? -7.340  19.084  4.151   1.00 33.66 ? 1213 THR A CA  1 
ATOM   848  C C   . THR A 1 115 ? -5.829  18.881  4.093   1.00 32.64 ? 1213 THR A C   1 
ATOM   849  O O   . THR A 1 115 ? -5.331  18.111  3.262   1.00 31.79 ? 1213 THR A O   1 
ATOM   850  C CB  . THR A 1 115 ? -7.912  18.269  5.319   1.00 35.99 ? 1213 THR A CB  1 
ATOM   851  O OG1 . THR A 1 115 ? -7.736  16.874  5.057   1.00 32.88 ? 1213 THR A OG1 1 
ATOM   852  C CG2 . THR A 1 115 ? -9.403  18.559  5.505   1.00 36.84 ? 1213 THR A CG2 1 
ATOM   853  N N   . LEU A 1 116 ? -5.107  19.566  4.974   1.00 31.29 ? 1214 LEU A N   1 
ATOM   854  C CA  . LEU A 1 116 ? -3.648  19.504  4.988   1.00 28.36 ? 1214 LEU A CA  1 
ATOM   855  C C   . LEU A 1 116 ? -3.164  18.110  5.379   1.00 29.24 ? 1214 LEU A C   1 
ATOM   856  O O   . LEU A 1 116 ? -2.069  17.701  4.992   1.00 28.56 ? 1214 LEU A O   1 
ATOM   857  C CB  . LEU A 1 116 ? -3.067  20.558  5.927   1.00 29.54 ? 1214 LEU A CB  1 
ATOM   858  C CG  . LEU A 1 116 ? -3.136  21.991  5.389   1.00 30.02 ? 1214 LEU A CG  1 
ATOM   859  C CD1 . LEU A 1 116 ? -2.922  22.998  6.509   1.00 34.08 ? 1214 LEU A CD1 1 
ATOM   860  C CD2 . LEU A 1 116 ? -2.143  22.215  4.251   1.00 28.56 ? 1214 LEU A CD2 1 
ATOM   861  N N   . ARG A 1 117 ? -3.972  17.403  6.167   1.00 30.61 ? 1215 ARG A N   1 
ATOM   862  C CA  . ARG A 1 117 ? -3.708  15.999  6.470   1.00 32.42 ? 1215 ARG A CA  1 
ATOM   863  C C   . ARG A 1 117 ? -4.385  15.112  5.444   1.00 31.82 ? 1215 ARG A C   1 
ATOM   864  O O   . ARG A 1 117 ? -5.582  15.243  5.188   1.00 30.50 ? 1215 ARG A O   1 
ATOM   865  C CB  . ARG A 1 117 ? -4.216  15.640  7.862   1.00 34.43 ? 1215 ARG A CB  1 
ATOM   866  C CG  . ARG A 1 117 ? -3.450  16.322  8.961   1.00 40.27 ? 1215 ARG A CG  1 
ATOM   867  C CD  . ARG A 1 117 ? -3.972  15.900  10.318  1.00 48.47 ? 1215 ARG A CD  1 
ATOM   868  N NE  . ARG A 1 117 ? -4.009  14.446  10.468  1.00 51.85 ? 1215 ARG A NE  1 
ATOM   869  C CZ  . ARG A 1 117 ? -2.955  13.699  10.789  1.00 53.48 ? 1215 ARG A CZ  1 
ATOM   870  N NH1 . ARG A 1 117 ? -1.764  14.262  10.980  1.00 48.61 ? 1215 ARG A NH1 1 
ATOM   871  N NH2 . ARG A 1 117 ? -3.091  12.384  10.918  1.00 55.17 ? 1215 ARG A NH2 1 
ATOM   872  N N   . THR A 1 118 ? -3.636  14.192  4.853   1.00 27.28 ? 1216 THR A N   1 
ATOM   873  C CA  . THR A 1 118 ? -4.215  13.386  3.792   1.00 28.18 ? 1216 THR A CA  1 
ATOM   874  C C   . THR A 1 118 ? -3.698  11.949  3.863   1.00 28.17 ? 1216 THR A C   1 
ATOM   875  O O   . THR A 1 118 ? -2.600  11.706  4.358   1.00 29.76 ? 1216 THR A O   1 
ATOM   876  C CB  . THR A 1 118 ? -3.970  14.026  2.408   1.00 25.25 ? 1216 THR A CB  1 
ATOM   877  O OG1 . THR A 1 118 ? -4.815  13.411  1.430   1.00 30.52 ? 1216 THR A OG1 1 
ATOM   878  C CG2 . THR A 1 118 ? -2.497  13.908  1.997   1.00 23.89 ? 1216 THR A CG2 1 
ATOM   879  N N   . THR A 1 119 ? -4.497  11.007  3.383   1.00 25.11 ? 1217 THR A N   1 
ATOM   880  C CA  . THR A 1 119 ? -4.195  9.591   3.580   1.00 27.47 ? 1217 THR A CA  1 
ATOM   881  C C   . THR A 1 119 ? -3.729  8.916   2.299   1.00 24.10 ? 1217 THR A C   1 
ATOM   882  O O   . THR A 1 119 ? -4.303  9.109   1.221   1.00 26.39 ? 1217 THR A O   1 
ATOM   883  C CB  . THR A 1 119 ? -5.403  8.831   4.167   1.00 29.58 ? 1217 THR A CB  1 
ATOM   884  O OG1 . THR A 1 119 ? -5.690  9.347   5.473   1.00 34.19 ? 1217 THR A OG1 1 
ATOM   885  C CG2 . THR A 1 119 ? -5.089  7.343   4.294   1.00 28.51 ? 1217 THR A CG2 1 
ATOM   886  N N   . CYS A 1 120 ? -2.658  8.142   2.422   1.00 22.61 ? 1218 CYS A N   1 
ATOM   887  C CA  . CYS A 1 120 ? -2.166  7.336   1.315   1.00 23.26 ? 1218 CYS A CA  1 
ATOM   888  C C   . CYS A 1 120 ? -3.111  6.177   1.034   1.00 23.22 ? 1218 CYS A C   1 
ATOM   889  O O   . CYS A 1 120 ? -3.475  5.428   1.959   1.00 22.51 ? 1218 CYS A O   1 
ATOM   890  C CB  . CYS A 1 120 ? -0.790  6.765   1.681   1.00 20.09 ? 1218 CYS A CB  1 
ATOM   891  S SG  . CYS A 1 120 ? -0.140  5.546   0.494   1.00 20.55 ? 1218 CYS A SG  1 
ATOM   892  N N   . TRP A 1 121 ? -3.497  6.021   -0.231  1.00 20.42 ? 1219 TRP A N   1 
ATOM   893  C CA  A TRP A 1 121 ? -4.224  4.824   -0.648  0.52 25.31 ? 1219 TRP A CA  1 
ATOM   894  C CA  B TRP A 1 121 ? -4.286  4.874   -0.681  0.48 25.33 ? 1219 TRP A CA  1 
ATOM   895  C C   . TRP A 1 121 ? -3.681  4.212   -1.927  1.00 21.32 ? 1219 TRP A C   1 
ATOM   896  O O   . TRP A 1 121 ? -3.804  4.763   -3.030  1.00 21.07 ? 1219 TRP A O   1 
ATOM   897  C CB  A TRP A 1 121 ? -5.737  5.019   -0.788  0.52 27.32 ? 1219 TRP A CB  1 
ATOM   898  C CB  B TRP A 1 121 ? -5.723  5.316   -1.004  0.48 26.92 ? 1219 TRP A CB  1 
ATOM   899  C CG  A TRP A 1 121 ? -6.365  3.707   -1.192  0.52 28.16 ? 1219 TRP A CG  1 
ATOM   900  C CG  B TRP A 1 121 ? -6.494  5.861   0.169   0.48 26.85 ? 1219 TRP A CG  1 
ATOM   901  C CD1 A TRP A 1 121 ? -6.632  3.278   -2.463  0.52 31.01 ? 1219 TRP A CD1 1 
ATOM   902  C CD1 B TRP A 1 121 ? -6.916  7.149   0.348   0.48 29.37 ? 1219 TRP A CD1 1 
ATOM   903  C CD2 A TRP A 1 121 ? -6.729  2.626   -0.322  0.52 30.44 ? 1219 TRP A CD2 1 
ATOM   904  C CD2 B TRP A 1 121 ? -6.938  5.130   1.320   0.48 28.87 ? 1219 TRP A CD2 1 
ATOM   905  N NE1 A TRP A 1 121 ? -7.166  2.012   -2.432  0.52 33.71 ? 1219 TRP A NE1 1 
ATOM   906  N NE1 B TRP A 1 121 ? -7.587  7.265   1.540   0.48 30.54 ? 1219 TRP A NE1 1 
ATOM   907  C CE2 A TRP A 1 121 ? -7.228  1.588   -1.133  0.52 26.32 ? 1219 TRP A CE2 1 
ATOM   908  C CE2 B TRP A 1 121 ? -7.619  6.041   2.154   0.48 26.59 ? 1219 TRP A CE2 1 
ATOM   909  C CE3 A TRP A 1 121 ? -6.695  2.444   1.061   0.52 29.57 ? 1219 TRP A CE3 1 
ATOM   910  C CE3 B TRP A 1 121 ? -6.824  3.795   1.726   0.48 31.45 ? 1219 TRP A CE3 1 
ATOM   911  C CZ2 A TRP A 1 121 ? -7.698  0.391   -0.603  0.52 33.68 ? 1219 TRP A CZ2 1 
ATOM   912  C CZ2 B TRP A 1 121 ? -8.182  5.660   3.371   0.48 27.70 ? 1219 TRP A CZ2 1 
ATOM   913  C CZ3 A TRP A 1 121 ? -7.155  1.242   1.585   0.52 32.17 ? 1219 TRP A CZ3 1 
ATOM   914  C CZ3 B TRP A 1 121 ? -7.384  3.419   2.935   0.48 32.26 ? 1219 TRP A CZ3 1 
ATOM   915  C CH2 A TRP A 1 121 ? -7.651  0.238   0.755   0.52 29.62 ? 1219 TRP A CH2 1 
ATOM   916  C CH2 B TRP A 1 121 ? -8.056  4.348   3.741   0.48 28.44 ? 1219 TRP A CH2 1 
ATOM   917  N N   . ASP A 1 122 ? -3.054  3.047   -1.761  1.00 20.86 ? 1220 ASP A N   1 
ATOM   918  C CA  . ASP A 1 122 ? -2.541  2.268   -2.886  1.00 21.08 ? 1220 ASP A CA  1 
ATOM   919  C C   . ASP A 1 122 ? -1.775  3.133   -3.887  1.00 19.25 ? 1220 ASP A C   1 
ATOM   920  O O   . ASP A 1 122 ? -2.017  3.079   -5.108  1.00 20.79 ? 1220 ASP A O   1 
ATOM   921  C CB  . ASP A 1 122 ? -3.689  1.499   -3.555  1.00 21.07 ? 1220 ASP A CB  1 
ATOM   922  C CG  . ASP A 1 122 ? -3.205  0.422   -4.497  1.00 23.58 ? 1220 ASP A CG  1 
ATOM   923  O OD1 . ASP A 1 122 ? -2.074  -0.084  -4.316  1.00 20.83 ? 1220 ASP A OD1 1 
ATOM   924  O OD2 . ASP A 1 122 ? -3.964  0.063   -5.427  1.00 23.89 ? 1220 ASP A OD2 1 
ATOM   925  N N   . GLY A 1 123 ? -0.847  3.934   -3.360  1.00 18.48 ? 1221 GLY A N   1 
ATOM   926  C CA  . GLY A 1 123 ? 0.025   4.739   -4.193  1.00 17.44 ? 1221 GLY A CA  1 
ATOM   927  C C   . GLY A 1 123 ? -0.411  6.186   -4.379  1.00 20.67 ? 1221 GLY A C   1 
ATOM   928  O O   . GLY A 1 123 ? 0.391   7.036   -4.750  1.00 22.28 ? 1221 GLY A O   1 
ATOM   929  N N   . LYS A 1 124 ? -1.684  6.469   -4.131  1.00 22.53 ? 1222 LYS A N   1 
ATOM   930  C CA  . LYS A 1 124 ? -2.226  7.805   -4.385  1.00 24.46 ? 1222 LYS A CA  1 
ATOM   931  C C   . LYS A 1 124 ? -2.396  8.657   -3.132  1.00 22.84 ? 1222 LYS A C   1 
ATOM   932  O O   . LYS A 1 124 ? -3.036  8.250   -2.172  1.00 22.71 ? 1222 LYS A O   1 
ATOM   933  C CB  . LYS A 1 124 ? -3.579  7.683   -5.096  1.00 25.31 ? 1222 LYS A CB  1 
ATOM   934  C CG  . LYS A 1 124 ? -4.186  9.034   -5.511  1.00 32.97 ? 1222 LYS A CG  1 
ATOM   935  C CD  . LYS A 1 124 ? -3.258  9.788   -6.473  1.00 36.59 ? 1222 LYS A CD  1 
ATOM   936  C CE  . LYS A 1 124 ? -3.962  10.962  -7.184  1.00 41.22 ? 1222 LYS A CE  1 
ATOM   937  N NZ  . LYS A 1 124 ? -4.090  12.165  -6.315  1.00 41.91 ? 1222 LYS A NZ  1 
ATOM   938  N N   . LEU A 1 125 ? -1.802  9.847   -3.153  1.00 23.95 ? 1223 LEU A N   1 
ATOM   939  C CA  . LEU A 1 125 ? -2.052  10.872  -2.148  1.00 25.01 ? 1223 LEU A CA  1 
ATOM   940  C C   . LEU A 1 125 ? -2.861  11.974  -2.816  1.00 27.36 ? 1223 LEU A C   1 
ATOM   941  O O   . LEU A 1 125 ? -2.539  12.390  -3.930  1.00 26.35 ? 1223 LEU A O   1 
ATOM   942  C CB  . LEU A 1 125 ? -0.733  11.483  -1.655  1.00 23.88 ? 1223 LEU A CB  1 
ATOM   943  C CG  . LEU A 1 125 ? 0.132   10.681  -0.686  1.00 22.76 ? 1223 LEU A CG  1 
ATOM   944  C CD1 . LEU A 1 125 ? 1.524   11.293  -0.580  1.00 25.04 ? 1223 LEU A CD1 1 
ATOM   945  C CD2 . LEU A 1 125 ? -0.529  10.643  0.687   1.00 28.28 ? 1223 LEU A CD2 1 
ATOM   946  N N   . GLU A 1 126 ? -3.908  12.443  -2.151  1.00 25.79 ? 1224 GLU A N   1 
ATOM   947  C CA  . GLU A 1 126 ? -4.637  13.612  -2.657  1.00 28.73 ? 1224 GLU A CA  1 
ATOM   948  C C   . GLU A 1 126 ? -4.096  14.841  -1.943  1.00 26.71 ? 1224 GLU A C   1 
ATOM   949  O O   . GLU A 1 126 ? -4.379  15.068  -0.767  1.00 27.41 ? 1224 GLU A O   1 
ATOM   950  C CB  . GLU A 1 126 ? -6.150  13.460  -2.462  1.00 33.69 ? 1224 GLU A CB  1 
ATOM   951  C CG  . GLU A 1 126 ? -6.965  14.568  -3.140  1.00 36.09 ? 1224 GLU A CG  1 
ATOM   952  C CD  . GLU A 1 126 ? -8.436  14.535  -2.764  1.00 44.85 ? 1224 GLU A CD  1 
ATOM   953  N N   . TYR A 1 127 ? -3.287  15.621  -2.649  1.00 26.31 ? 1225 TYR A N   1 
ATOM   954  C CA  . TYR A 1 127 ? -2.547  16.712  -2.028  1.00 24.12 ? 1225 TYR A CA  1 
ATOM   955  C C   . TYR A 1 127 ? -3.417  17.943  -1.791  1.00 24.48 ? 1225 TYR A C   1 
ATOM   956  O O   . TYR A 1 127 ? -4.255  18.270  -2.626  1.00 30.42 ? 1225 TYR A O   1 
ATOM   957  C CB  . TYR A 1 127 ? -1.378  17.140  -2.915  1.00 22.81 ? 1225 TYR A CB  1 
ATOM   958  C CG  . TYR A 1 127 ? -0.214  16.163  -3.006  1.00 22.87 ? 1225 TYR A CG  1 
ATOM   959  C CD1 . TYR A 1 127 ? -0.202  15.146  -3.954  1.00 25.17 ? 1225 TYR A CD1 1 
ATOM   960  C CD2 . TYR A 1 127 ? 0.883   16.295  -2.171  1.00 23.12 ? 1225 TYR A CD2 1 
ATOM   961  C CE1 . TYR A 1 127 ? 0.890   14.259  -4.052  1.00 23.42 ? 1225 TYR A CE1 1 
ATOM   962  C CE2 . TYR A 1 127 ? 1.965   15.427  -2.254  1.00 22.21 ? 1225 TYR A CE2 1 
ATOM   963  C CZ  . TYR A 1 127 ? 1.961   14.413  -3.193  1.00 24.39 ? 1225 TYR A CZ  1 
ATOM   964  O OH  . TYR A 1 127 ? 3.055   13.560  -3.257  1.00 22.33 ? 1225 TYR A OH  1 
ATOM   965  N N   . PRO A 1 128 ? -3.186  18.629  -0.664  1.00 25.78 ? 1226 PRO A N   1 
ATOM   966  C CA  . PRO A 1 128 ? -3.820  19.930  -0.404  1.00 32.35 ? 1226 PRO A CA  1 
ATOM   967  C C   . PRO A 1 128 ? -3.187  20.969  -1.316  1.00 33.75 ? 1226 PRO A C   1 
ATOM   968  O O   . PRO A 1 128 ? -2.064  20.765  -1.785  1.00 27.56 ? 1226 PRO A O   1 
ATOM   969  C CB  . PRO A 1 128 ? -3.425  20.213  1.048   1.00 30.16 ? 1226 PRO A CB  1 
ATOM   970  C CG  . PRO A 1 128 ? -2.098  19.470  1.217   1.00 24.73 ? 1226 PRO A CG  1 
ATOM   971  C CD  . PRO A 1 128 ? -2.367  18.187  0.481   1.00 27.77 ? 1226 PRO A CD  1 
ATOM   972  N N   . THR A 1 129 ? -3.886  22.076  -1.557  1.00 30.16 ? 1227 THR A N   1 
ATOM   973  C CA  . THR A 1 129 ? -3.356  23.124  -2.412  1.00 30.37 ? 1227 THR A CA  1 
ATOM   974  C C   . THR A 1 129 ? -3.433  24.468  -1.686  1.00 35.47 ? 1227 THR A C   1 
ATOM   975  O O   . THR A 1 129 ? -4.453  24.796  -1.088  1.00 36.85 ? 1227 THR A O   1 
ATOM   976  C CB  . THR A 1 129 ? -4.135  23.192  -3.731  1.00 38.03 ? 1227 THR A CB  1 
ATOM   977  O OG1 . THR A 1 129 ? -4.011  21.938  -4.424  1.00 36.70 ? 1227 THR A OG1 1 
ATOM   978  C CG2 . THR A 1 129 ? -3.592  24.303  -4.610  1.00 39.69 ? 1227 THR A CG2 1 
ATOM   979  N N   . CYS A 1 130 ? -2.340  25.222  -1.706  1.00 27.38 ? 1228 CYS A N   1 
ATOM   980  C CA  . CYS A 1 130 ? -2.325  26.545  -1.094  1.00 36.44 ? 1228 CYS A CA  1 
ATOM   981  C C   . CYS A 1 130 ? -2.150  27.634  -2.148  1.00 38.12 ? 1228 CYS A C   1 
ATOM   982  O O   . CYS A 1 130 ? -1.514  27.418  -3.186  1.00 35.47 ? 1228 CYS A O   1 
ATOM   983  C CB  . CYS A 1 130 ? -1.232  26.640  -0.033  1.00 33.42 ? 1228 CYS A CB  1 
ATOM   984  S SG  . CYS A 1 130 ? -1.388  25.397  1.270   1.00 32.39 ? 1228 CYS A SG  1 
ATOM   985  N N   . ALA A 1 131 ? -2.728  28.801  -1.877  1.00 38.64 ? 1229 ALA A N   1 
ATOM   986  C CA  . ALA A 1 131 ? -2.676  29.920  -2.807  1.00 43.95 ? 1229 ALA A CA  1 
ATOM   987  C C   . ALA A 1 131 ? -2.179  31.152  -2.067  1.00 43.97 ? 1229 ALA A C   1 
ATOM   988  O O   . ALA A 1 131 ? -2.315  31.241  -0.848  1.00 44.72 ? 1229 ALA A O   1 
ATOM   989  C CB  . ALA A 1 131 ? -4.051  30.171  -3.407  1.00 42.97 ? 1229 ALA A CB  1 
ATOM   990  N N   . LYS A 1 132 ? -1.595  32.095  -2.804  1.00 47.07 ? 1230 LYS A N   1 
ATOM   991  C CA  . LYS A 1 132 ? -1.007  33.291  -2.198  1.00 53.32 ? 1230 LYS A CA  1 
ATOM   992  C C   . LYS A 1 132 ? -2.050  34.363  -1.880  1.00 50.74 ? 1230 LYS A C   1 
ATOM   993  O O   . LYS A 1 132 ? -2.942  34.160  -1.054  1.00 52.81 ? 1230 LYS A O   1 
ATOM   994  C CB  . LYS A 1 132 ? 0.073   33.874  -3.114  1.00 51.64 ? 1230 LYS A CB  1 
ATOM   995  C CG  . LYS A 1 132 ? 0.977   34.889  -2.438  1.00 50.76 ? 1230 LYS A CG  1 
ATOM   996  C CD  . LYS A 1 132 ? 2.161   35.243  -3.325  1.00 54.67 ? 1230 LYS A CD  1 
HETATM 997  S S   . SO4 B 2 .   ? -8.343  11.332  3.376   1.00 56.86 ? 1    SO4 A S   1 
HETATM 998  O O1  . SO4 B 2 .   ? -9.440  11.816  2.542   1.00 58.18 ? 1    SO4 A O1  1 
HETATM 999  O O2  . SO4 B 2 .   ? -8.139  12.200  4.536   1.00 54.54 ? 1    SO4 A O2  1 
HETATM 1000 O O3  . SO4 B 2 .   ? -8.663  9.975   3.812   1.00 58.23 ? 1    SO4 A O3  1 
HETATM 1001 O O4  . SO4 B 2 .   ? -7.116  11.332  2.589   1.00 47.88 ? 1    SO4 A O4  1 
HETATM 1002 S S   . SO4 C 2 .   ? -6.229  -34.974 -8.917  1.00 47.40 ? 2    SO4 A S   1 
HETATM 1003 O O1  . SO4 C 2 .   ? -7.468  -34.208 -9.168  1.00 47.55 ? 2    SO4 A O1  1 
HETATM 1004 O O2  . SO4 C 2 .   ? -5.158  -34.440 -9.756  1.00 43.05 ? 2    SO4 A O2  1 
HETATM 1005 O O3  . SO4 C 2 .   ? -5.867  -34.886 -7.506  1.00 33.90 ? 2    SO4 A O3  1 
HETATM 1006 O O4  . SO4 C 2 .   ? -6.453  -36.379 -9.260  1.00 54.37 ? 2    SO4 A O4  1 
HETATM 1007 O O   . HOH D 3 .   ? -10.760 -23.743 -4.516  1.00 16.54 ? 3    HOH A O   1 
HETATM 1008 O O   . HOH D 3 .   ? -7.866  -17.043 -0.032  1.00 15.10 ? 4    HOH A O   1 
HETATM 1009 O O   . HOH D 3 .   ? -10.375 -21.354 -6.121  1.00 17.29 ? 5    HOH A O   1 
HETATM 1010 O O   . HOH D 3 .   ? 3.090   13.233  8.680   1.00 21.40 ? 6    HOH A O   1 
HETATM 1011 O O   . HOH D 3 .   ? 1.263   0.250   1.520   1.00 16.37 ? 7    HOH A O   1 
HETATM 1012 O O   . HOH D 3 .   ? 9.594   -28.383 -3.109  1.00 17.03 ? 8    HOH A O   1 
HETATM 1013 O O   . HOH D 3 .   ? 4.481   9.571   1.540   1.00 19.11 ? 9    HOH A O   1 
HETATM 1014 O O   . HOH D 3 .   ? 4.519   -24.480 0.879   1.00 18.05 ? 10   HOH A O   1 
HETATM 1015 O O   . HOH D 3 .   ? -7.788  -19.615 2.790   1.00 19.58 ? 11   HOH A O   1 
HETATM 1016 O O   . HOH D 3 .   ? -0.109  -7.785  -4.816  1.00 19.38 ? 12   HOH A O   1 
HETATM 1017 O O   . HOH D 3 .   ? 7.376   -26.555 2.528   1.00 20.53 ? 13   HOH A O   1 
HETATM 1018 O O   . HOH D 3 .   ? 1.297   -4.873  -5.356  1.00 18.89 ? 14   HOH A O   1 
HETATM 1019 O O   . HOH D 3 .   ? -9.655  -17.230 -7.204  1.00 21.52 ? 15   HOH A O   1 
HETATM 1020 O O   . HOH D 3 .   ? 2.178   -8.615  5.214   1.00 18.88 ? 16   HOH A O   1 
HETATM 1021 O O   . HOH D 3 .   ? 12.297  11.896  9.549   1.00 19.59 ? 17   HOH A O   1 
HETATM 1022 O O   . HOH D 3 .   ? -7.602  -8.595  -1.235  1.00 24.51 ? 18   HOH A O   1 
HETATM 1023 O O   . HOH D 3 .   ? 3.170   7.191   -4.885  1.00 21.59 ? 19   HOH A O   1 
HETATM 1024 O O   . HOH D 3 .   ? -7.163  -10.224 -3.577  1.00 22.02 ? 20   HOH A O   1 
HETATM 1025 O O   . HOH D 3 .   ? 5.820   5.133   6.469   1.00 21.94 ? 21   HOH A O   1 
HETATM 1026 O O   . HOH D 3 .   ? -1.708  -27.031 5.139   1.00 27.74 ? 22   HOH A O   1 
HETATM 1027 O O   . HOH D 3 .   ? 8.481   -2.388  0.945   1.00 30.91 ? 23   HOH A O   1 
HETATM 1028 O O   . HOH D 3 .   ? -11.133 -30.898 -2.716  1.00 24.55 ? 24   HOH A O   1 
HETATM 1029 O O   . HOH D 3 .   ? 2.754   11.357  -4.819  1.00 23.04 ? 25   HOH A O   1 
HETATM 1030 O O   . HOH D 3 .   ? 3.309   -25.780 3.042   1.00 24.84 ? 26   HOH A O   1 
HETATM 1031 O O   . HOH D 3 .   ? -0.045  -9.935  -8.324  1.00 24.47 ? 27   HOH A O   1 
HETATM 1032 O O   . HOH D 3 .   ? -0.129  -31.738 0.991   1.00 27.93 ? 28   HOH A O   1 
HETATM 1033 O O   . HOH D 3 .   ? -5.169  -11.943 6.911   1.00 26.50 ? 29   HOH A O   1 
HETATM 1034 O O   . HOH D 3 .   ? 8.820   19.164  2.681   1.00 24.26 ? 30   HOH A O   1 
HETATM 1035 O O   . HOH D 3 .   ? 0.141   10.398  -5.256  1.00 31.40 ? 31   HOH A O   1 
HETATM 1036 O O   . HOH D 3 .   ? 4.522   -14.247 -4.070  1.00 23.83 ? 32   HOH A O   1 
HETATM 1037 O O   . HOH D 3 .   ? 4.965   16.084  8.092   1.00 28.29 ? 33   HOH A O   1 
HETATM 1038 O O   . HOH D 3 .   ? 8.730   13.814  19.027  1.00 32.28 ? 34   HOH A O   1 
HETATM 1039 O O   . HOH D 3 .   ? 8.644   -1.606  -4.142  1.00 30.85 ? 35   HOH A O   1 
HETATM 1040 O O   . HOH D 3 .   ? 8.824   20.604  -3.118  1.00 29.77 ? 36   HOH A O   1 
HETATM 1041 O O   . HOH D 3 .   ? 8.080   -14.781 7.772   1.00 28.97 ? 37   HOH A O   1 
HETATM 1042 O O   . HOH D 3 .   ? -5.084  -22.912 -8.623  1.00 28.62 ? 38   HOH A O   1 
HETATM 1043 O O   . HOH D 3 .   ? -8.069  -23.211 5.243   1.00 30.57 ? 39   HOH A O   1 
HETATM 1044 O O   . HOH D 3 .   ? 5.862   13.533  7.267   1.00 27.40 ? 40   HOH A O   1 
HETATM 1045 O O   . HOH D 3 .   ? 1.666   -22.038 6.042   1.00 28.97 ? 41   HOH A O   1 
HETATM 1046 O O   . HOH D 3 .   ? -1.274  -21.603 -8.638  1.00 26.95 ? 42   HOH A O   1 
HETATM 1047 O O   . HOH D 3 .   ? 7.861   22.027  -1.060  1.00 34.33 ? 43   HOH A O   1 
HETATM 1048 O O   . HOH D 3 .   ? -3.498  15.440  -5.668  1.00 33.00 ? 44   HOH A O   1 
HETATM 1049 O O   . HOH D 3 .   ? -5.130  -18.465 -6.618  1.00 29.67 ? 45   HOH A O   1 
HETATM 1050 O O   . HOH D 3 .   ? -4.668  -31.476 3.596   1.00 30.65 ? 46   HOH A O   1 
HETATM 1051 O O   . HOH D 3 .   ? -1.365  -21.781 6.280   1.00 31.57 ? 47   HOH A O   1 
HETATM 1052 O O   . HOH D 3 .   ? -2.137  -4.162  -5.500  1.00 33.65 ? 48   HOH A O   1 
HETATM 1053 O O   . HOH D 3 .   ? -3.541  -10.871 -5.751  1.00 29.62 ? 49   HOH A O   1 
HETATM 1054 O O   . HOH D 3 .   ? 6.964   -10.169 1.224   1.00 31.17 ? 50   HOH A O   1 
HETATM 1055 O O   . HOH D 3 .   ? -5.735  8.972   -2.165  1.00 34.93 ? 51   HOH A O   1 
HETATM 1056 O O   . HOH D 3 .   ? 10.655  16.945  2.420   1.00 30.09 ? 52   HOH A O   1 
HETATM 1057 O O   . HOH D 3 .   ? -7.899  -5.968  4.609   1.00 30.87 ? 53   HOH A O   1 
HETATM 1058 O O   . HOH D 3 .   ? -11.747 -14.522 4.509   1.00 32.09 ? 54   HOH A O   1 
HETATM 1059 O O   . HOH D 3 .   ? -0.916  21.096  9.032   1.00 35.27 ? 55   HOH A O   1 
HETATM 1060 O O   . HOH D 3 .   ? -5.291  -8.005  5.902   1.00 29.71 ? 56   HOH A O   1 
HETATM 1061 O O   . HOH D 3 .   ? 13.996  13.838  9.300   1.00 36.91 ? 57   HOH A O   1 
HETATM 1062 O O   . HOH D 3 .   ? -0.493  25.785  6.826   1.00 33.85 ? 58   HOH A O   1 
HETATM 1063 O O   . HOH D 3 .   ? -5.366  11.222  -0.081  1.00 32.64 ? 59   HOH A O   1 
HETATM 1064 O O   . HOH D 3 .   ? 9.178   -11.764 -4.366  1.00 35.72 ? 60   HOH A O   1 
HETATM 1065 O O   . HOH D 3 .   ? 4.046   3.076   -4.974  1.00 36.36 ? 61   HOH A O   1 
HETATM 1066 O O   . HOH D 3 .   ? -6.644  19.616  -2.782  1.00 35.90 ? 62   HOH A O   1 
HETATM 1067 O O   . HOH D 3 .   ? 1.336   -12.607 6.613   1.00 29.62 ? 63   HOH A O   1 
HETATM 1068 O O   . HOH D 3 .   ? -4.816  -28.107 -10.502 1.00 30.44 ? 64   HOH A O   1 
HETATM 1069 O O   . HOH D 3 .   ? 11.367  0.513   6.404   1.00 30.42 ? 65   HOH A O   1 
HETATM 1070 O O   . HOH D 3 .   ? -6.346  -10.701 -5.963  1.00 29.99 ? 66   HOH A O   1 
HETATM 1071 O O   . HOH D 3 .   ? 1.056   -30.833 -9.018  1.00 32.90 ? 67   HOH A O   1 
HETATM 1072 O O   . HOH D 3 .   ? 9.043   17.691  13.258  1.00 36.62 ? 68   HOH A O   1 
HETATM 1073 O O   . HOH D 3 .   ? 1.960   -30.557 0.188   1.00 28.25 ? 69   HOH A O   1 
HETATM 1074 O O   . HOH D 3 .   ? -6.113  -31.635 -9.441  1.00 31.66 ? 70   HOH A O   1 
HETATM 1075 O O   . HOH D 3 .   ? -7.837  -2.663  -3.601  1.00 43.85 ? 71   HOH A O   1 
HETATM 1076 O O   . HOH D 3 .   ? 4.901   6.707   10.559  1.00 31.92 ? 72   HOH A O   1 
HETATM 1077 O O   . HOH D 3 .   ? 3.666   8.551   -7.264  1.00 32.06 ? 73   HOH A O   1 
HETATM 1078 O O   . HOH D 3 .   ? 5.246   -33.505 -8.840  1.00 32.98 ? 74   HOH A O   1 
HETATM 1079 O O   . HOH D 3 .   ? -6.627  21.404  6.743   1.00 38.63 ? 75   HOH A O   1 
HETATM 1080 O O   . HOH D 3 .   ? -11.140 -33.633 -2.572  1.00 40.94 ? 76   HOH A O   1 
HETATM 1081 O O   . HOH D 3 .   ? 5.088   26.876  6.310   1.00 41.68 ? 77   HOH A O   1 
HETATM 1082 O O   . HOH D 3 .   ? 5.810   -16.492 -3.372  1.00 30.53 ? 78   HOH A O   1 
HETATM 1083 O O   . HOH D 3 .   ? 13.647  19.062  5.054   1.00 37.17 ? 79   HOH A O   1 
HETATM 1084 O O   . HOH D 3 .   ? -5.952  18.885  8.048   1.00 37.61 ? 80   HOH A O   1 
HETATM 1085 O O   . HOH D 3 .   ? -1.135  12.854  -6.676  1.00 36.89 ? 81   HOH A O   1 
HETATM 1086 O O   . HOH D 3 .   ? -1.020  -6.000  -6.793  1.00 33.12 ? 82   HOH A O   1 
HETATM 1087 O O   . HOH D 3 .   ? 0.574   -26.396 2.905   1.00 29.63 ? 83   HOH A O   1 
HETATM 1088 O O   . HOH D 3 .   ? 4.283   -29.584 -9.978  1.00 31.29 ? 84   HOH A O   1 
HETATM 1089 O O   . HOH D 3 .   ? -7.887  -19.038 -8.197  1.00 33.85 ? 85   HOH A O   1 
HETATM 1090 O O   . HOH D 3 .   ? 6.929   11.450  -7.403  1.00 31.43 ? 86   HOH A O   1 
HETATM 1091 O O   . HOH D 3 .   ? -4.037  33.957  -3.935  1.00 52.55 ? 87   HOH A O   1 
HETATM 1092 O O   . HOH D 3 .   ? 10.106  -6.600  3.207   1.00 34.73 ? 88   HOH A O   1 
HETATM 1093 O O   . HOH D 3 .   ? 9.666   20.075  13.460  1.00 44.96 ? 89   HOH A O   1 
HETATM 1094 O O   . HOH D 3 .   ? -1.529  7.582   10.190  1.00 38.04 ? 90   HOH A O   1 
HETATM 1095 O O   . HOH D 3 .   ? -4.642  7.627   8.436   1.00 41.04 ? 91   HOH A O   1 
HETATM 1096 O O   . HOH D 3 .   ? -6.962  -33.852 2.213   1.00 35.79 ? 92   HOH A O   1 
HETATM 1097 O O   . HOH D 3 .   ? 6.475   26.248  -3.843  1.00 41.58 ? 93   HOH A O   1 
HETATM 1098 O O   . HOH D 3 .   ? -5.232  17.322  -5.217  1.00 40.94 ? 94   HOH A O   1 
HETATM 1099 O O   . HOH D 3 .   ? -11.989 -28.931 -10.465 1.00 38.33 ? 95   HOH A O   1 
HETATM 1100 O O   . HOH D 3 .   ? 4.346   -13.026 8.130   1.00 40.09 ? 96   HOH A O   1 
HETATM 1101 O O   . HOH D 3 .   ? 7.469   22.769  7.015   1.00 36.19 ? 97   HOH A O   1 
HETATM 1102 O O   . HOH D 3 .   ? 1.308   29.602  -7.192  1.00 48.36 ? 98   HOH A O   1 
HETATM 1103 O O   . HOH D 3 .   ? 3.737   11.244  -7.295  1.00 35.92 ? 99   HOH A O   1 
HETATM 1104 O O   . HOH D 3 .   ? -4.153  28.102  5.422   1.00 42.85 ? 100  HOH A O   1 
HETATM 1105 O O   . HOH D 3 .   ? 7.618   9.115   -8.166  1.00 39.86 ? 101  HOH A O   1 
HETATM 1106 O O   . HOH D 3 .   ? -5.536  -13.558 -8.645  1.00 36.67 ? 102  HOH A O   1 
HETATM 1107 O O   . HOH D 3 .   ? -10.296 -8.674  -0.623  1.00 28.27 ? 103  HOH A O   1 
HETATM 1108 O O   . HOH D 3 .   ? 0.757   -6.069  5.579   1.00 30.23 ? 104  HOH A O   1 
HETATM 1109 O O   . HOH D 3 .   ? 10.422  22.637  -3.868  1.00 39.68 ? 105  HOH A O   1 
HETATM 1110 O O   . HOH D 3 .   ? 9.071   11.551  -5.652  1.00 22.18 ? 106  HOH A O   1 
HETATM 1111 O O   . HOH D 3 .   ? -9.813  -34.611 -10.541 1.00 49.93 ? 107  HOH A O   1 
HETATM 1112 O O   . HOH D 3 .   ? -6.329  -16.283 7.695   1.00 38.43 ? 108  HOH A O   1 
HETATM 1113 O O   . HOH D 3 .   ? 9.647   19.676  5.481   1.00 39.21 ? 109  HOH A O   1 
HETATM 1114 O O   . HOH D 3 .   ? -1.114  31.458  -5.839  1.00 46.54 ? 110  HOH A O   1 
HETATM 1115 O O   . HOH D 3 .   ? -4.790  -26.204 6.234   1.00 42.80 ? 111  HOH A O   1 
HETATM 1116 O O   . HOH D 3 .   ? 0.270   9.075   -7.543  1.00 40.91 ? 112  HOH A O   1 
HETATM 1117 O O   . HOH D 3 .   ? 5.605   16.070  16.063  1.00 46.68 ? 113  HOH A O   1 
HETATM 1118 O O   . HOH D 3 .   ? -5.559  4.584   -5.052  1.00 37.41 ? 114  HOH A O   1 
HETATM 1119 O O   . HOH D 3 .   ? 2.884   -18.304 7.797   1.00 33.85 ? 115  HOH A O   1 
HETATM 1120 O O   . HOH D 3 .   ? 4.360   27.410  -7.055  1.00 42.44 ? 116  HOH A O   1 
HETATM 1121 O O   . HOH D 3 .   ? 2.318   -24.444 5.205   1.00 41.11 ? 117  HOH A O   1 
HETATM 1122 O O   . HOH D 3 .   ? -9.633  -10.982 -7.720  1.00 41.62 ? 118  HOH A O   1 
HETATM 1123 O O   . HOH D 3 .   ? -3.413  -39.295 -3.020  1.00 51.14 ? 119  HOH A O   1 
HETATM 1124 O O   . HOH D 3 .   ? -8.665  -39.468 -4.310  1.00 63.26 ? 120  HOH A O   1 
HETATM 1125 O O   . HOH D 3 .   ? -5.668  14.119  -6.948  1.00 44.54 ? 121  HOH A O   1 
HETATM 1126 O O   . HOH D 3 .   ? -0.514  -25.073 6.508   1.00 36.16 ? 122  HOH A O   1 
HETATM 1127 O O   . HOH D 3 .   ? 1.417   29.763  5.840   1.00 48.76 ? 123  HOH A O   1 
HETATM 1128 O O   . HOH D 3 .   ? -10.145 25.625  2.351   1.00 52.81 ? 124  HOH A O   1 
HETATM 1129 O O   . HOH D 3 .   ? 5.007   14.480  -9.949  1.00 43.95 ? 125  HOH A O   1 
HETATM 1130 O O   . HOH D 3 .   ? 12.022  -4.841  0.759   1.00 41.13 ? 126  HOH A O   1 
HETATM 1131 O O   . HOH D 3 .   ? 2.354   -4.658  6.762   1.00 39.03 ? 127  HOH A O   1 
HETATM 1132 O O   . HOH D 3 .   ? 7.188   13.218  -9.302  1.00 41.79 ? 128  HOH A O   1 
HETATM 1133 O O   . HOH D 3 .   ? -8.394  -14.411 -9.790  1.00 44.18 ? 129  HOH A O   1 
HETATM 1134 O O   . HOH D 3 .   ? -0.737  25.981  -7.485  1.00 42.85 ? 130  HOH A O   1 
HETATM 1135 O O   . HOH D 3 .   ? 6.902   22.245  -9.487  1.00 40.97 ? 131  HOH A O   1 
HETATM 1136 O O   . HOH D 3 .   ? 9.689   22.165  -8.756  1.00 43.66 ? 132  HOH A O   1 
HETATM 1137 O O   . HOH D 3 .   ? 12.189  -8.002  1.976   1.00 43.48 ? 133  HOH A O   1 
HETATM 1138 O O   . HOH D 3 .   ? -4.315  -17.137 8.848   1.00 45.36 ? 134  HOH A O   1 
HETATM 1139 O O   . HOH D 3 .   ? -4.130  -33.500 -12.078 1.00 42.63 ? 135  HOH A O   1 
HETATM 1140 O O   . HOH D 3 .   ? -8.946  -16.736 8.664   1.00 50.47 ? 136  HOH A O   1 
HETATM 1141 O O   . HOH D 3 .   ? 1.338   -15.367 7.813   1.00 43.44 ? 137  HOH A O   1 
HETATM 1142 O O   . HOH D 3 .   ? 2.730   3.515   10.001  1.00 42.83 ? 138  HOH A O   1 
HETATM 1143 O O   . HOH D 3 .   ? -7.288  -16.701 -10.787 1.00 56.12 ? 139  HOH A O   1 
HETATM 1144 O O   . HOH D 3 .   ? 0.756   19.683  -9.533  1.00 45.80 ? 140  HOH A O   1 
HETATM 1145 O O   . HOH D 3 .   ? 5.287   12.555  10.864  1.00 38.65 ? 141  HOH A O   1 
HETATM 1146 O O   . HOH D 3 .   ? 9.453   -15.365 -2.374  1.00 38.01 ? 142  HOH A O   1 
HETATM 1147 O O   . HOH D 3 .   ? -6.203  -37.007 -6.097  1.00 50.97 ? 143  HOH A O   1 
HETATM 1148 O O   . HOH D 3 .   ? 0.053   -17.682 10.567  1.00 45.12 ? 144  HOH A O   1 
HETATM 1149 O O   . HOH D 3 .   ? -4.770  -5.283  -8.644  1.00 53.63 ? 145  HOH A O   1 
HETATM 1150 O O   . HOH D 3 .   ? -0.616  2.185   -7.180  1.00 41.83 ? 146  HOH A O   1 
HETATM 1151 O O   . HOH D 3 .   ? 2.023   27.207  -8.614  1.00 49.11 ? 147  HOH A O   1 
HETATM 1152 O O   . HOH D 3 .   ? -9.787  -27.636 -10.746 1.00 38.71 ? 148  HOH A O   1 
HETATM 1153 O O   . HOH D 3 .   ? -0.911  17.286  -9.394  1.00 44.75 ? 149  HOH A O   1 
HETATM 1154 O O   . HOH D 3 .   ? -5.419  1.785   -6.868  1.00 45.51 ? 150  HOH A O   1 
HETATM 1155 O O   . HOH D 3 .   ? 5.071   10.702  13.005  1.00 41.84 ? 151  HOH A O   1 
HETATM 1156 O O   . HOH D 3 .   ? -0.416  -6.131  -9.557  1.00 41.60 ? 152  HOH A O   1 
HETATM 1157 O O   . HOH D 3 .   ? 0.330   -36.488 -3.746  1.00 41.37 ? 153  HOH A O   1 
HETATM 1158 O O   . HOH D 3 .   ? 6.113   28.808  -3.575  1.00 45.21 ? 154  HOH A O   1 
HETATM 1159 O O   . HOH D 3 .   ? -5.854  -13.865 9.077   1.00 49.79 ? 155  HOH A O   1 
HETATM 1160 O O   . HOH D 3 .   ? -1.269  -1.487  9.219   1.00 48.02 ? 156  HOH A O   1 
HETATM 1161 O O   . HOH D 3 .   ? 1.977   2.899   -6.860  1.00 32.52 ? 157  HOH A O   1 
HETATM 1162 O O   . HOH D 3 .   ? -8.590  -29.094 -12.391 1.00 44.65 ? 158  HOH A O   1 
HETATM 1163 O O   . HOH D 3 .   ? -4.003  -12.095 10.494  1.00 55.12 ? 159  HOH A O   1 
HETATM 1164 O O   . HOH D 3 .   ? -3.397  -10.056 7.628   1.00 35.77 ? 160  HOH A O   1 
HETATM 1165 O O   . HOH D 3 .   ? -5.970  -30.140 -11.621 1.00 36.62 ? 161  HOH A O   1 
HETATM 1166 O O   . HOH D 3 .   ? -3.619  -25.790 -8.463  1.00 23.44 ? 162  HOH A O   1 
HETATM 1167 O O   . HOH D 3 .   ? -3.279  -26.061 -11.670 1.00 26.14 ? 163  HOH A O   1 
HETATM 1168 O O   . HOH D 3 .   ? -1.026  -25.673 -10.353 1.00 24.77 ? 164  HOH A O   1 
HETATM 1169 O O   . HOH D 3 .   ? -10.954 -27.394 2.589   1.00 38.93 ? 166  HOH A O   1 
HETATM 1170 O O   . HOH D 3 .   ? -1.834  -8.775  -6.638  1.00 31.38 ? 167  HOH A O   1 
HETATM 1171 O O   . HOH D 3 .   ? 1.574   -9.211  -12.399 1.00 45.88 ? 168  HOH A O   1 
HETATM 1172 O O   . HOH D 3 .   ? -4.028  -20.200 -8.540  1.00 36.10 ? 169  HOH A O   1 
HETATM 1173 O O   . HOH D 3 .   ? 9.704   20.910  0.855   1.00 37.70 ? 170  HOH A O   1 
HETATM 1174 O O   . HOH D 3 .   ? -7.879  -11.107 7.356   1.00 43.08 ? 171  HOH A O   1 
HETATM 1175 O O   . HOH D 3 .   ? 6.093   7.054   -8.413  1.00 39.37 ? 172  HOH A O   1 
HETATM 1176 O O   . HOH D 3 .   ? -7.669  17.257  9.058   1.00 43.99 ? 173  HOH A O   1 
HETATM 1177 O O   . HOH D 3 .   ? 8.556   -10.242 2.948   1.00 38.01 ? 174  HOH A O   1 
HETATM 1178 O O   . HOH D 3 .   ? -11.615 -16.785 -9.088  1.00 34.56 ? 175  HOH A O   1 
HETATM 1179 O O   . HOH D 3 .   ? -2.052  15.568  -7.590  1.00 45.20 ? 176  HOH A O   1 
HETATM 1180 O O   . HOH D 3 .   ? 15.488  24.098  -2.558  1.00 46.77 ? 177  HOH A O   1 
HETATM 1181 O O   . HOH D 3 .   ? 3.139   19.223  -10.583 1.00 46.40 ? 178  HOH A O   1 
HETATM 1182 O O   . HOH D 3 .   ? 10.374  18.729  -1.468  1.00 36.62 ? 179  HOH A O   1 
HETATM 1183 O O   . HOH D 3 .   ? 6.970   25.196  -9.069  1.00 55.60 ? 180  HOH A O   1 
HETATM 1184 O O   . HOH D 3 .   ? -3.168  -12.281 -7.709  1.00 36.51 ? 181  HOH A O   1 
HETATM 1185 O O   . HOH D 3 .   ? 7.651   -16.816 -1.784  1.00 35.15 ? 182  HOH A O   1 
HETATM 1186 O O   . HOH D 3 .   ? 7.197   14.303  21.742  1.00 43.43 ? 183  HOH A O   1 
HETATM 1187 O O   . HOH D 3 .   ? -8.177  -26.179 5.208   1.00 37.97 ? 184  HOH A O   1 
HETATM 1188 O O   . HOH D 3 .   ? 14.474  22.108  -1.575  1.00 47.03 ? 185  HOH A O   1 
HETATM 1189 O O   . HOH D 3 .   ? 4.158   8.362   12.611  1.00 38.36 ? 186  HOH A O   1 
HETATM 1190 O O   . HOH D 3 .   ? 7.407   25.215  5.923   1.00 46.04 ? 187  HOH A O   1 
HETATM 1191 O O   . HOH D 3 .   ? 9.096   21.148  11.258  1.00 51.35 ? 188  HOH A O   1 
HETATM 1192 O O   . HOH D 3 .   ? 12.260  23.440  -1.774  1.00 44.92 ? 189  HOH A O   1 
HETATM 1193 O O   . HOH D 3 .   ? 1.466   27.675  7.216   1.00 48.71 ? 190  HOH A O   1 
HETATM 1194 O O   . HOH D 3 .   ? 14.019  1.473   5.572   1.00 38.59 ? 191  HOH A O   1 
HETATM 1195 O O   . HOH D 3 .   ? 2.122   1.038   9.666   1.00 44.75 ? 192  HOH A O   1 
HETATM 1196 O O   . HOH D 3 .   ? -13.134 -35.005 -1.410  1.00 47.47 ? 193  HOH A O   1 
HETATM 1197 O O   . HOH D 3 .   ? -7.480  7.186   -3.632  1.00 41.34 ? 194  HOH A O   1 
HETATM 1198 O O   . HOH D 3 .   ? -0.053  -10.001 7.142   1.00 42.48 ? 195  HOH A O   1 
HETATM 1199 O O   . HOH D 3 .   ? 11.954  1.639   4.087   1.00 43.35 ? 196  HOH A O   1 
HETATM 1200 O O   . HOH D 3 .   ? 11.515  -16.646 -3.384  1.00 46.87 ? 197  HOH A O   1 
HETATM 1201 O O   . HOH D 3 .   ? -0.449  -7.342  7.485   1.00 49.57 ? 198  HOH A O   1 
HETATM 1202 O O   . HOH D 3 .   ? 9.502   -0.215  -0.046  1.00 40.54 ? 199  HOH A O   1 
HETATM 1203 O O   . HOH D 3 .   ? 2.518   -28.883 -11.683 1.00 37.53 ? 200  HOH A O   1 
HETATM 1204 O O   . HOH D 3 .   ? -10.689 4.450   1.716   1.00 49.19 ? 201  HOH A O   1 
HETATM 1205 O O   . HOH D 3 .   ? 1.144   -36.649 -6.414  1.00 47.47 ? 202  HOH A O   1 
HETATM 1206 O O   . HOH D 3 .   ? 4.735   25.374  -10.189 1.00 51.92 ? 203  HOH A O   1 
HETATM 1207 O O   . HOH D 3 .   ? 7.246   30.739  0.887   1.00 49.51 ? 204  HOH A O   1 
HETATM 1208 O O   . HOH D 3 .   ? 8.057   15.097  -10.794 1.00 39.77 ? 205  HOH A O   1 
HETATM 1209 O O   . HOH D 3 .   ? -6.023  19.847  -6.340  1.00 49.35 ? 206  HOH A O   1 
HETATM 1210 O O   . HOH D 3 .   ? 2.119   -5.758  9.078   1.00 44.43 ? 207  HOH A O   1 
HETATM 1211 O O   . HOH D 3 .   ? -5.906  -2.833  3.622   1.00 43.92 ? 208  HOH A O   1 
HETATM 1212 O O   . HOH D 3 .   ? 4.610   21.675  16.374  1.00 63.32 ? 209  HOH A O   1 
HETATM 1213 O O   . HOH D 3 .   ? -5.313  -4.327  5.602   1.00 37.71 ? 210  HOH A O   1 
HETATM 1214 O O   . HOH D 3 .   ? 2.681   20.833  17.711  1.00 55.61 ? 211  HOH A O   1 
HETATM 1215 O O   . HOH D 3 .   ? -11.182 -7.789  -2.962  1.00 45.22 ? 212  HOH A O   1 
HETATM 1216 O O   . HOH D 3 .   ? -8.103  10.623  -0.582  1.00 47.59 ? 213  HOH A O   1 
HETATM 1217 O O   . HOH D 3 .   ? -10.634 -14.618 -10.812 1.00 47.49 ? 214  HOH A O   1 
HETATM 1218 O O   . HOH D 3 .   ? 2.551   -33.848 -10.197 1.00 46.06 ? 215  HOH A O   1 
HETATM 1219 O O   . HOH D 3 .   ? 2.615   -35.351 -8.170  1.00 45.30 ? 216  HOH A O   1 
HETATM 1220 O O   . HOH D 3 .   ? -2.945  -23.506 -9.662  1.00 30.79 ? 217  HOH A O   1 
HETATM 1221 O O   . HOH D 3 .   ? 12.056  4.271   -3.044  1.00 42.50 ? 218  HOH A O   1 
HETATM 1222 O O   . HOH D 3 .   ? -8.193  -2.392  2.206   1.00 44.50 ? 219  HOH A O   1 
HETATM 1223 O O   . HOH D 3 .   ? 8.828   16.838  15.444  1.00 42.41 ? 220  HOH A O   1 
HETATM 1224 O O   . HOH D 3 .   ? 16.127  1.004   7.446   1.00 41.95 ? 221  HOH A O   1 
HETATM 1225 O O   . HOH D 3 .   ? -1.851  28.437  6.373   1.00 47.81 ? 222  HOH A O   1 
HETATM 1226 O O   . HOH D 3 .   ? 8.048   28.416  3.855   1.00 51.51 ? 223  HOH A O   1 
HETATM 1227 O O   . HOH D 3 .   ? 5.898   4.486   -7.946  1.00 42.66 ? 224  HOH A O   1 
HETATM 1228 O O   . HOH D 3 .   ? -10.629 -0.588  2.538   1.00 48.94 ? 225  HOH A O   1 
HETATM 1229 O O   . HOH D 3 .   ? -7.559  21.537  -4.315  1.00 44.65 ? 226  HOH A O   1 
HETATM 1230 O O   . HOH D 3 .   ? -9.179  27.379  4.165   1.00 55.89 ? 227  HOH A O   1 
HETATM 1231 O O   . HOH D 3 .   ? 2.341   26.836  9.300   1.00 51.84 ? 228  HOH A O   1 
HETATM 1232 O O   . HOH D 3 .   ? -3.164  -34.152 3.767   1.00 51.22 ? 229  HOH A O   1 
HETATM 1233 O O   . HOH D 3 .   ? 7.301   -18.828 -3.219  1.00 39.88 ? 230  HOH A O   1 
HETATM 1234 O O   . HOH D 3 .   ? -4.822  -9.595  10.084  1.00 50.82 ? 231  HOH A O   1 
HETATM 1235 O O   . HOH D 3 .   ? 15.567  21.171  5.584   1.00 42.63 ? 232  HOH A O   1 
HETATM 1236 O O   . HOH D 3 .   ? -5.421  -13.612 -11.247 1.00 54.02 ? 233  HOH A O   1 
HETATM 1237 O O   . HOH D 3 .   ? -10.392 1.675   1.443   1.00 49.37 ? 234  HOH A O   1 
HETATM 1238 O O   . HOH D 3 .   ? 4.892   29.648  7.659   1.00 50.22 ? 235  HOH A O   1 
HETATM 1239 O O   . HOH D 3 .   ? -12.250 -36.803 0.588   1.00 54.54 ? 236  HOH A O   1 
HETATM 1240 O O   . HOH D 3 .   ? -6.190  32.898  -4.851  1.00 60.22 ? 238  HOH A O   1 
HETATM 1241 O O   . HOH D 3 .   ? -6.410  -36.085 1.024   1.00 54.81 ? 239  HOH A O   1 
HETATM 1242 O O   . HOH D 3 .   ? -1.831  -14.633 -8.003  1.00 36.54 ? 240  HOH A O   1 
HETATM 1243 O O   . HOH D 3 .   ? -1.774  -10.108 -4.821  1.00 36.75 ? 241  HOH A O   1 
HETATM 1244 O O   . HOH D 3 .   ? -6.444  1.717   6.850   1.00 44.28 ? 242  HOH A O   1 
HETATM 1245 O O   . HOH D 3 .   ? -4.125  26.228  7.772   1.00 51.85 ? 243  HOH A O   1 
HETATM 1246 O O   . HOH D 3 .   ? -1.053  10.785  11.916  1.00 59.23 ? 244  HOH A O   1 
HETATM 1247 O O   . HOH D 3 .   ? 1.345   9.913   12.107  1.00 47.36 ? 245  HOH A O   1 
HETATM 1248 O O   . HOH D 3 .   ? -1.754  16.768  13.845  1.00 47.54 ? 246  HOH A O   1 
HETATM 1249 O O   . HOH D 3 .   ? -5.615  3.263   8.704   1.00 52.07 ? 247  HOH A O   1 
HETATM 1250 O O   . HOH D 3 .   ? -1.508  -11.432 10.220  1.00 51.67 ? 248  HOH A O   1 
HETATM 1251 O O   . HOH D 3 .   ? 6.445   15.691  -14.320 1.00 52.06 ? 249  HOH A O   1 
HETATM 1252 O O   . HOH D 3 .   ? 9.337   26.973  7.151   1.00 56.98 ? 250  HOH A O   1 
HETATM 1253 O O   . HOH D 3 .   ? 7.030   30.040  -1.598  1.00 53.93 ? 251  HOH A O   1 
HETATM 1254 O O   . HOH D 3 .   ? -7.620  29.554  3.726   1.00 51.92 ? 252  HOH A O   1 
HETATM 1255 O O   . HOH D 3 .   ? -9.323  31.590  2.575   1.00 60.33 ? 253  HOH A O   1 
HETATM 1256 O O   . HOH D 3 .   ? -10.231 -12.188 6.461   1.00 51.62 ? 254  HOH A O   1 
HETATM 1257 O O   . HOH D 3 .   ? 2.152   27.623  -11.585 1.00 62.78 ? 255  HOH A O   1 
HETATM 1258 O O   . HOH D 3 .   ? 9.994   29.508  5.582   1.00 61.38 ? 256  HOH A O   1 
HETATM 1259 O O   . HOH D 3 .   ? 4.246   5.260   -6.029  1.00 44.35 ? 257  HOH A O   1 
HETATM 1260 O O   . HOH D 3 .   ? -10.207 3.403   -0.425  1.00 45.09 ? 258  HOH A O   1 
HETATM 1261 O O   . HOH D 3 .   ? 1.154   -4.545  -8.326  1.00 39.61 ? 259  HOH A O   1 
HETATM 1262 O O   . HOH D 3 .   ? -8.338  -30.754 -10.441 1.00 46.12 ? 260  HOH A O   1 
HETATM 1263 O O   . HOH D 3 .   ? 2.389   -6.798  -12.598 1.00 44.14 ? 261  HOH A O   1 
HETATM 1264 O O   . HOH D 3 .   ? 7.992   29.310  7.458   1.00 59.49 ? 262  HOH A O   1 
HETATM 1265 O O   . HOH D 3 .   ? 6.635   21.753  12.612  1.00 48.99 ? 263  HOH A O   1 
HETATM 1266 O O   . HOH D 3 .   ? -2.025  -31.173 3.818   1.00 51.16 ? 264  HOH A O   1 
HETATM 1267 O O   . HOH D 3 .   ? 5.775   22.087  -12.884 1.00 60.75 ? 265  HOH A O   1 
HETATM 1268 O O   . HOH D 3 .   ? -0.704  8.800   13.457  1.00 65.05 ? 266  HOH A O   1 
HETATM 1269 O O   . HOH D 3 .   ? 3.446   12.092  14.971  1.00 53.11 ? 267  HOH A O   1 
HETATM 1270 O O   . HOH D 3 .   ? -3.600  -18.571 -10.667 1.00 51.14 ? 268  HOH A O   1 
HETATM 1271 O O   . HOH D 3 .   ? -1.067  24.213  9.493   1.00 53.80 ? 269  HOH A O   1 
HETATM 1272 O O   . HOH D 3 .   ? -9.567  5.547   -1.829  1.00 46.27 ? 271  HOH A O   1 
HETATM 1273 O O   . HOH D 3 .   ? -6.231  12.220  6.579   1.00 47.83 ? 272  HOH A O   1 
HETATM 1274 O O   . HOH D 3 .   ? -9.067  -6.603  -4.622  1.00 50.03 ? 273  HOH A O   1 
HETATM 1275 O O   . HOH D 3 .   ? 4.363   13.555  18.188  1.00 54.84 ? 274  HOH A O   1 
HETATM 1276 O O   . HOH D 3 .   ? 7.308   19.081  -15.369 1.00 51.82 ? 275  HOH A O   1 
HETATM 1277 O O   . HOH D 3 .   ? 17.045  25.569  -4.089  1.00 57.35 ? 276  HOH A O   1 
HETATM 1278 O O   . HOH D 3 .   ? -5.554  1.863   10.837  1.00 65.22 ? 277  HOH A O   1 
HETATM 1279 O O   . HOH D 3 .   ? -4.156  36.726  -0.033  1.00 49.08 ? 278  HOH A O   1 
HETATM 1280 O O   . HOH D 3 .   ? -10.548 -24.945 5.331   1.00 56.42 ? 279  HOH A O   1 
HETATM 1281 O O   . HOH D 3 .   ? -10.295 -37.202 -9.700  1.00 54.25 ? 280  HOH A O   1 
HETATM 1282 O O   . HOH D 3 .   ? -10.445 16.846  2.735   1.00 40.41 ? 281  HOH A O   1 
HETATM 1283 O O   . HOH D 3 .   ? 8.485   14.335  24.570  1.00 38.38 ? 282  HOH A O   1 
HETATM 1284 O O   . HOH D 3 .   ? -2.605  -1.837  -7.002  1.00 38.81 ? 283  HOH A O   1 
HETATM 1285 O O   . HOH D 3 .   ? 3.779   20.549  -12.617 1.00 58.45 ? 284  HOH A O   1 
HETATM 1286 O O   . HOH D 3 .   ? -6.573  11.419  9.219   1.00 58.69 ? 285  HOH A O   1 
HETATM 1287 O O   . HOH D 3 .   ? -9.752  -34.862 1.009   1.00 55.01 ? 286  HOH A O   1 
HETATM 1288 O O   . HOH D 3 .   ? 5.601   -0.269  -6.741  1.00 31.18 ? 287  HOH A O   1 
HETATM 1289 O O   . HOH D 3 .   ? 5.232   28.407  -10.542 1.00 58.23 ? 288  HOH A O   1 
HETATM 1290 O O   . HOH D 3 .   ? -4.782  -16.380 -8.316  1.00 40.49 ? 289  HOH A O   1 
HETATM 1291 O O   . HOH D 3 .   ? 1.241   -28.823 2.524   1.00 41.26 ? 290  HOH A O   1 
HETATM 1292 O O   . HOH D 3 .   ? -6.345  11.007  -5.025  1.00 43.97 ? 291  HOH A O   1 
HETATM 1293 O O   . HOH D 3 .   ? -3.657  -18.495 -13.728 1.00 52.42 ? 292  HOH A O   1 
HETATM 1294 O O   . HOH D 3 .   ? -0.527  -33.103 3.155   1.00 48.81 ? 293  HOH A O   1 
HETATM 1295 O O   . HOH D 3 .   ? 5.026   23.381  14.517  1.00 64.33 ? 294  HOH A O   1 
HETATM 1296 O O   . HOH D 3 .   ? 3.432   7.466   -9.462  1.00 61.47 ? 295  HOH A O   1 
HETATM 1297 O O   . HOH D 3 .   ? -1.102  -3.909  9.297   1.00 57.50 ? 296  HOH A O   1 
HETATM 1298 O O   . HOH D 3 .   ? 0.520   11.878  -8.745  1.00 51.29 ? 297  HOH A O   1 
HETATM 1299 O O   . HOH D 3 .   ? -0.750  -6.460  9.835   1.00 62.21 ? 298  HOH A O   1 
HETATM 1300 O O   . HOH D 3 .   ? -12.432 -1.818  4.036   1.00 70.04 ? 299  HOH A O   1 
HETATM 1301 O O   . HOH D 3 .   ? -12.323 -35.518 3.074   1.00 66.98 ? 300  HOH A O   1 
HETATM 1302 O O   . HOH D 3 .   ? 2.908   -20.614 4.041   1.00 16.78 ? 1232 HOH A O   1 
HETATM 1303 O O   . HOH D 3 .   ? -10.052 -23.041 -1.979  1.00 17.60 ? 1233 HOH A O   1 
# 
